data_6KA4
#
_entry.id   6KA4
#
_entity_poly.entity_id   1
_entity_poly.type   'polypeptide(L)'
_entity_poly.pdbx_seq_one_letter_code
;MDQFREIGEVLGSIRALMVFKDSIQINQRQCSLLLDLFTAAYESISVSMRSNLRFKEKNTKWKILEQPLRELLWVVREGE
AYVRMSLEPKLGFWAKAIVLHSNRDCTELHIHNLLSCLPIIVEAIETASEVSGWDEEEMSKKRLVHSNKYMKQWNDSQMF
TWKFGREYLVTEDFCNRFESAWTEDRWILIKELQEKKQSGSSKHERKMADFLLKHLGDGNESPKLFPSSLLDNTKDYQVK
KRLGNGSQYKEITWLGESFALRHFFGDIDALLPQITPLLSLSHPNIVYYLCGFTDEEKKECFLVMELMRKTLGMHIKEVC
GPRKKNTLSLPVAVDLMLQIALGMEYLHSKRIYHGELNPSNILVKPRSNQSGDGYLLGKIFGFGLNSVKGFSSKSASLTS
QNENFPFIWYSPEVLEEQEQSGTAGSLKYSDKSDVYSFGMVSFELLTGKVPFEDSHLQGDKMSRNIRAGERPLFPFNSPK
FITNLTKRCWHADPNQRPTFSSISRILRYIKRFLALNPECYSSSQQDPSIAPTVDYCEIETKLLQKLSWESTELTKVSQV
PFQMFAYRVVERAKTCEKDNLREPSESGSEWASCSEDEGGAGSDEQLSYAKERRLSCSSNDVGMSKKQVSNLLKRASSLK
PIQKPAFGFCSGTTPRGRSRHPPLSPCGGQSMRANSESQLILISPRIRRSNSGHASDSELS
;
_entity_poly.pdbx_strand_id   A,D,B,C
#
# COMPACT_ATOMS: atom_id res chain seq x y z
N MET A 1 18.22 16.23 -6.53
CA MET A 1 18.84 15.06 -5.95
C MET A 1 19.95 15.46 -4.99
N ASP A 2 20.42 14.49 -4.21
CA ASP A 2 21.49 14.64 -3.22
C ASP A 2 21.02 15.42 -1.99
N GLN A 3 19.82 15.97 -2.05
CA GLN A 3 19.16 16.52 -0.88
C GLN A 3 17.85 15.77 -0.74
N PHE A 4 17.23 15.50 -1.89
CA PHE A 4 16.01 14.72 -1.93
C PHE A 4 16.24 13.30 -1.41
N ARG A 5 17.35 12.68 -1.82
CA ARG A 5 17.66 11.36 -1.33
C ARG A 5 17.94 11.36 0.16
N GLU A 6 18.56 12.42 0.67
CA GLU A 6 18.79 12.52 2.11
C GLU A 6 17.48 12.62 2.87
N ILE A 7 16.52 13.38 2.33
CA ILE A 7 15.19 13.41 2.93
C ILE A 7 14.56 12.03 2.93
N GLY A 8 14.69 11.32 1.81
CA GLY A 8 14.14 9.97 1.76
C GLY A 8 14.74 9.08 2.82
N GLU A 9 16.05 9.19 3.04
CA GLU A 9 16.70 8.30 3.99
C GLU A 9 16.37 8.67 5.42
N VAL A 10 16.23 9.96 5.72
CA VAL A 10 15.83 10.36 7.06
C VAL A 10 14.40 9.91 7.33
N LEU A 11 13.54 9.98 6.32
CA LEU A 11 12.18 9.49 6.47
C LEU A 11 12.16 7.99 6.69
N GLY A 12 13.02 7.26 5.99
CA GLY A 12 13.14 5.83 6.24
C GLY A 12 13.62 5.53 7.65
N SER A 13 14.54 6.36 8.15
CA SER A 13 14.99 6.20 9.53
C SER A 13 13.84 6.39 10.51
N ILE A 14 13.00 7.39 10.27
CA ILE A 14 11.84 7.61 11.13
C ILE A 14 10.89 6.40 11.06
N ARG A 15 10.70 5.84 9.87
CA ARG A 15 9.83 4.67 9.75
C ARG A 15 10.40 3.49 10.53
N ALA A 16 11.72 3.29 10.45
CA ALA A 16 12.35 2.23 11.21
C ALA A 16 12.16 2.42 12.69
N LEU A 17 12.31 3.66 13.16
CA LEU A 17 12.07 3.95 14.57
C LEU A 17 10.63 3.67 14.96
N MET A 18 9.69 4.06 14.10
CA MET A 18 8.28 3.93 14.41
C MET A 18 7.78 2.50 14.25
N VAL A 19 8.61 1.59 13.75
CA VAL A 19 8.24 0.18 13.77
C VAL A 19 7.84 -0.25 15.19
N PHE A 20 8.66 0.12 16.17
CA PHE A 20 8.34 -0.13 17.57
C PHE A 20 7.40 0.96 18.10
N LYS A 21 6.23 1.02 17.47
CA LYS A 21 5.29 2.10 17.73
C LYS A 21 4.66 1.96 19.11
N ASP A 22 4.34 0.74 19.53
CA ASP A 22 3.62 0.56 20.78
C ASP A 22 4.50 0.88 21.99
N SER A 23 5.81 0.97 21.81
CA SER A 23 6.68 1.31 22.92
C SER A 23 6.53 2.78 23.31
N ILE A 24 5.93 3.59 22.44
CA ILE A 24 5.62 4.96 22.80
C ILE A 24 4.37 4.97 23.65
N GLN A 25 4.46 5.60 24.83
CA GLN A 25 3.36 5.58 25.78
C GLN A 25 2.48 6.82 25.69
N ILE A 26 3.02 7.93 25.20
CA ILE A 26 2.31 9.20 25.26
C ILE A 26 2.10 9.85 23.90
N ASN A 27 2.99 9.63 22.94
CA ASN A 27 2.94 10.34 21.67
C ASN A 27 2.67 9.41 20.49
N GLN A 28 1.97 8.29 20.71
CA GLN A 28 1.75 7.37 19.60
C GLN A 28 0.95 8.03 18.49
N ARG A 29 -0.09 8.78 18.86
CA ARG A 29 -0.90 9.45 17.85
C ARG A 29 -0.14 10.59 17.19
N GLN A 30 0.59 11.38 17.97
CA GLN A 30 1.34 12.48 17.40
C GLN A 30 2.50 11.99 16.53
N CYS A 31 3.20 10.94 16.97
CA CYS A 31 4.25 10.38 16.14
C CYS A 31 3.68 9.80 14.86
N SER A 32 2.55 9.11 14.95
CA SER A 32 1.90 8.62 13.74
C SER A 32 1.50 9.75 12.80
N LEU A 33 1.01 10.86 13.34
CA LEU A 33 0.68 12.00 12.50
C LEU A 33 1.90 12.59 11.84
N LEU A 34 3.01 12.70 12.57
CA LEU A 34 4.24 13.18 11.97
C LEU A 34 4.67 12.27 10.82
N LEU A 35 4.63 10.96 11.03
CA LEU A 35 5.00 10.06 9.95
C LEU A 35 4.06 10.20 8.76
N ASP A 36 2.75 10.27 9.01
CA ASP A 36 1.77 10.34 7.94
C ASP A 36 1.85 11.66 7.18
N LEU A 37 2.33 12.72 7.80
CA LEU A 37 2.52 13.97 7.07
C LEU A 37 3.84 14.02 6.33
N PHE A 38 4.92 13.55 6.94
CA PHE A 38 6.18 13.54 6.23
C PHE A 38 6.10 12.64 5.01
N THR A 39 5.45 11.49 5.14
CA THR A 39 5.28 10.59 4.00
C THR A 39 4.47 11.26 2.89
N ALA A 40 3.39 11.95 3.25
CA ALA A 40 2.57 12.60 2.24
C ALA A 40 3.31 13.73 1.55
N ALA A 41 4.06 14.54 2.31
CA ALA A 41 4.86 15.58 1.70
C ALA A 41 5.90 15.01 0.76
N TYR A 42 6.57 13.94 1.18
CA TYR A 42 7.54 13.27 0.33
C TYR A 42 6.90 12.72 -0.94
N GLU A 43 5.73 12.10 -0.83
CA GLU A 43 5.03 11.60 -2.01
C GLU A 43 4.70 12.72 -2.97
N SER A 44 4.15 13.83 -2.48
CA SER A 44 3.81 14.93 -3.36
C SER A 44 5.04 15.54 -4.00
N ILE A 45 6.12 15.70 -3.25
CA ILE A 45 7.35 16.26 -3.83
C ILE A 45 7.90 15.34 -4.89
N SER A 46 7.90 14.03 -4.64
CA SER A 46 8.39 13.09 -5.65
C SER A 46 7.54 13.12 -6.90
N VAL A 47 6.23 13.17 -6.75
CA VAL A 47 5.35 13.23 -7.92
C VAL A 47 5.59 14.50 -8.70
N SER A 48 5.73 15.63 -8.02
CA SER A 48 5.95 16.89 -8.71
C SER A 48 7.31 16.98 -9.37
N MET A 49 8.31 16.27 -8.85
CA MET A 49 9.59 16.22 -9.55
C MET A 49 9.55 15.29 -10.75
N ARG A 50 8.85 14.17 -10.62
CA ARG A 50 8.63 13.31 -11.79
C ARG A 50 7.96 14.06 -12.91
N SER A 51 6.86 14.75 -12.60
CA SER A 51 6.09 15.40 -13.65
C SER A 51 6.82 16.58 -14.25
N ASN A 52 7.58 17.34 -13.45
CA ASN A 52 8.09 18.62 -13.89
C ASN A 52 9.53 18.56 -14.39
N LEU A 53 10.40 17.85 -13.68
CA LEU A 53 11.83 17.97 -13.87
C LEU A 53 12.37 16.84 -14.73
N ARG A 54 13.50 17.11 -15.37
CA ARG A 54 14.20 16.13 -16.21
C ARG A 54 15.47 15.71 -15.51
N PHE A 55 15.68 14.39 -15.40
CA PHE A 55 16.84 13.88 -14.69
C PHE A 55 18.13 14.04 -15.46
N LYS A 56 18.08 14.14 -16.79
CA LYS A 56 19.30 14.31 -17.57
C LYS A 56 20.05 15.57 -17.16
N GLU A 57 19.31 16.61 -16.77
CA GLU A 57 19.88 17.88 -16.36
C GLU A 57 20.02 17.99 -14.85
N LYS A 58 20.31 16.87 -14.18
CA LYS A 58 20.37 16.85 -12.73
C LYS A 58 21.40 17.80 -12.16
N ASN A 59 22.59 17.84 -12.76
CA ASN A 59 23.72 18.48 -12.13
C ASN A 59 23.82 19.97 -12.43
N THR A 60 23.08 20.49 -13.40
CA THR A 60 23.23 21.87 -13.81
C THR A 60 22.01 22.72 -13.52
N LYS A 61 20.81 22.24 -13.80
CA LYS A 61 19.60 23.06 -13.73
C LYS A 61 18.80 22.80 -12.46
N TRP A 62 19.35 22.08 -11.49
CA TRP A 62 18.65 21.86 -10.22
C TRP A 62 19.29 22.62 -9.07
N LYS A 63 20.13 23.61 -9.38
CA LYS A 63 20.80 24.37 -8.32
C LYS A 63 19.81 25.13 -7.44
N ILE A 64 18.64 25.47 -7.96
CA ILE A 64 17.68 26.23 -7.16
C ILE A 64 16.98 25.37 -6.13
N LEU A 65 16.91 24.06 -6.32
CA LEU A 65 16.24 23.18 -5.37
C LEU A 65 17.09 22.81 -4.17
N GLU A 66 18.36 23.21 -4.13
CA GLU A 66 19.24 22.76 -3.08
C GLU A 66 18.77 23.24 -1.71
N GLN A 67 18.50 24.54 -1.58
CA GLN A 67 18.22 25.08 -0.25
C GLN A 67 16.82 24.79 0.25
N PRO A 68 15.74 24.88 -0.55
CA PRO A 68 14.44 24.45 -0.02
C PRO A 68 14.43 23.00 0.41
N LEU A 69 15.10 22.14 -0.34
CA LEU A 69 15.17 20.73 0.06
C LEU A 69 16.05 20.57 1.29
N ARG A 70 17.07 21.41 1.44
CA ARG A 70 17.83 21.38 2.70
C ARG A 70 16.94 21.74 3.87
N GLU A 71 16.10 22.75 3.73
CA GLU A 71 15.24 23.16 4.82
C GLU A 71 14.21 22.07 5.17
N LEU A 72 13.65 21.43 4.16
CA LEU A 72 12.78 20.28 4.43
C LEU A 72 13.53 19.13 5.08
N LEU A 73 14.78 18.91 4.67
CA LEU A 73 15.62 17.92 5.34
C LEU A 73 15.77 18.24 6.80
N TRP A 74 16.01 19.51 7.13
CA TRP A 74 16.14 19.91 8.52
C TRP A 74 14.85 19.69 9.29
N VAL A 75 13.71 19.99 8.67
CA VAL A 75 12.43 19.78 9.35
C VAL A 75 12.24 18.29 9.64
N VAL A 76 12.53 17.44 8.67
CA VAL A 76 12.35 16.00 8.89
C VAL A 76 13.35 15.49 9.92
N ARG A 77 14.57 16.03 9.92
CA ARG A 77 15.56 15.62 10.92
C ARG A 77 15.15 16.04 12.32
N GLU A 78 14.42 17.15 12.47
CA GLU A 78 13.86 17.49 13.76
C GLU A 78 12.69 16.61 14.14
N GLY A 79 11.87 16.22 13.17
CA GLY A 79 10.83 15.24 13.45
C GLY A 79 11.40 13.93 13.95
N GLU A 80 12.52 13.50 13.37
CA GLU A 80 13.16 12.27 13.82
C GLU A 80 13.65 12.39 15.26
N ALA A 81 14.23 13.53 15.60
CA ALA A 81 14.63 13.75 16.99
C ALA A 81 13.44 13.75 17.92
N TYR A 82 12.32 14.33 17.50
CA TYR A 82 11.11 14.27 18.31
C TYR A 82 10.66 12.83 18.54
N VAL A 83 10.71 12.00 17.49
CA VAL A 83 10.30 10.61 17.66
C VAL A 83 11.24 9.88 18.61
N ARG A 84 12.55 10.05 18.44
CA ARG A 84 13.48 9.41 19.38
C ARG A 84 13.30 9.91 20.80
N MET A 85 12.95 11.19 20.98
CA MET A 85 12.64 11.68 22.31
C MET A 85 11.41 11.00 22.88
N SER A 86 10.38 10.83 22.06
CA SER A 86 9.13 10.27 22.56
C SER A 86 9.20 8.76 22.70
N LEU A 87 10.22 8.11 22.16
CA LEU A 87 10.29 6.66 22.13
C LEU A 87 11.42 6.07 22.96
N GLU A 88 12.43 6.86 23.30
CA GLU A 88 13.56 6.34 24.04
C GLU A 88 13.12 5.87 25.42
N PRO A 89 13.78 4.83 25.95
CA PRO A 89 13.49 4.38 27.32
C PRO A 89 14.37 5.00 28.39
N LYS A 90 15.12 6.05 28.05
CA LYS A 90 16.04 6.65 29.02
C LYS A 90 15.29 7.18 30.23
N LEU A 91 14.14 7.81 30.00
CA LEU A 91 13.35 8.38 31.07
C LEU A 91 12.19 7.46 31.42
N GLY A 92 11.76 7.50 32.68
CA GLY A 92 10.67 6.67 33.12
C GLY A 92 9.33 7.16 32.60
N PHE A 93 8.29 6.37 32.86
CA PHE A 93 6.96 6.73 32.40
C PHE A 93 6.48 8.01 33.05
N TRP A 94 6.74 8.18 34.35
CA TRP A 94 6.26 9.39 35.03
C TRP A 94 7.02 10.63 34.58
N ALA A 95 8.34 10.51 34.45
CA ALA A 95 9.12 11.64 33.97
C ALA A 95 8.71 12.03 32.56
N LYS A 96 8.28 11.06 31.77
CA LYS A 96 7.78 11.36 30.43
C LYS A 96 6.40 11.97 30.48
N ALA A 97 5.55 11.52 31.41
CA ALA A 97 4.19 12.01 31.46
C ALA A 97 4.13 13.43 31.97
N ILE A 98 5.04 13.81 32.86
CA ILE A 98 5.05 15.18 33.35
C ILE A 98 5.42 16.14 32.22
N VAL A 99 6.30 15.72 31.31
CA VAL A 99 6.80 16.63 30.29
C VAL A 99 5.89 16.64 29.07
N LEU A 100 5.42 15.48 28.63
CA LEU A 100 4.77 15.35 27.33
C LEU A 100 3.26 15.25 27.40
N HIS A 101 2.66 15.46 28.57
CA HIS A 101 1.20 15.35 28.63
C HIS A 101 0.50 16.49 27.94
N SER A 102 1.16 17.63 27.79
CA SER A 102 0.59 18.81 27.15
C SER A 102 1.62 19.45 26.23
N ASN A 103 2.28 18.63 25.41
CA ASN A 103 3.42 19.10 24.65
C ASN A 103 3.05 20.10 23.58
N ARG A 104 2.22 19.69 22.63
CA ARG A 104 1.89 20.45 21.42
C ARG A 104 3.11 20.76 20.58
N ASP A 105 4.25 20.08 20.80
CA ASP A 105 5.41 20.32 19.96
C ASP A 105 5.14 19.88 18.52
N CYS A 106 4.34 18.85 18.34
CA CYS A 106 4.07 18.33 17.00
C CYS A 106 3.51 19.40 16.07
N THR A 107 2.29 19.87 16.36
CA THR A 107 1.61 20.72 15.39
C THR A 107 2.17 22.14 15.38
N GLU A 108 2.83 22.56 16.45
CA GLU A 108 3.32 23.93 16.48
C GLU A 108 4.77 24.06 16.03
N LEU A 109 5.63 23.10 16.39
CA LEU A 109 6.96 23.12 15.80
C LEU A 109 7.01 22.38 14.47
N HIS A 110 6.77 21.08 14.48
CA HIS A 110 7.15 20.25 13.35
C HIS A 110 6.17 20.37 12.20
N ILE A 111 4.88 20.25 12.48
CA ILE A 111 3.89 20.38 11.42
C ILE A 111 3.91 21.79 10.86
N HIS A 112 4.08 22.78 11.73
CA HIS A 112 4.14 24.16 11.26
C HIS A 112 5.34 24.39 10.36
N ASN A 113 6.51 23.89 10.75
CA ASN A 113 7.69 24.04 9.90
C ASN A 113 7.50 23.31 8.58
N LEU A 114 6.93 22.11 8.61
CA LEU A 114 6.69 21.36 7.38
C LEU A 114 5.74 22.12 6.45
N LEU A 115 4.66 22.69 7.00
CA LEU A 115 3.68 23.34 6.15
C LEU A 115 4.14 24.71 5.71
N SER A 116 5.14 25.28 6.40
CA SER A 116 5.71 26.53 5.90
C SER A 116 6.88 26.25 4.96
N CYS A 117 7.35 25.00 4.91
CA CYS A 117 8.48 24.68 4.05
C CYS A 117 8.04 24.07 2.73
N LEU A 118 6.87 23.41 2.71
CA LEU A 118 6.38 22.88 1.44
C LEU A 118 6.12 23.95 0.39
N PRO A 119 5.50 25.10 0.68
CA PRO A 119 5.33 26.10 -0.38
C PRO A 119 6.63 26.53 -1.02
N ILE A 120 7.70 26.66 -0.23
CA ILE A 120 8.99 27.03 -0.79
C ILE A 120 9.45 25.99 -1.79
N ILE A 121 9.34 24.71 -1.43
CA ILE A 121 9.78 23.64 -2.33
C ILE A 121 8.94 23.61 -3.58
N VAL A 122 7.62 23.74 -3.44
CA VAL A 122 6.75 23.69 -4.60
C VAL A 122 7.08 24.83 -5.56
N GLU A 123 7.23 26.03 -5.04
CA GLU A 123 7.51 27.18 -5.89
C GLU A 123 8.88 27.04 -6.54
N ALA A 124 9.87 26.52 -5.80
CA ALA A 124 11.19 26.31 -6.37
C ALA A 124 11.13 25.27 -7.49
N ILE A 125 10.34 24.22 -7.31
CA ILE A 125 10.20 23.21 -8.36
C ILE A 125 9.58 23.80 -9.60
N GLU A 126 8.54 24.64 -9.43
CA GLU A 126 7.98 25.30 -10.61
C GLU A 126 9.02 26.15 -11.32
N THR A 127 9.79 26.94 -10.58
CA THR A 127 10.79 27.79 -11.22
C THR A 127 11.87 26.96 -11.89
N ALA A 128 12.17 25.79 -11.34
CA ALA A 128 13.17 24.93 -11.97
C ALA A 128 12.60 24.25 -13.20
N SER A 129 11.29 24.02 -13.23
CA SER A 129 10.67 23.39 -14.39
C SER A 129 10.62 24.34 -15.57
N GLU A 130 10.38 25.63 -15.32
CA GLU A 130 10.30 26.59 -16.41
C GLU A 130 11.60 26.66 -17.20
N VAL A 131 12.74 26.63 -16.50
CA VAL A 131 14.03 26.72 -17.19
C VAL A 131 14.47 25.34 -17.67
N SER A 132 13.75 24.31 -17.28
CA SER A 132 14.13 22.95 -17.68
C SER A 132 13.88 22.75 -19.16
N GLY A 133 14.67 21.87 -19.77
CA GLY A 133 14.51 21.52 -21.16
C GLY A 133 15.30 22.42 -22.08
N TRP A 134 15.18 22.16 -23.38
CA TRP A 134 15.82 22.97 -24.41
C TRP A 134 14.81 23.56 -25.39
N ASP A 135 13.54 23.27 -25.21
CA ASP A 135 12.48 23.74 -26.11
C ASP A 135 11.82 24.96 -25.50
N GLU A 136 11.87 26.09 -26.23
CA GLU A 136 11.32 27.33 -25.70
C GLU A 136 9.80 27.27 -25.61
N GLU A 137 9.17 26.44 -26.46
CA GLU A 137 7.72 26.29 -26.37
C GLU A 137 7.34 25.65 -25.03
N GLU A 138 8.10 24.66 -24.59
CA GLU A 138 7.85 24.06 -23.28
C GLU A 138 7.98 25.11 -22.17
N MET A 139 9.02 25.93 -22.27
CA MET A 139 9.24 26.95 -21.26
C MET A 139 8.08 27.93 -21.21
N SER A 140 7.62 28.38 -22.38
CA SER A 140 6.51 29.32 -22.42
C SER A 140 5.24 28.69 -21.87
N LYS A 141 4.98 27.44 -22.21
CA LYS A 141 3.78 26.76 -21.72
C LYS A 141 3.82 26.61 -20.20
N LYS A 142 4.97 26.22 -19.65
CA LYS A 142 5.08 26.11 -18.21
C LYS A 142 4.92 27.46 -17.53
N ARG A 143 5.50 28.51 -18.12
CA ARG A 143 5.30 29.85 -17.57
C ARG A 143 3.82 30.21 -17.57
N LEU A 144 3.09 29.87 -18.63
CA LEU A 144 1.66 30.12 -18.65
C LEU A 144 0.94 29.37 -17.54
N VAL A 145 1.28 28.10 -17.33
CA VAL A 145 0.61 27.33 -16.27
C VAL A 145 0.85 27.97 -14.92
N HIS A 146 2.10 28.30 -14.61
CA HIS A 146 2.40 28.87 -13.31
C HIS A 146 1.86 30.28 -13.14
N SER A 147 1.74 31.04 -14.23
CA SER A 147 1.14 32.36 -14.12
C SER A 147 -0.36 32.28 -13.93
N ASN A 148 -1.01 31.25 -14.47
CA ASN A 148 -2.43 31.06 -14.22
C ASN A 148 -2.70 30.41 -12.88
N LYS A 149 -1.69 29.82 -12.25
CA LYS A 149 -1.90 29.33 -10.89
C LYS A 149 -2.01 30.48 -9.89
N TYR A 150 -1.14 31.47 -9.99
CA TYR A 150 -1.04 32.56 -9.03
C TYR A 150 -1.84 33.79 -9.42
N MET A 151 -2.90 33.62 -10.19
CA MET A 151 -3.71 34.78 -10.56
C MET A 151 -4.73 35.10 -9.47
N LYS A 152 -5.23 36.33 -9.51
CA LYS A 152 -5.87 36.94 -8.34
C LYS A 152 -7.15 36.25 -7.92
N GLN A 153 -7.91 35.67 -8.86
CA GLN A 153 -9.21 35.14 -8.46
C GLN A 153 -9.11 33.96 -7.52
N TRP A 154 -7.94 33.35 -7.39
CA TRP A 154 -7.74 32.29 -6.40
C TRP A 154 -7.28 32.88 -5.07
N ASN A 155 -7.99 33.87 -4.56
CA ASN A 155 -7.70 34.43 -3.24
C ASN A 155 -8.89 34.17 -2.35
N ASP A 156 -8.91 32.97 -1.77
CA ASP A 156 -9.86 32.59 -0.74
C ASP A 156 -9.37 31.28 -0.16
N SER A 157 -9.51 31.15 1.16
CA SER A 157 -9.07 29.92 1.81
C SER A 157 -9.76 28.71 1.20
N GLN A 158 -11.05 28.82 0.92
CA GLN A 158 -11.76 27.67 0.38
C GLN A 158 -11.42 27.43 -1.08
N MET A 159 -11.27 28.50 -1.87
CA MET A 159 -10.78 28.36 -3.24
C MET A 159 -9.44 27.65 -3.27
N PHE A 160 -8.51 28.08 -2.42
CA PHE A 160 -7.18 27.50 -2.42
C PHE A 160 -7.22 26.05 -1.94
N THR A 161 -7.99 25.75 -0.90
CA THR A 161 -8.09 24.37 -0.46
C THR A 161 -8.74 23.47 -1.50
N TRP A 162 -9.61 24.03 -2.34
CA TRP A 162 -10.17 23.23 -3.43
C TRP A 162 -9.12 22.97 -4.50
N LYS A 163 -8.56 24.02 -5.09
CA LYS A 163 -7.67 23.84 -6.22
C LYS A 163 -6.34 23.22 -5.79
N PHE A 164 -5.73 23.74 -4.73
CA PHE A 164 -4.36 23.42 -4.39
C PHE A 164 -4.23 22.71 -3.04
N GLY A 165 -5.31 22.12 -2.57
CA GLY A 165 -5.27 21.51 -1.25
C GLY A 165 -4.29 20.37 -1.15
N ARG A 166 -4.39 19.41 -2.07
CA ARG A 166 -3.54 18.22 -2.01
C ARG A 166 -2.07 18.53 -2.19
N GLU A 167 -1.75 19.60 -2.91
CA GLU A 167 -0.34 19.92 -3.16
C GLU A 167 0.37 20.34 -1.89
N TYR A 168 -0.32 21.08 -1.02
CA TYR A 168 0.30 21.67 0.17
C TYR A 168 -0.14 20.98 1.45
N LEU A 169 -0.67 19.76 1.34
CA LEU A 169 -1.05 18.95 2.51
C LEU A 169 -2.09 19.66 3.38
N VAL A 170 -3.03 20.34 2.76
CA VAL A 170 -4.18 20.89 3.48
C VAL A 170 -5.41 20.30 2.81
N THR A 171 -5.89 19.24 3.42
CA THR A 171 -7.07 18.52 3.00
C THR A 171 -7.96 18.34 4.22
N GLU A 172 -9.21 17.97 4.02
CA GLU A 172 -10.10 17.82 5.16
C GLU A 172 -9.59 16.77 6.14
N ASP A 173 -9.07 15.65 5.63
CA ASP A 173 -8.54 14.64 6.52
C ASP A 173 -7.32 15.13 7.31
N PHE A 174 -6.38 15.81 6.65
CA PHE A 174 -5.19 16.32 7.33
C PHE A 174 -5.49 17.41 8.35
N CYS A 175 -6.38 18.32 7.98
CA CYS A 175 -6.83 19.40 8.86
C CYS A 175 -7.57 18.86 10.08
N ASN A 176 -8.34 17.78 9.90
CA ASN A 176 -8.97 17.15 11.05
C ASN A 176 -7.96 16.48 11.95
N ARG A 177 -6.94 15.84 11.38
CA ARG A 177 -5.96 15.14 12.18
C ARG A 177 -4.97 16.06 12.87
N PHE A 178 -4.84 17.30 12.41
CA PHE A 178 -3.98 18.25 13.12
C PHE A 178 -4.48 18.48 14.54
N GLU A 179 -5.79 18.45 14.75
CA GLU A 179 -6.38 18.71 16.05
C GLU A 179 -6.75 17.45 16.80
N SER A 180 -7.36 16.47 16.12
CA SER A 180 -7.84 15.26 16.78
C SER A 180 -6.76 14.21 16.94
N ALA A 181 -5.50 14.58 16.83
CA ALA A 181 -4.40 13.69 17.16
C ALA A 181 -3.72 14.06 18.46
N TRP A 182 -4.07 15.19 19.05
CA TRP A 182 -3.63 15.54 20.38
C TRP A 182 -4.69 15.27 21.45
N THR A 183 -5.96 15.28 21.06
CA THR A 183 -6.98 14.84 22.00
C THR A 183 -7.01 13.33 22.14
N GLU A 184 -6.65 12.62 21.07
CA GLU A 184 -6.64 11.16 21.04
C GLU A 184 -5.64 10.51 21.99
N ASP A 185 -4.42 11.02 22.01
CA ASP A 185 -3.43 10.54 22.96
C ASP A 185 -3.64 11.09 24.36
N ARG A 186 -4.26 12.25 24.48
CA ARG A 186 -4.70 12.72 25.79
C ARG A 186 -5.70 11.74 26.40
N TRP A 187 -6.70 11.32 25.63
CA TRP A 187 -7.65 10.34 26.12
C TRP A 187 -6.96 9.04 26.49
N ILE A 188 -6.02 8.59 25.65
CA ILE A 188 -5.31 7.35 25.94
C ILE A 188 -4.52 7.47 27.22
N LEU A 189 -3.88 8.62 27.43
CA LEU A 189 -3.13 8.84 28.67
C LEU A 189 -4.06 8.84 29.87
N ILE A 190 -5.24 9.44 29.74
CA ILE A 190 -6.20 9.41 30.84
C ILE A 190 -6.60 7.98 31.17
N LYS A 191 -6.83 7.17 30.14
CA LYS A 191 -7.19 5.78 30.39
C LYS A 191 -6.06 5.02 31.06
N GLU A 192 -4.84 5.19 30.58
CA GLU A 192 -3.69 4.53 31.18
C GLU A 192 -3.44 4.99 32.61
N LEU A 193 -3.78 6.23 32.94
CA LEU A 193 -3.69 6.70 34.31
C LEU A 193 -4.78 6.16 35.20
N GLN A 194 -6.02 6.07 34.70
CA GLN A 194 -7.08 5.47 35.50
C GLN A 194 -6.76 4.03 35.84
N GLU A 195 -6.10 3.31 34.92
CA GLU A 195 -5.68 1.95 35.23
C GLU A 195 -4.67 1.93 36.38
N LYS A 196 -3.69 2.84 36.35
CA LYS A 196 -2.71 2.92 37.42
C LYS A 196 -3.26 3.58 38.67
N LYS A 197 -4.43 4.22 38.58
CA LYS A 197 -5.04 4.84 39.75
C LYS A 197 -5.41 3.78 40.79
N GLN A 198 -5.89 2.63 40.33
CA GLN A 198 -6.32 1.58 41.23
C GLN A 198 -5.46 0.33 41.18
N SER A 199 -4.69 0.12 40.10
CA SER A 199 -3.85 -1.06 39.97
C SER A 199 -2.37 -0.73 40.00
N GLY A 200 -2.00 0.44 40.52
CA GLY A 200 -0.60 0.79 40.63
C GLY A 200 0.13 -0.05 41.65
N SER A 201 1.46 -0.08 41.58
CA SER A 201 2.23 -0.92 42.49
C SER A 201 2.31 -0.30 43.89
N SER A 202 2.55 1.01 43.96
CA SER A 202 2.88 1.67 45.22
C SER A 202 1.84 2.74 45.55
N LYS A 203 1.78 3.12 46.82
CA LYS A 203 0.92 4.19 47.28
C LYS A 203 1.36 5.53 46.70
N HIS A 204 2.67 5.72 46.56
CA HIS A 204 3.15 6.95 45.93
C HIS A 204 2.65 7.07 44.50
N GLU A 205 2.71 5.98 43.74
CA GLU A 205 2.11 6.00 42.41
C GLU A 205 0.60 6.12 42.47
N ARG A 206 -0.03 5.58 43.51
CA ARG A 206 -1.46 5.80 43.70
C ARG A 206 -1.77 7.29 43.74
N LYS A 207 -0.96 8.06 44.48
CA LYS A 207 -1.16 9.50 44.53
C LYS A 207 -0.72 10.20 43.26
N MET A 208 0.32 9.71 42.59
CA MET A 208 0.75 10.30 41.33
C MET A 208 -0.34 10.23 40.27
N ALA A 209 -1.00 9.07 40.17
CA ALA A 209 -2.08 8.92 39.20
C ALA A 209 -3.22 9.89 39.48
N ASP A 210 -3.60 10.03 40.76
CA ASP A 210 -4.62 11.00 41.12
C ASP A 210 -4.19 12.42 40.75
N PHE A 211 -2.93 12.74 41.05
CA PHE A 211 -2.37 14.02 40.68
C PHE A 211 -2.55 14.31 39.19
N LEU A 212 -2.11 13.40 38.35
CA LEU A 212 -2.16 13.68 36.92
C LEU A 212 -3.57 13.63 36.36
N LEU A 213 -4.43 12.75 36.87
CA LEU A 213 -5.83 12.74 36.44
C LEU A 213 -6.51 14.05 36.75
N LYS A 214 -6.33 14.56 37.98
CA LYS A 214 -6.91 15.86 38.30
C LYS A 214 -6.23 16.98 37.53
N HIS A 215 -4.96 16.77 37.17
CA HIS A 215 -4.25 17.80 36.42
C HIS A 215 -4.72 17.89 34.99
N LEU A 216 -5.30 16.80 34.46
CA LEU A 216 -5.69 16.76 33.06
C LEU A 216 -7.21 16.73 32.96
N GLY A 217 -7.81 17.91 33.03
CA GLY A 217 -9.20 18.08 32.58
C GLY A 217 -10.18 17.08 33.16
N ASP A 218 -10.13 16.84 34.46
CA ASP A 218 -11.08 15.94 35.12
C ASP A 218 -12.25 16.78 35.63
N GLY A 219 -13.40 16.67 34.96
CA GLY A 219 -14.53 17.49 35.30
C GLY A 219 -14.45 18.91 34.79
N ASN A 220 -13.54 19.17 33.85
CA ASN A 220 -13.29 20.51 33.31
C ASN A 220 -12.92 21.49 34.42
N GLU A 221 -12.29 20.96 35.47
CA GLU A 221 -11.78 21.75 36.57
C GLU A 221 -10.30 22.08 36.40
N SER A 222 -9.91 22.52 35.22
CA SER A 222 -8.48 22.70 34.90
C SER A 222 -7.58 23.59 35.77
N PRO A 223 -8.07 24.74 36.27
CA PRO A 223 -7.14 25.54 37.06
C PRO A 223 -7.10 25.19 38.55
N LYS A 224 -6.03 24.54 38.99
CA LYS A 224 -5.86 24.17 40.41
C LYS A 224 -4.40 23.86 40.76
N LEU A 225 -4.10 23.87 42.05
CA LEU A 225 -2.77 23.56 42.56
C LEU A 225 -2.84 22.46 43.60
N PHE A 226 -1.92 21.51 43.51
CA PHE A 226 -1.97 20.29 44.28
C PHE A 226 -0.97 20.33 45.43
N PRO A 227 -1.17 19.53 46.46
CA PRO A 227 -0.25 19.56 47.61
C PRO A 227 1.18 19.25 47.19
N SER A 228 2.11 19.98 47.80
CA SER A 228 3.53 19.85 47.46
C SER A 228 4.14 18.57 48.01
N SER A 229 3.40 17.80 48.79
CA SER A 229 3.94 16.56 49.35
C SER A 229 4.36 15.59 48.25
N LEU A 230 3.73 15.70 47.08
CA LEU A 230 4.08 14.81 45.98
C LEU A 230 5.51 14.99 45.55
N LEU A 231 6.03 16.21 45.65
CA LEU A 231 7.43 16.43 45.31
C LEU A 231 8.35 15.72 46.31
N ASP A 232 8.02 15.88 47.59
CA ASP A 232 8.77 15.27 48.70
C ASP A 232 8.70 13.75 48.78
N ASN A 233 7.52 13.21 48.54
CA ASN A 233 7.33 11.78 48.64
C ASN A 233 8.15 10.91 47.70
N THR A 234 8.30 11.35 46.45
CA THR A 234 9.00 10.51 45.49
C THR A 234 10.35 10.01 45.98
N LYS A 235 10.57 8.72 45.74
CA LYS A 235 11.79 8.01 46.09
C LYS A 235 12.98 8.95 45.99
N ASP A 236 13.05 9.73 44.91
CA ASP A 236 14.15 10.67 44.76
C ASP A 236 13.65 12.08 44.43
N TYR A 237 13.96 13.02 45.31
CA TYR A 237 13.59 14.42 45.11
C TYR A 237 14.65 15.37 45.63
N GLN A 238 15.78 15.45 44.94
CA GLN A 238 16.84 16.34 45.38
C GLN A 238 16.66 17.69 44.70
N VAL A 239 16.60 18.75 45.48
CA VAL A 239 16.42 20.07 44.88
C VAL A 239 17.81 20.71 44.76
N LYS A 240 18.19 21.00 43.52
CA LYS A 240 19.54 21.49 43.26
C LYS A 240 19.61 23.00 43.50
N LYS A 241 20.83 23.50 43.69
CA LYS A 241 21.03 24.91 44.01
C LYS A 241 20.76 25.78 42.80
N ARG A 242 20.17 26.95 43.06
CA ARG A 242 19.69 27.80 41.98
C ARG A 242 20.83 28.61 41.37
N LEU A 243 20.74 28.82 40.06
CA LEU A 243 21.75 29.59 39.34
C LEU A 243 21.14 30.26 38.12
N GLN A 248 15.33 32.66 42.24
CA GLN A 248 13.94 32.23 42.35
C GLN A 248 13.68 31.00 41.49
N TYR A 249 14.70 30.61 40.72
CA TYR A 249 14.58 29.42 39.89
C TYR A 249 15.58 28.41 40.41
N LYS A 250 15.10 27.19 40.67
CA LYS A 250 15.96 26.13 41.19
C LYS A 250 15.86 24.90 40.31
N GLU A 251 16.91 24.10 40.30
CA GLU A 251 16.97 22.93 39.42
C GLU A 251 16.44 21.66 40.09
N ILE A 252 15.13 21.58 40.29
CA ILE A 252 14.54 20.35 40.78
C ILE A 252 14.73 19.24 39.75
N THR A 253 14.94 18.01 40.23
CA THR A 253 15.20 16.84 39.38
C THR A 253 14.33 15.68 39.87
N TRP A 254 13.04 15.95 40.07
CA TRP A 254 12.29 15.14 41.01
C TRP A 254 11.83 13.81 40.40
N LEU A 255 11.86 13.67 39.08
CA LEU A 255 11.66 12.37 38.45
C LEU A 255 12.91 11.82 37.80
N GLY A 256 14.08 12.32 38.16
CA GLY A 256 15.30 11.97 37.48
C GLY A 256 15.59 12.81 36.27
N GLU A 257 14.61 13.55 35.79
CA GLU A 257 14.77 14.53 34.72
C GLU A 257 14.78 15.91 35.34
N SER A 258 15.84 16.67 35.08
CA SER A 258 16.02 17.96 35.71
C SER A 258 14.97 18.96 35.23
N PHE A 259 14.39 19.69 36.18
CA PHE A 259 13.39 20.71 35.89
C PHE A 259 13.78 22.01 36.57
N ALA A 260 13.32 23.12 36.02
CA ALA A 260 13.49 24.41 36.67
C ALA A 260 12.32 24.66 37.61
N LEU A 261 12.62 25.08 38.82
CA LEU A 261 11.61 25.27 39.86
C LEU A 261 11.54 26.73 40.26
N ARG A 262 10.37 27.33 40.12
CA ARG A 262 10.12 28.69 40.60
C ARG A 262 9.23 28.59 41.83
N HIS A 263 9.72 29.11 42.96
CA HIS A 263 8.97 29.07 44.20
C HIS A 263 9.01 30.45 44.85
N PHE A 264 7.86 30.88 45.34
CA PHE A 264 7.68 32.23 45.86
C PHE A 264 6.73 32.18 47.04
N PHE A 265 6.79 33.21 47.88
CA PHE A 265 5.98 33.29 49.08
C PHE A 265 5.00 34.45 48.95
N GLY A 266 3.73 34.16 49.24
CA GLY A 266 2.68 35.16 49.22
C GLY A 266 1.37 34.50 49.57
N ASP A 267 0.32 35.32 49.67
CA ASP A 267 -1.01 34.80 49.96
C ASP A 267 -1.54 34.13 48.69
N ILE A 268 -1.17 32.87 48.53
CA ILE A 268 -1.38 32.13 47.30
C ILE A 268 -2.86 32.03 47.00
N ASP A 269 -3.68 31.89 48.04
CA ASP A 269 -5.13 31.88 47.84
C ASP A 269 -5.59 33.20 47.22
N ALA A 270 -4.96 34.31 47.60
CA ALA A 270 -5.32 35.59 47.01
C ALA A 270 -4.74 35.73 45.61
N LEU A 271 -3.56 35.18 45.37
CA LEU A 271 -2.94 35.21 44.05
C LEU A 271 -3.43 34.10 43.15
N LEU A 272 -4.30 33.23 43.65
CA LEU A 272 -4.80 32.13 42.83
C LEU A 272 -5.50 32.56 41.55
N PRO A 273 -6.40 33.55 41.53
CA PRO A 273 -7.15 33.82 40.29
C PRO A 273 -6.28 34.34 39.16
N GLN A 274 -5.06 34.79 39.42
CA GLN A 274 -4.23 35.27 38.32
C GLN A 274 -3.20 34.23 37.90
N ILE A 275 -2.94 33.23 38.74
CA ILE A 275 -2.06 32.13 38.33
C ILE A 275 -2.88 31.03 37.67
N THR A 276 -4.18 31.01 37.93
CA THR A 276 -5.13 30.09 37.33
C THR A 276 -5.11 30.15 35.80
N PRO A 277 -5.15 31.34 35.19
CA PRO A 277 -4.98 31.37 33.73
C PRO A 277 -3.61 30.89 33.29
N LEU A 278 -2.60 31.10 34.13
CA LEU A 278 -1.22 30.86 33.72
C LEU A 278 -0.93 29.37 33.57
N LEU A 279 -1.56 28.53 34.38
CA LEU A 279 -1.22 27.11 34.38
C LEU A 279 -1.75 26.41 33.14
N SER A 280 -2.57 27.08 32.34
CA SER A 280 -3.23 26.41 31.22
C SER A 280 -2.37 26.44 29.96
N LEU A 281 -1.38 27.33 29.90
CA LEU A 281 -0.63 27.56 28.66
C LEU A 281 0.21 26.37 28.24
N SER A 282 0.41 26.21 26.93
CA SER A 282 1.30 25.18 26.39
C SER A 282 1.65 25.56 24.96
N HIS A 283 2.92 25.88 24.74
CA HIS A 283 3.42 26.21 23.41
C HIS A 283 4.89 25.88 23.33
N PRO A 284 5.36 25.42 22.17
CA PRO A 284 6.79 25.09 22.06
C PRO A 284 7.72 26.24 22.31
N ASN A 285 7.31 27.47 22.00
CA ASN A 285 8.15 28.64 22.21
C ASN A 285 7.82 29.36 23.51
N ILE A 286 7.25 28.65 24.47
CA ILE A 286 6.89 29.20 25.77
C ILE A 286 7.45 28.27 26.83
N VAL A 287 8.16 28.85 27.79
CA VAL A 287 8.61 28.11 28.97
C VAL A 287 7.44 28.17 29.95
N TYR A 288 6.53 27.21 29.82
CA TYR A 288 5.29 27.21 30.59
C TYR A 288 5.41 26.32 31.81
N TYR A 289 4.43 26.44 32.68
CA TYR A 289 4.44 25.76 33.97
C TYR A 289 3.73 24.43 33.83
N LEU A 290 4.48 23.34 34.04
CA LEU A 290 3.90 22.00 33.90
C LEU A 290 2.91 21.69 35.00
N CYS A 291 3.27 21.98 36.25
CA CYS A 291 2.45 21.63 37.40
C CYS A 291 2.59 22.71 38.46
N GLY A 292 1.57 22.81 39.31
CA GLY A 292 1.59 23.77 40.40
C GLY A 292 1.45 23.12 41.76
N PHE A 293 2.20 23.59 42.74
CA PHE A 293 2.20 22.98 44.07
C PHE A 293 2.10 24.05 45.15
N THR A 294 1.18 23.84 46.09
CA THR A 294 1.11 24.60 47.33
C THR A 294 1.09 23.58 48.47
N ASP A 295 1.67 23.96 49.62
CA ASP A 295 1.76 23.00 50.72
C ASP A 295 0.38 22.62 51.23
N GLU A 296 -0.30 23.55 51.90
CA GLU A 296 -1.66 23.34 52.38
C GLU A 296 -2.49 24.59 52.14
N GLU A 297 -2.41 25.15 50.93
CA GLU A 297 -2.89 26.49 50.61
C GLU A 297 -2.20 27.54 51.46
N LYS A 298 -0.94 27.32 51.78
CA LYS A 298 -0.19 28.10 52.76
C LYS A 298 0.84 28.95 52.06
N LYS A 299 1.77 29.49 52.84
CA LYS A 299 2.77 30.50 52.47
C LYS A 299 3.27 30.25 51.05
N GLU A 300 3.85 29.09 50.75
CA GLU A 300 4.68 28.99 49.56
C GLU A 300 3.97 28.23 48.45
N CYS A 301 4.32 28.59 47.21
CA CYS A 301 3.86 27.90 46.01
C CYS A 301 5.06 27.40 45.23
N PHE A 302 4.93 26.19 44.68
CA PHE A 302 6.00 25.56 43.91
C PHE A 302 5.54 25.45 42.47
N LEU A 303 6.25 26.12 41.56
CA LEU A 303 5.93 26.10 40.15
C LEU A 303 7.07 25.42 39.41
N VAL A 304 6.74 24.37 38.67
CA VAL A 304 7.75 23.56 37.99
C VAL A 304 7.74 23.88 36.51
N MET A 305 8.92 24.03 35.95
CA MET A 305 9.10 24.46 34.57
C MET A 305 10.01 23.46 33.86
N GLU A 306 10.12 23.59 32.54
CA GLU A 306 11.15 22.86 31.81
C GLU A 306 12.47 23.60 31.94
N LEU A 307 13.55 22.83 32.06
CA LEU A 307 14.85 23.39 32.39
C LEU A 307 15.60 23.79 31.12
N MET A 308 15.90 25.08 31.00
CA MET A 308 16.82 25.60 29.99
C MET A 308 17.75 26.58 30.68
N ARG A 309 19.01 26.61 30.23
CA ARG A 309 20.04 27.33 30.94
C ARG A 309 20.51 28.58 30.20
N LYS A 310 20.96 28.43 28.96
CA LYS A 310 21.56 29.52 28.21
C LYS A 310 20.48 30.41 27.62
N THR A 311 20.63 31.72 27.81
CA THR A 311 19.71 32.67 27.21
C THR A 311 20.28 33.23 25.92
N LEU A 312 19.42 33.86 25.13
CA LEU A 312 19.87 34.51 23.91
C LEU A 312 20.85 35.63 24.21
N GLY A 313 20.62 36.37 25.30
CA GLY A 313 21.51 37.47 25.63
C GLY A 313 22.93 37.02 25.89
N MET A 314 23.10 35.98 26.70
CA MET A 314 24.46 35.51 26.95
C MET A 314 24.91 34.46 25.95
N HIS A 315 24.10 34.14 24.95
CA HIS A 315 24.56 33.33 23.83
C HIS A 315 25.17 34.17 22.72
N ILE A 316 24.53 35.29 22.38
CA ILE A 316 25.10 36.15 21.35
C ILE A 316 26.45 36.68 21.80
N LYS A 317 26.57 37.11 23.06
CA LYS A 317 27.88 37.53 23.53
C LYS A 317 28.86 36.37 23.66
N GLU A 318 28.37 35.13 23.65
CA GLU A 318 29.29 34.00 23.61
C GLU A 318 29.94 33.86 22.24
N VAL A 319 29.15 33.95 21.17
CA VAL A 319 29.70 33.72 19.83
C VAL A 319 30.32 34.98 19.22
N CYS A 320 30.40 36.07 19.97
CA CYS A 320 31.02 37.29 19.45
C CYS A 320 32.08 37.81 20.40
N THR A 327 27.78 38.51 12.74
CA THR A 327 27.44 37.64 13.86
C THR A 327 26.60 36.46 13.39
N LEU A 328 25.40 36.33 13.94
CA LEU A 328 24.48 35.30 13.48
C LEU A 328 24.09 35.56 12.03
N SER A 329 23.95 34.48 11.27
CA SER A 329 23.56 34.61 9.89
C SER A 329 22.10 35.02 9.78
N LEU A 330 21.73 35.49 8.59
CA LEU A 330 20.34 35.89 8.37
C LEU A 330 19.35 34.78 8.57
N PRO A 331 19.53 33.56 8.03
CA PRO A 331 18.53 32.52 8.30
C PRO A 331 18.39 32.18 9.77
N VAL A 332 19.48 32.19 10.52
CA VAL A 332 19.40 31.91 11.95
C VAL A 332 18.61 32.99 12.66
N ALA A 333 18.91 34.26 12.35
CA ALA A 333 18.17 35.35 12.95
C ALA A 333 16.70 35.31 12.58
N VAL A 334 16.38 34.98 11.33
CA VAL A 334 15.00 34.93 10.90
C VAL A 334 14.25 33.80 11.60
N ASP A 335 14.90 32.65 11.77
CA ASP A 335 14.24 31.57 12.51
C ASP A 335 14.00 31.94 13.97
N LEU A 336 14.97 32.59 14.61
CA LEU A 336 14.72 33.05 15.97
C LEU A 336 13.56 34.03 16.02
N MET A 337 13.52 34.97 15.07
CA MET A 337 12.45 35.94 15.06
C MET A 337 11.11 35.27 14.85
N LEU A 338 11.04 34.29 13.95
CA LEU A 338 9.79 33.58 13.71
C LEU A 338 9.33 32.83 14.95
N GLN A 339 10.25 32.15 15.63
CA GLN A 339 9.86 31.44 16.83
C GLN A 339 9.37 32.38 17.93
N ILE A 340 10.06 33.51 18.12
CA ILE A 340 9.64 34.46 19.13
C ILE A 340 8.27 35.05 18.77
N ALA A 341 8.07 35.38 17.50
CA ALA A 341 6.78 35.91 17.08
C ALA A 341 5.67 34.91 17.25
N LEU A 342 5.94 33.63 16.98
CA LEU A 342 4.94 32.59 17.21
C LEU A 342 4.61 32.46 18.68
N GLY A 343 5.61 32.56 19.56
CA GLY A 343 5.33 32.55 20.98
C GLY A 343 4.46 33.72 21.40
N MET A 344 4.82 34.93 20.97
CA MET A 344 4.04 36.08 21.38
C MET A 344 2.65 36.12 20.80
N GLU A 345 2.43 35.64 19.57
CA GLU A 345 1.05 35.63 19.09
C GLU A 345 0.20 34.67 19.89
N TYR A 346 0.79 33.58 20.39
CA TYR A 346 0.04 32.69 21.27
C TYR A 346 -0.27 33.37 22.59
N LEU A 347 0.72 34.04 23.18
CA LEU A 347 0.47 34.74 24.44
C LEU A 347 -0.60 35.81 24.28
N HIS A 348 -0.49 36.61 23.22
CA HIS A 348 -1.47 37.67 22.99
C HIS A 348 -2.84 37.10 22.71
N SER A 349 -2.91 35.93 22.07
CA SER A 349 -4.20 35.29 21.85
C SER A 349 -4.87 34.92 23.16
N LYS A 350 -4.08 34.73 24.22
CA LYS A 350 -4.61 34.39 25.54
C LYS A 350 -4.59 35.58 26.49
N ARG A 351 -4.70 36.79 25.95
CA ARG A 351 -4.98 38.00 26.70
C ARG A 351 -3.94 38.30 27.78
N ILE A 352 -2.75 37.71 27.69
CA ILE A 352 -1.67 38.00 28.61
C ILE A 352 -0.45 38.45 27.82
N TYR A 353 0.20 39.50 28.30
CA TYR A 353 1.24 40.17 27.53
C TYR A 353 2.54 40.17 28.33
N HIS A 354 3.65 39.91 27.67
CA HIS A 354 4.91 39.94 28.41
C HIS A 354 5.05 41.37 28.84
N GLY A 355 5.37 41.61 30.10
CA GLY A 355 5.50 42.99 30.56
C GLY A 355 6.62 43.67 29.83
N GLU A 356 7.79 43.03 29.83
CA GLU A 356 8.95 43.54 29.12
C GLU A 356 9.58 42.38 28.39
N LEU A 357 9.90 42.57 27.11
CA LEU A 357 10.54 41.51 26.35
C LEU A 357 11.97 41.96 26.09
N ASN A 358 12.91 41.16 26.53
CA ASN A 358 14.33 41.48 26.39
C ASN A 358 15.05 40.27 25.84
N PRO A 359 16.29 40.47 25.38
CA PRO A 359 17.11 39.37 24.87
C PRO A 359 17.38 38.36 25.98
N SER A 360 17.61 38.84 27.19
CA SER A 360 17.86 37.97 28.33
C SER A 360 16.66 37.07 28.60
N ASN A 361 15.45 37.61 28.45
CA ASN A 361 14.25 36.83 28.72
C ASN A 361 13.89 35.90 27.57
N ILE A 362 14.87 35.43 26.81
CA ILE A 362 14.64 34.48 25.73
C ILE A 362 15.64 33.36 25.89
N LEU A 363 15.19 32.23 26.43
CA LEU A 363 16.03 31.05 26.58
C LEU A 363 16.18 30.37 25.23
N VAL A 364 17.41 30.05 24.85
CA VAL A 364 17.67 29.37 23.60
C VAL A 364 18.40 28.08 23.87
N LYS A 365 18.21 27.13 22.97
CA LYS A 365 18.86 25.83 22.99
C LYS A 365 19.13 25.40 21.56
N PRO A 366 20.37 25.05 21.21
CA PRO A 366 20.67 24.70 19.83
C PRO A 366 19.89 23.46 19.38
N ARG A 367 19.75 23.34 18.07
CA ARG A 367 19.00 22.26 17.48
C ARG A 367 19.78 20.95 17.57
N SER A 368 19.31 19.95 16.83
CA SER A 368 19.99 18.66 16.79
C SER A 368 21.44 18.78 16.37
N ASN A 369 21.78 19.84 15.63
CA ASN A 369 23.09 20.10 15.02
C ASN A 369 23.37 19.18 13.85
N GLN A 370 22.54 18.16 13.63
CA GLN A 370 22.58 17.42 12.38
C GLN A 370 21.90 18.22 11.28
N SER A 371 20.95 19.07 11.64
CA SER A 371 20.22 19.86 10.66
C SER A 371 21.09 20.98 10.09
N GLY A 372 21.48 21.93 10.93
CA GLY A 372 22.24 23.06 10.42
C GLY A 372 23.27 23.53 11.42
N ASP A 373 24.05 24.51 10.99
CA ASP A 373 25.10 25.09 11.81
C ASP A 373 24.66 26.45 12.31
N GLY A 374 24.62 26.61 13.63
CA GLY A 374 24.21 27.85 14.24
C GLY A 374 22.72 28.02 14.40
N TYR A 375 21.92 27.11 13.87
CA TYR A 375 20.47 27.14 14.06
C TYR A 375 20.15 26.79 15.49
N LEU A 376 19.12 27.43 16.04
CA LEU A 376 18.78 27.22 17.43
C LEU A 376 17.35 27.65 17.66
N LEU A 377 16.65 26.93 18.53
CA LEU A 377 15.27 27.23 18.86
C LEU A 377 15.21 27.85 20.25
N GLY A 378 14.44 28.91 20.38
CA GLY A 378 14.39 29.69 21.60
C GLY A 378 12.97 29.81 22.11
N LYS A 379 12.84 29.95 23.42
CA LYS A 379 11.56 30.15 24.08
C LYS A 379 11.61 31.41 24.92
N ILE A 380 10.45 31.84 25.37
CA ILE A 380 10.29 33.06 26.14
C ILE A 380 9.70 32.70 27.50
N PHE A 381 10.18 33.34 28.56
CA PHE A 381 9.72 33.05 29.90
C PHE A 381 9.64 34.32 30.71
N GLY A 382 9.06 34.20 31.90
CA GLY A 382 8.92 35.32 32.80
C GLY A 382 7.69 36.17 32.56
N PHE A 383 6.86 35.81 31.59
CA PHE A 383 5.65 36.59 31.32
C PHE A 383 4.69 36.57 32.50
N GLY A 384 4.53 35.43 33.15
CA GLY A 384 3.55 35.32 34.21
C GLY A 384 3.99 35.97 35.50
N LEU A 385 3.02 36.17 36.38
CA LEU A 385 3.25 36.78 37.69
C LEU A 385 4.06 38.05 37.58
N ASN A 386 3.51 39.02 36.86
CA ASN A 386 4.14 40.34 36.77
C ASN A 386 4.31 40.95 38.16
N SER A 387 3.28 40.87 38.99
CA SER A 387 3.41 41.28 40.38
C SER A 387 4.22 40.26 41.16
N VAL A 388 5.05 40.75 42.08
CA VAL A 388 5.91 39.92 42.91
C VAL A 388 6.83 39.05 42.06
N PRO A 406 18.91 48.56 30.62
CA PRO A 406 17.93 49.37 31.36
C PRO A 406 16.80 49.90 30.47
N PHE A 407 16.69 51.23 30.36
CA PHE A 407 15.59 51.88 29.67
C PHE A 407 15.86 51.91 28.16
N ILE A 408 15.76 50.74 27.54
CA ILE A 408 15.93 50.58 26.11
C ILE A 408 14.75 49.83 25.49
N TRP A 409 14.48 48.63 26.00
CA TRP A 409 13.48 47.77 25.37
C TRP A 409 12.07 48.28 25.62
N TYR A 410 11.92 49.25 26.51
CA TYR A 410 10.60 49.82 26.78
C TYR A 410 10.12 50.63 25.59
N SER A 411 8.82 50.57 25.33
CA SER A 411 8.23 51.39 24.30
C SER A 411 8.24 52.86 24.73
N PRO A 412 8.24 53.79 23.77
CA PRO A 412 8.38 55.21 24.13
C PRO A 412 7.33 55.70 25.12
N GLU A 413 6.05 55.46 24.85
CA GLU A 413 5.02 55.96 25.76
C GLU A 413 5.16 55.33 27.14
N VAL A 414 5.50 54.05 27.20
CA VAL A 414 5.79 53.44 28.50
C VAL A 414 7.06 54.04 29.08
N LEU A 415 8.03 54.36 28.23
CA LEU A 415 9.27 54.94 28.72
C LEU A 415 9.04 56.32 29.33
N GLU A 416 8.03 57.04 28.83
CA GLU A 416 7.67 58.33 29.38
C GLU A 416 6.55 58.24 30.41
N GLU A 417 6.52 57.15 31.18
CA GLU A 417 5.51 56.99 32.23
C GLU A 417 6.05 57.52 33.54
N GLN A 418 5.53 58.68 33.97
CA GLN A 418 5.88 59.25 35.27
C GLN A 418 4.68 59.24 36.21
N LYS A 428 1.18 50.22 29.66
CA LYS A 428 1.12 49.26 30.76
C LYS A 428 0.83 47.85 30.26
N TYR A 429 1.88 47.14 29.86
CA TYR A 429 1.77 45.76 29.37
C TYR A 429 0.81 45.66 28.19
N SER A 430 0.74 46.71 27.37
CA SER A 430 -0.18 46.69 26.25
C SER A 430 0.31 45.72 25.18
N ASP A 431 -0.61 45.23 24.35
CA ASP A 431 -0.24 44.32 23.28
C ASP A 431 0.73 44.94 22.29
N LYS A 432 0.71 46.27 22.14
CA LYS A 432 1.62 46.95 21.23
C LYS A 432 2.90 47.41 21.91
N SER A 433 2.93 47.45 23.24
CA SER A 433 4.11 47.91 23.94
C SER A 433 5.25 46.91 23.92
N ASP A 434 4.96 45.64 23.66
CA ASP A 434 6.01 44.64 23.51
C ASP A 434 6.29 44.28 22.07
N VAL A 435 5.40 44.62 21.14
CA VAL A 435 5.76 44.55 19.72
C VAL A 435 6.93 45.48 19.44
N TYR A 436 6.92 46.66 20.07
CA TYR A 436 8.09 47.52 20.03
C TYR A 436 9.30 46.80 20.57
N SER A 437 9.15 46.10 21.69
CA SER A 437 10.26 45.35 22.26
C SER A 437 10.73 44.25 21.30
N PHE A 438 9.80 43.56 20.66
CA PHE A 438 10.20 42.50 19.74
C PHE A 438 10.98 43.07 18.58
N GLY A 439 10.53 44.19 18.02
CA GLY A 439 11.31 44.87 17.00
C GLY A 439 12.65 45.33 17.49
N MET A 440 12.74 45.73 18.75
CA MET A 440 14.00 46.17 19.34
C MET A 440 14.99 45.00 19.40
N VAL A 441 14.51 43.85 19.88
CA VAL A 441 15.31 42.63 19.90
C VAL A 441 15.63 42.18 18.49
N SER A 442 14.71 42.39 17.55
CA SER A 442 14.96 42.08 16.15
C SER A 442 16.16 42.84 15.62
N PHE A 443 16.25 44.14 15.93
CA PHE A 443 17.45 44.89 15.58
C PHE A 443 18.69 44.27 16.21
N GLU A 444 18.57 43.87 17.48
CA GLU A 444 19.71 43.27 18.17
C GLU A 444 20.17 41.99 17.47
N LEU A 445 19.23 41.14 17.05
CA LEU A 445 19.60 39.91 16.36
C LEU A 445 20.31 40.19 15.04
N LEU A 446 19.80 41.15 14.26
CA LEU A 446 20.39 41.43 12.96
C LEU A 446 21.80 42.00 13.10
N THR A 447 21.92 43.16 13.73
CA THR A 447 23.23 43.80 13.79
C THR A 447 24.17 43.07 14.74
N GLY A 448 23.63 42.24 15.64
CA GLY A 448 24.47 41.51 16.58
C GLY A 448 25.02 42.34 17.69
N LYS A 449 24.74 43.64 17.72
CA LYS A 449 25.22 44.55 18.74
C LYS A 449 24.07 44.97 19.63
N VAL A 450 24.35 45.18 20.91
CA VAL A 450 23.33 45.78 21.78
C VAL A 450 23.04 47.19 21.28
N PRO A 451 21.79 47.60 21.20
CA PRO A 451 21.47 48.88 20.56
C PRO A 451 21.95 50.07 21.38
N PHE A 452 22.07 51.21 20.70
CA PHE A 452 22.54 52.45 21.30
C PHE A 452 23.94 52.28 21.89
N GLU A 453 24.78 51.52 21.18
CA GLU A 453 26.20 51.50 21.50
C GLU A 453 26.82 52.87 21.26
N ASP A 454 26.44 53.52 20.15
CA ASP A 454 27.01 54.83 19.81
C ASP A 454 26.59 55.91 20.80
N SER A 455 25.32 55.90 21.23
CA SER A 455 24.80 56.92 22.13
C SER A 455 25.29 56.74 23.56
N HIS A 456 26.26 55.84 23.79
CA HIS A 456 26.75 55.58 25.14
C HIS A 456 27.31 56.83 25.79
N LEU A 457 27.69 57.84 24.99
CA LEU A 457 28.16 59.09 25.56
C LEU A 457 27.09 59.77 26.40
N GLN A 458 25.86 59.78 25.90
CA GLN A 458 24.76 60.39 26.63
C GLN A 458 24.42 59.57 27.87
N GLY A 459 24.19 60.26 28.98
CA GLY A 459 23.78 59.60 30.20
C GLY A 459 22.36 59.95 30.58
N ASP A 460 21.45 58.99 30.41
CA ASP A 460 20.03 59.12 30.72
C ASP A 460 19.32 60.13 29.82
N LYS A 461 20.04 60.80 28.93
CA LYS A 461 19.41 61.61 27.91
C LYS A 461 18.73 60.77 26.84
N MET A 462 19.09 59.48 26.75
CA MET A 462 18.39 58.57 25.86
C MET A 462 16.89 58.55 26.14
N SER A 463 16.52 58.64 27.41
CA SER A 463 15.10 58.56 27.78
C SER A 463 14.29 59.66 27.10
N ARG A 464 14.79 60.89 27.09
CA ARG A 464 14.14 61.94 26.33
C ARG A 464 14.31 61.77 24.83
N ASN A 465 15.43 61.22 24.39
CA ASN A 465 15.67 61.03 22.96
C ASN A 465 14.67 60.05 22.35
N ILE A 466 14.33 58.98 23.07
CA ILE A 466 13.40 57.99 22.53
C ILE A 466 12.03 58.61 22.32
N ARG A 467 11.65 59.55 23.19
CA ARG A 467 10.41 60.27 22.98
C ARG A 467 10.42 60.99 21.65
N ALA A 468 11.52 61.66 21.32
CA ALA A 468 11.71 62.19 19.99
C ALA A 468 11.88 61.03 19.01
N GLY A 469 11.65 61.30 17.74
CA GLY A 469 11.71 60.23 16.76
C GLY A 469 13.13 59.79 16.46
N GLU A 470 13.83 59.24 17.45
CA GLU A 470 15.17 58.74 17.27
C GLU A 470 15.20 57.25 17.61
N ARG A 471 15.70 56.45 16.68
CA ARG A 471 15.83 55.02 16.80
C ARG A 471 17.22 54.60 16.35
N PRO A 472 17.72 53.46 16.82
CA PRO A 472 19.07 53.03 16.42
C PRO A 472 19.14 52.79 14.92
N LEU A 473 20.29 53.08 14.33
CA LEU A 473 20.46 52.99 12.90
C LEU A 473 21.16 51.69 12.51
N PHE A 474 20.68 51.10 11.43
CA PHE A 474 21.21 49.85 10.92
C PHE A 474 22.49 50.08 10.13
N PRO A 475 23.32 49.07 10.00
CA PRO A 475 24.36 49.11 8.96
C PRO A 475 23.72 49.00 7.59
N PHE A 476 24.36 49.63 6.61
CA PHE A 476 23.79 49.67 5.26
C PHE A 476 23.78 48.30 4.61
N ASN A 477 24.67 47.40 5.06
CA ASN A 477 24.73 46.06 4.48
C ASN A 477 23.45 45.26 4.71
N SER A 478 22.70 45.57 5.77
CA SER A 478 21.54 44.77 6.10
C SER A 478 20.49 44.86 5.00
N PRO A 479 19.86 43.74 4.64
CA PRO A 479 18.91 43.74 3.52
C PRO A 479 17.67 44.56 3.84
N LYS A 480 17.09 45.12 2.79
CA LYS A 480 15.98 46.05 2.96
C LYS A 480 14.75 45.34 3.51
N PHE A 481 14.45 44.14 3.03
CA PHE A 481 13.17 43.51 3.32
C PHE A 481 13.04 43.20 4.81
N ILE A 482 14.11 42.69 5.41
CA ILE A 482 14.08 42.31 6.81
C ILE A 482 13.94 43.54 7.69
N THR A 483 14.78 44.56 7.47
CA THR A 483 14.82 45.71 8.35
C THR A 483 13.58 46.58 8.29
N ASN A 484 12.70 46.36 7.31
CA ASN A 484 11.47 47.15 7.25
C ASN A 484 10.54 46.79 8.41
N LEU A 485 10.61 45.55 8.87
CA LEU A 485 9.86 45.17 10.07
C LEU A 485 10.34 45.96 11.28
N THR A 486 11.65 46.10 11.44
CA THR A 486 12.16 46.87 12.56
C THR A 486 11.75 48.33 12.47
N LYS A 487 11.80 48.92 11.28
CA LYS A 487 11.28 50.28 11.13
C LYS A 487 9.79 50.36 11.44
N ARG A 488 9.03 49.30 11.17
CA ARG A 488 7.59 49.42 11.35
C ARG A 488 7.20 49.10 12.79
N CYS A 489 7.98 48.29 13.48
CA CYS A 489 7.75 48.07 14.90
C CYS A 489 8.24 49.25 15.73
N TRP A 490 9.24 49.98 15.21
CA TRP A 490 9.75 51.16 15.88
C TRP A 490 8.80 52.33 15.82
N HIS A 491 7.75 52.25 15.02
CA HIS A 491 6.96 53.42 14.69
C HIS A 491 6.43 54.09 15.94
N ALA A 492 6.49 55.43 15.96
CA ALA A 492 6.10 56.17 17.15
C ALA A 492 4.62 55.96 17.48
N ASP A 493 3.77 55.95 16.45
CA ASP A 493 2.35 55.77 16.69
C ASP A 493 2.09 54.34 17.16
N PRO A 494 1.51 54.17 18.35
CA PRO A 494 1.27 52.80 18.83
C PRO A 494 0.36 51.99 17.93
N ASN A 495 -0.59 52.63 17.26
CA ASN A 495 -1.56 51.89 16.45
C ASN A 495 -0.89 51.26 15.24
N GLN A 496 0.09 51.94 14.65
CA GLN A 496 0.60 51.51 13.35
C GLN A 496 1.52 50.30 13.47
N ARG A 497 1.96 49.98 14.68
CA ARG A 497 2.78 48.79 14.84
C ARG A 497 1.96 47.55 14.49
N PRO A 498 2.49 46.66 13.65
CA PRO A 498 1.73 45.47 13.27
C PRO A 498 1.58 44.51 14.43
N THR A 499 0.47 43.76 14.41
CA THR A 499 0.26 42.74 15.42
C THR A 499 1.22 41.59 15.19
N PHE A 500 1.30 40.71 16.18
CA PHE A 500 2.19 39.57 16.06
C PHE A 500 1.68 38.54 15.07
N SER A 501 0.36 38.38 14.93
CA SER A 501 -0.17 37.49 13.92
C SER A 501 0.16 37.98 12.51
N SER A 502 0.49 39.26 12.35
CA SER A 502 0.94 39.77 11.06
C SER A 502 2.45 39.72 10.93
N ILE A 503 3.18 40.00 12.01
CA ILE A 503 4.63 39.89 11.94
C ILE A 503 5.07 38.47 11.65
N SER A 504 4.40 37.47 12.23
CA SER A 504 4.78 36.09 11.98
C SER A 504 4.63 35.74 10.50
N ARG A 505 3.49 36.07 9.91
CA ARG A 505 3.26 35.70 8.52
C ARG A 505 4.05 36.56 7.55
N ILE A 506 4.54 37.73 7.97
CA ILE A 506 5.56 38.41 7.19
C ILE A 506 6.87 37.65 7.27
N LEU A 507 7.26 37.23 8.48
CA LEU A 507 8.56 36.61 8.68
C LEU A 507 8.68 35.29 7.94
N ARG A 508 7.63 34.45 7.97
CA ARG A 508 7.77 33.19 7.27
C ARG A 508 7.84 33.35 5.76
N TYR A 509 7.24 34.42 5.22
CA TYR A 509 7.41 34.70 3.80
C TYR A 509 8.80 35.24 3.48
N ILE A 510 9.37 36.05 4.36
CA ILE A 510 10.77 36.43 4.17
C ILE A 510 11.68 35.22 4.27
N LYS A 511 11.35 34.26 5.12
CA LYS A 511 12.11 33.02 5.16
C LYS A 511 12.00 32.27 3.84
N ARG A 512 10.82 32.29 3.21
CA ARG A 512 10.68 31.68 1.90
C ARG A 512 11.60 32.33 0.88
N PHE A 513 11.58 33.66 0.79
CA PHE A 513 12.46 34.33 -0.15
C PHE A 513 13.92 34.05 0.18
N LEU A 514 14.27 34.06 1.46
CA LEU A 514 15.65 33.80 1.85
C LEU A 514 16.05 32.36 1.55
N ALA A 515 15.07 31.49 1.34
CA ALA A 515 15.37 30.10 1.01
C ALA A 515 15.61 29.91 -0.48
N LEU A 516 14.88 30.66 -1.32
CA LEU A 516 15.01 30.49 -2.75
C LEU A 516 16.41 30.85 -3.25
N ASN A 517 16.92 32.01 -2.83
CA ASN A 517 18.21 32.48 -3.28
C ASN A 517 19.19 32.59 -2.12
N PRO A 518 19.99 31.57 -1.86
CA PRO A 518 20.94 31.63 -0.74
C PRO A 518 21.91 32.79 -0.84
N GLU A 519 22.27 33.22 -2.05
CA GLU A 519 23.31 34.22 -2.22
C GLU A 519 22.94 35.54 -1.55
N CYS A 520 21.65 35.73 -1.26
CA CYS A 520 21.21 36.96 -0.60
C CYS A 520 21.88 37.14 0.75
N TYR A 521 21.96 36.07 1.55
CA TYR A 521 22.46 36.21 2.90
C TYR A 521 23.95 35.92 3.00
N SER A 522 24.47 35.08 2.10
CA SER A 522 25.88 34.72 2.14
C SER A 522 26.71 35.62 1.23
N SER A 529 22.25 44.09 -5.40
CA SER A 529 20.94 44.06 -4.77
C SER A 529 20.18 42.79 -5.12
N ILE A 530 19.99 41.93 -4.12
CA ILE A 530 19.37 40.62 -4.32
C ILE A 530 17.96 40.67 -3.74
N ALA A 531 17.64 41.77 -3.06
CA ALA A 531 16.36 41.96 -2.39
C ALA A 531 15.21 41.97 -3.39
N PRO A 532 14.00 41.59 -2.97
CA PRO A 532 12.87 41.58 -3.88
C PRO A 532 12.41 42.99 -4.23
N THR A 533 11.32 43.05 -5.01
CA THR A 533 10.80 44.32 -5.48
C THR A 533 9.84 44.92 -4.47
N VAL A 534 8.79 44.18 -4.12
CA VAL A 534 7.70 44.73 -3.31
C VAL A 534 8.12 44.75 -1.84
N ASP A 535 7.63 45.74 -1.10
CA ASP A 535 7.77 45.75 0.35
C ASP A 535 6.72 44.81 0.94
N TYR A 536 7.18 43.90 1.81
CA TYR A 536 6.28 42.88 2.33
C TYR A 536 5.24 43.48 3.27
N CYS A 537 5.62 44.52 4.01
CA CYS A 537 4.68 45.16 4.92
C CYS A 537 3.50 45.74 4.16
N GLU A 538 3.76 46.27 2.98
CA GLU A 538 2.72 46.82 2.13
C GLU A 538 1.76 45.71 1.77
N ILE A 539 2.30 44.53 1.50
CA ILE A 539 1.49 43.38 1.16
C ILE A 539 0.58 43.02 2.32
N GLU A 540 1.12 43.06 3.53
CA GLU A 540 0.33 42.73 4.72
C GLU A 540 -0.81 43.72 4.89
N THR A 541 -0.54 44.99 4.67
CA THR A 541 -1.58 45.99 4.80
C THR A 541 -2.68 45.73 3.78
N LYS A 542 -2.29 45.34 2.57
CA LYS A 542 -3.28 45.04 1.54
C LYS A 542 -4.13 43.84 1.91
N LEU A 543 -3.50 42.77 2.38
CA LEU A 543 -4.20 41.52 2.64
C LEU A 543 -5.04 41.57 3.90
N LEU A 544 -4.68 42.39 4.88
CA LEU A 544 -5.51 42.50 6.07
C LEU A 544 -6.91 43.01 5.75
N GLN A 545 -7.01 44.04 4.93
CA GLN A 545 -8.33 44.53 4.57
C GLN A 545 -8.99 43.64 3.52
N LYS A 546 -8.22 43.09 2.58
CA LYS A 546 -8.81 42.29 1.52
C LYS A 546 -9.37 40.98 2.05
N LEU A 547 -8.63 40.32 2.96
CA LEU A 547 -8.99 38.99 3.40
C LEU A 547 -9.53 38.94 4.82
N SER A 548 -9.50 40.05 5.55
CA SER A 548 -9.99 40.12 6.92
C SER A 548 -9.25 39.13 7.82
N TRP A 549 -7.92 39.20 7.75
CA TRP A 549 -7.08 38.37 8.61
C TRP A 549 -7.04 38.86 10.05
N GLU A 550 -7.43 40.12 10.30
CA GLU A 550 -7.43 40.65 11.65
C GLU A 550 -8.56 40.09 12.50
N SER A 551 -9.49 39.33 11.90
CA SER A 551 -10.59 38.76 12.66
C SER A 551 -10.08 37.75 13.69
N THR A 552 -9.03 37.01 13.35
CA THR A 552 -8.48 35.98 14.21
C THR A 552 -7.19 36.48 14.85
N GLU A 553 -7.13 36.39 16.18
CA GLU A 553 -5.90 36.76 16.89
C GLU A 553 -4.79 35.76 16.62
N LEU A 554 -5.12 34.46 16.62
CA LEU A 554 -4.14 33.40 16.40
C LEU A 554 -4.49 32.64 15.14
N THR A 555 -3.46 32.22 14.40
CA THR A 555 -3.64 31.52 13.15
C THR A 555 -3.35 30.03 13.35
N LYS A 556 -4.35 29.20 13.06
CA LYS A 556 -4.16 27.76 13.11
C LYS A 556 -3.27 27.29 11.98
N VAL A 557 -2.62 26.15 12.20
CA VAL A 557 -1.54 25.71 11.32
C VAL A 557 -2.05 25.33 9.94
N SER A 558 -3.31 24.90 9.85
CA SER A 558 -3.87 24.52 8.57
C SER A 558 -3.99 25.70 7.62
N GLN A 559 -3.85 26.93 8.13
CA GLN A 559 -3.96 28.13 7.31
C GLN A 559 -2.62 28.63 6.81
N VAL A 560 -1.51 28.02 7.21
CA VAL A 560 -0.19 28.56 6.86
C VAL A 560 0.06 28.54 5.36
N PRO A 561 -0.13 27.43 4.63
CA PRO A 561 0.17 27.47 3.19
C PRO A 561 -0.70 28.45 2.43
N PHE A 562 -1.96 28.64 2.83
CA PHE A 562 -2.79 29.60 2.15
C PHE A 562 -2.25 31.01 2.30
N GLN A 563 -1.79 31.36 3.50
CA GLN A 563 -1.23 32.69 3.70
C GLN A 563 0.02 32.91 2.86
N MET A 564 0.93 31.93 2.83
CA MET A 564 2.11 32.08 1.98
C MET A 564 1.73 32.09 0.52
N PHE A 565 0.59 31.49 0.17
CA PHE A 565 0.12 31.54 -1.21
C PHE A 565 -0.48 32.90 -1.55
N ALA A 566 -1.24 33.48 -0.62
CA ALA A 566 -1.82 34.80 -0.86
C ALA A 566 -0.75 35.86 -1.02
N TYR A 567 0.34 35.76 -0.25
CA TYR A 567 1.42 36.71 -0.42
C TYR A 567 2.00 36.65 -1.82
N ARG A 568 2.21 35.43 -2.33
CA ARG A 568 2.78 35.27 -3.67
C ARG A 568 1.84 35.81 -4.73
N VAL A 569 0.53 35.67 -4.53
CA VAL A 569 -0.42 36.21 -5.48
C VAL A 569 -0.28 37.73 -5.55
N VAL A 570 -0.14 38.39 -4.40
CA VAL A 570 -0.04 39.85 -4.39
C VAL A 570 1.25 40.30 -5.04
N GLU A 571 2.36 39.58 -4.85
CA GLU A 571 3.57 39.95 -5.58
C GLU A 571 3.36 39.82 -7.08
N ARG A 572 2.80 38.70 -7.52
CA ARG A 572 2.64 38.48 -8.96
C ARG A 572 1.76 39.54 -9.58
N ALA A 573 0.69 39.94 -8.90
CA ALA A 573 -0.15 41.03 -9.39
C ALA A 573 0.59 42.35 -9.43
N LYS A 574 1.68 42.48 -8.67
CA LYS A 574 2.42 43.74 -8.58
C LYS A 574 3.75 43.68 -9.33
N THR A 575 3.89 42.79 -10.31
CA THR A 575 5.09 42.80 -11.14
C THR A 575 5.12 44.03 -12.02
N CYS A 576 3.97 44.43 -12.55
CA CYS A 576 3.84 45.60 -13.43
C CYS A 576 4.79 45.52 -14.62
N MET B 1 18.24 -2.35 17.35
CA MET B 1 18.18 -0.95 16.93
C MET B 1 19.58 -0.41 16.72
N ASP B 2 19.65 0.78 16.10
CA ASP B 2 20.88 1.49 15.79
C ASP B 2 21.66 0.84 14.65
N GLN B 3 21.23 -0.33 14.23
CA GLN B 3 21.72 -0.96 13.00
C GLN B 3 20.50 -1.16 12.12
N PHE B 4 19.40 -1.55 12.76
CA PHE B 4 18.12 -1.71 12.06
C PHE B 4 17.65 -0.40 11.47
N ARG B 5 17.76 0.69 12.24
CA ARG B 5 17.38 1.99 11.73
C ARG B 5 18.27 2.43 10.58
N GLU B 6 19.56 2.10 10.64
CA GLU B 6 20.45 2.44 9.53
C GLU B 6 20.06 1.67 8.27
N ILE B 7 19.68 0.41 8.41
CA ILE B 7 19.16 -0.34 7.26
C ILE B 7 17.91 0.33 6.71
N GLY B 8 17.01 0.75 7.59
CA GLY B 8 15.82 1.43 7.13
C GLY B 8 16.15 2.68 6.34
N GLU B 9 17.14 3.44 6.81
CA GLU B 9 17.44 4.71 6.14
C GLU B 9 18.15 4.47 4.82
N VAL B 10 19.01 3.45 4.74
CA VAL B 10 19.66 3.15 3.46
C VAL B 10 18.62 2.66 2.46
N LEU B 11 17.64 1.89 2.93
CA LEU B 11 16.56 1.45 2.06
C LEU B 11 15.73 2.63 1.59
N GLY B 12 15.47 3.59 2.47
CA GLY B 12 14.79 4.81 2.04
C GLY B 12 15.58 5.59 1.02
N SER B 13 16.90 5.62 1.17
CA SER B 13 17.75 6.26 0.17
C SER B 13 17.61 5.59 -1.18
N ILE B 14 17.59 4.26 -1.19
CA ILE B 14 17.42 3.53 -2.45
C ILE B 14 16.07 3.85 -3.06
N ARG B 15 15.02 3.94 -2.24
CA ARG B 15 13.70 4.28 -2.76
C ARG B 15 13.70 5.68 -3.38
N ALA B 16 14.36 6.63 -2.71
CA ALA B 16 14.45 7.98 -3.25
C ALA B 16 15.18 7.98 -4.59
N LEU B 17 16.26 7.21 -4.69
CA LEU B 17 16.97 7.10 -5.96
C LEU B 17 16.08 6.50 -7.03
N MET B 18 15.32 5.47 -6.68
CA MET B 18 14.51 4.74 -7.64
C MET B 18 13.25 5.50 -8.01
N VAL B 19 12.96 6.61 -7.35
CA VAL B 19 11.86 7.48 -7.81
C VAL B 19 12.04 7.81 -9.28
N PHE B 20 13.25 8.21 -9.67
CA PHE B 20 13.56 8.46 -11.07
C PHE B 20 13.90 7.15 -11.77
N LYS B 21 12.91 6.26 -11.79
CA LYS B 21 13.11 4.91 -12.26
C LYS B 21 13.31 4.88 -13.77
N ASP B 22 12.56 5.69 -14.51
CA ASP B 22 12.60 5.61 -15.96
C ASP B 22 13.91 6.12 -16.52
N SER B 23 14.70 6.83 -15.71
CA SER B 23 16.00 7.31 -16.20
C SER B 23 16.98 6.16 -16.34
N ILE B 24 16.70 5.02 -15.71
CA ILE B 24 17.53 3.84 -15.92
C ILE B 24 17.17 3.22 -17.26
N GLN B 25 18.17 3.01 -18.10
CA GLN B 25 17.94 2.52 -19.46
C GLN B 25 18.10 1.01 -19.58
N ILE B 26 18.89 0.41 -18.70
CA ILE B 26 19.27 -1.00 -18.86
C ILE B 26 18.88 -1.87 -17.67
N ASN B 27 18.84 -1.33 -16.45
CA ASN B 27 18.64 -2.13 -15.26
C ASN B 27 17.32 -1.81 -14.55
N GLN B 28 16.31 -1.34 -15.27
CA GLN B 28 15.07 -0.97 -14.60
C GLN B 28 14.45 -2.18 -13.91
N ARG B 29 14.43 -3.32 -14.59
CA ARG B 29 13.86 -4.52 -13.99
C ARG B 29 14.72 -5.04 -12.85
N GLN B 30 16.05 -5.05 -13.03
CA GLN B 30 16.92 -5.54 -11.97
C GLN B 30 16.91 -4.62 -10.77
N CYS B 31 16.91 -3.30 -10.99
CA CYS B 31 16.82 -2.37 -9.87
C CYS B 31 15.49 -2.50 -9.15
N SER B 32 14.40 -2.67 -9.91
CA SER B 32 13.11 -2.90 -9.27
C SER B 32 13.12 -4.19 -8.46
N LEU B 33 13.76 -5.24 -8.96
CA LEU B 33 13.84 -6.48 -8.18
C LEU B 33 14.66 -6.29 -6.92
N LEU B 34 15.77 -5.55 -6.99
CA LEU B 34 16.53 -5.27 -5.79
C LEU B 34 15.70 -4.52 -4.77
N LEU B 35 14.96 -3.50 -5.21
CA LEU B 35 14.12 -2.78 -4.27
C LEU B 35 13.04 -3.69 -3.67
N ASP B 36 12.40 -4.50 -4.51
CA ASP B 36 11.32 -5.35 -4.04
C ASP B 36 11.80 -6.46 -3.12
N LEU B 37 13.07 -6.86 -3.21
CA LEU B 37 13.60 -7.84 -2.27
C LEU B 37 14.10 -7.19 -0.99
N PHE B 38 14.78 -6.05 -1.09
CA PHE B 38 15.21 -5.38 0.13
C PHE B 38 14.01 -4.97 0.97
N THR B 39 12.95 -4.48 0.32
CA THR B 39 11.76 -4.11 1.07
C THR B 39 11.13 -5.31 1.74
N ALA B 40 11.06 -6.45 1.05
CA ALA B 40 10.46 -7.64 1.65
C ALA B 40 11.29 -8.17 2.80
N ALA B 41 12.62 -8.19 2.65
CA ALA B 41 13.48 -8.60 3.75
C ALA B 41 13.32 -7.68 4.96
N TYR B 42 13.26 -6.38 4.72
CA TYR B 42 13.05 -5.43 5.79
C TYR B 42 11.70 -5.63 6.47
N GLU B 43 10.64 -5.87 5.70
CA GLU B 43 9.33 -6.12 6.28
C GLU B 43 9.36 -7.37 7.16
N SER B 44 9.94 -8.46 6.67
CA SER B 44 9.98 -9.67 7.46
C SER B 44 10.81 -9.49 8.72
N ILE B 45 11.95 -8.81 8.62
CA ILE B 45 12.78 -8.59 9.80
C ILE B 45 12.04 -7.74 10.82
N SER B 46 11.36 -6.68 10.37
CA SER B 46 10.61 -5.85 11.30
C SER B 46 9.48 -6.63 11.97
N VAL B 47 8.77 -7.46 11.22
CA VAL B 47 7.69 -8.25 11.81
C VAL B 47 8.26 -9.22 12.83
N SER B 48 9.38 -9.87 12.51
CA SER B 48 9.95 -10.83 13.44
C SER B 48 10.54 -10.17 14.68
N MET B 49 10.98 -8.92 14.58
CA MET B 49 11.40 -8.21 15.79
C MET B 49 10.22 -7.74 16.63
N ARG B 50 9.16 -7.30 15.98
CA ARG B 50 7.93 -6.99 16.71
C ARG B 50 7.44 -8.19 17.49
N SER B 51 7.33 -9.34 16.83
CA SER B 51 6.74 -10.50 17.48
C SER B 51 7.65 -11.07 18.57
N ASN B 52 8.97 -11.03 18.38
CA ASN B 52 9.86 -11.77 19.24
C ASN B 52 10.49 -10.93 20.34
N LEU B 53 10.93 -9.72 20.02
CA LEU B 53 11.80 -8.97 20.90
C LEU B 53 11.02 -7.92 21.69
N ARG B 54 11.59 -7.54 22.83
CA ARG B 54 11.02 -6.52 23.70
C ARG B 54 11.89 -5.27 23.64
N PHE B 55 11.26 -4.12 23.40
CA PHE B 55 11.99 -2.88 23.25
C PHE B 55 12.54 -2.35 24.57
N LYS B 56 11.93 -2.70 25.69
CA LYS B 56 12.42 -2.21 26.99
C LYS B 56 13.86 -2.65 27.22
N GLU B 57 14.23 -3.82 26.72
CA GLU B 57 15.57 -4.37 26.87
C GLU B 57 16.45 -4.10 25.66
N LYS B 58 16.26 -2.94 25.03
CA LYS B 58 16.97 -2.62 23.80
C LYS B 58 18.48 -2.61 23.99
N ASN B 59 18.95 -2.01 25.08
CA ASN B 59 20.36 -1.68 25.21
C ASN B 59 21.20 -2.82 25.78
N THR B 60 20.59 -3.84 26.35
CA THR B 60 21.34 -4.89 27.03
C THR B 60 21.24 -6.25 26.35
N LYS B 61 20.05 -6.67 25.94
CA LYS B 61 19.85 -8.02 25.44
C LYS B 61 19.80 -8.09 23.92
N TRP B 62 20.17 -7.03 23.21
CA TRP B 62 20.21 -7.05 21.76
C TRP B 62 21.62 -7.03 21.22
N LYS B 63 22.62 -7.33 22.06
CA LYS B 63 24.00 -7.30 21.62
C LYS B 63 24.28 -8.33 20.53
N ILE B 64 23.52 -9.41 20.46
CA ILE B 64 23.76 -10.44 19.47
C ILE B 64 23.30 -10.03 18.08
N LEU B 65 22.35 -9.10 17.97
CA LEU B 65 21.85 -8.67 16.67
C LEU B 65 22.73 -7.65 15.98
N GLU B 66 23.79 -7.17 16.64
CA GLU B 66 24.56 -6.07 16.07
C GLU B 66 25.23 -6.49 14.77
N GLN B 67 25.92 -7.62 14.76
CA GLN B 67 26.71 -7.97 13.59
C GLN B 67 25.90 -8.53 12.43
N PRO B 68 24.91 -9.40 12.61
CA PRO B 68 24.08 -9.79 11.46
C PRO B 68 23.39 -8.60 10.81
N LEU B 69 22.91 -7.66 11.62
CA LEU B 69 22.29 -6.47 11.07
C LEU B 69 23.32 -5.58 10.39
N ARG B 70 24.54 -5.55 10.90
CA ARG B 70 25.61 -4.85 10.19
C ARG B 70 25.84 -5.45 8.82
N GLU B 71 25.87 -6.77 8.73
CA GLU B 71 26.11 -7.41 7.45
C GLU B 71 24.97 -7.16 6.47
N LEU B 72 23.72 -7.19 6.94
CA LEU B 72 22.62 -6.80 6.08
C LEU B 72 22.68 -5.34 5.68
N LEU B 73 23.13 -4.47 6.58
CA LEU B 73 23.36 -3.08 6.23
C LEU B 73 24.36 -2.96 5.09
N TRP B 74 25.45 -3.72 5.17
CA TRP B 74 26.44 -3.70 4.11
C TRP B 74 25.87 -4.18 2.79
N VAL B 75 25.07 -5.23 2.82
CA VAL B 75 24.45 -5.73 1.59
C VAL B 75 23.55 -4.67 0.98
N VAL B 76 22.73 -4.02 1.80
CA VAL B 76 21.85 -2.98 1.27
C VAL B 76 22.66 -1.79 0.77
N ARG B 77 23.75 -1.44 1.45
CA ARG B 77 24.59 -0.34 0.98
C ARG B 77 25.27 -0.66 -0.34
N GLU B 78 25.57 -1.92 -0.60
CA GLU B 78 26.06 -2.30 -1.92
C GLU B 78 24.95 -2.28 -2.97
N GLY B 79 23.74 -2.67 -2.61
CA GLY B 79 22.63 -2.51 -3.52
C GLY B 79 22.41 -1.06 -3.91
N GLU B 80 22.56 -0.15 -2.96
CA GLU B 80 22.42 1.27 -3.27
C GLU B 80 23.49 1.74 -4.24
N ALA B 81 24.73 1.29 -4.05
CA ALA B 81 25.78 1.62 -5.00
C ALA B 81 25.48 1.06 -6.38
N TYR B 82 24.93 -0.15 -6.45
CA TYR B 82 24.54 -0.71 -7.74
C TYR B 82 23.48 0.16 -8.40
N VAL B 83 22.50 0.64 -7.64
CA VAL B 83 21.46 1.47 -8.23
C VAL B 83 22.05 2.78 -8.74
N ARG B 84 22.89 3.44 -7.93
CA ARG B 84 23.52 4.67 -8.40
C ARG B 84 24.41 4.43 -9.62
N MET B 85 25.05 3.27 -9.71
CA MET B 85 25.82 2.95 -10.90
C MET B 85 24.90 2.81 -12.11
N SER B 86 23.76 2.15 -11.93
CA SER B 86 22.87 1.90 -13.05
C SER B 86 22.05 3.13 -13.44
N LEU B 87 22.03 4.15 -12.59
CA LEU B 87 21.16 5.31 -12.81
C LEU B 87 21.90 6.60 -13.08
N GLU B 88 23.18 6.68 -12.74
CA GLU B 88 23.92 7.92 -12.93
C GLU B 88 24.02 8.26 -14.41
N PRO B 89 24.04 9.56 -14.73
CA PRO B 89 24.24 9.98 -16.13
C PRO B 89 25.69 10.24 -16.51
N LYS B 90 26.64 9.84 -15.67
CA LYS B 90 28.04 10.12 -15.94
C LYS B 90 28.49 9.48 -17.24
N LEU B 91 28.06 8.24 -17.48
CA LEU B 91 28.43 7.51 -18.69
C LEU B 91 27.31 7.57 -19.71
N GLY B 92 27.67 7.50 -20.99
CA GLY B 92 26.68 7.53 -22.04
C GLY B 92 25.91 6.23 -22.15
N PHE B 93 24.89 6.25 -23.02
CA PHE B 93 24.07 5.07 -23.20
C PHE B 93 24.87 3.90 -23.75
N TRP B 94 25.77 4.16 -24.70
CA TRP B 94 26.54 3.09 -25.30
C TRP B 94 27.55 2.52 -24.32
N ALA B 95 28.25 3.40 -23.59
CA ALA B 95 29.21 2.93 -22.60
C ALA B 95 28.51 2.12 -21.52
N LYS B 96 27.25 2.45 -21.23
CA LYS B 96 26.49 1.67 -20.26
C LYS B 96 26.03 0.36 -20.86
N ALA B 97 25.67 0.36 -22.13
CA ALA B 97 25.14 -0.86 -22.76
C ALA B 97 26.23 -1.90 -22.95
N ILE B 98 27.46 -1.45 -23.22
CA ILE B 98 28.56 -2.40 -23.38
C ILE B 98 28.84 -3.12 -22.06
N VAL B 99 28.69 -2.42 -20.93
CA VAL B 99 29.06 -3.00 -19.65
C VAL B 99 27.91 -3.78 -19.03
N LEU B 100 26.69 -3.27 -19.09
CA LEU B 100 25.59 -3.81 -18.31
C LEU B 100 24.61 -4.64 -19.12
N HIS B 101 24.93 -4.97 -20.37
CA HIS B 101 23.99 -5.77 -21.15
C HIS B 101 23.93 -7.21 -20.68
N SER B 102 24.98 -7.70 -20.02
CA SER B 102 25.03 -9.08 -19.53
C SER B 102 25.63 -9.08 -18.13
N ASN B 103 25.13 -8.21 -17.27
CA ASN B 103 25.78 -7.99 -15.98
C ASN B 103 25.65 -9.19 -15.06
N ARG B 104 24.42 -9.55 -14.71
CA ARG B 104 24.11 -10.56 -13.70
C ARG B 104 24.66 -10.20 -12.33
N ASP B 105 25.04 -8.94 -12.10
CA ASP B 105 25.51 -8.55 -10.77
C ASP B 105 24.39 -8.64 -9.76
N CYS B 106 23.15 -8.39 -10.17
CA CYS B 106 22.03 -8.40 -9.25
C CYS B 106 21.91 -9.73 -8.52
N THR B 107 21.56 -10.79 -9.26
CA THR B 107 21.20 -12.04 -8.62
C THR B 107 22.42 -12.79 -8.08
N GLU B 108 23.61 -12.50 -8.59
CA GLU B 108 24.78 -13.24 -8.13
C GLU B 108 25.53 -12.53 -7.02
N LEU B 109 25.66 -11.20 -7.10
CA LEU B 109 26.21 -10.48 -5.94
C LEU B 109 25.14 -10.15 -4.92
N HIS B 110 24.19 -9.29 -5.29
CA HIS B 110 23.38 -8.62 -4.29
C HIS B 110 22.29 -9.53 -3.75
N ILE B 111 21.55 -10.19 -4.64
CA ILE B 111 20.50 -11.09 -4.17
C ILE B 111 21.11 -12.26 -3.43
N HIS B 112 22.25 -12.76 -3.90
CA HIS B 112 22.92 -13.86 -3.23
C HIS B 112 23.37 -13.46 -1.82
N ASN B 113 23.98 -12.28 -1.69
CA ASN B 113 24.39 -11.83 -0.37
C ASN B 113 23.19 -11.63 0.54
N LEU B 114 22.11 -11.06 0.01
CA LEU B 114 20.91 -10.86 0.81
C LEU B 114 20.35 -12.19 1.30
N LEU B 115 20.29 -13.18 0.42
CA LEU B 115 19.66 -14.45 0.79
C LEU B 115 20.59 -15.30 1.64
N SER B 116 21.89 -15.00 1.64
CA SER B 116 22.78 -15.68 2.56
C SER B 116 22.88 -14.92 3.88
N CYS B 117 22.38 -13.68 3.91
CA CYS B 117 22.48 -12.90 5.14
C CYS B 117 21.18 -12.94 5.95
N LEU B 118 20.05 -13.16 5.28
CA LEU B 118 18.81 -13.30 6.04
C LEU B 118 18.79 -14.46 7.02
N PRO B 119 19.26 -15.67 6.69
CA PRO B 119 19.26 -16.73 7.69
C PRO B 119 20.03 -16.38 8.94
N ILE B 120 21.14 -15.67 8.80
CA ILE B 120 21.91 -15.25 9.97
C ILE B 120 21.07 -14.35 10.86
N ILE B 121 20.39 -13.38 10.26
CA ILE B 121 19.58 -12.45 11.05
C ILE B 121 18.42 -13.18 11.72
N VAL B 122 17.75 -14.07 10.99
CA VAL B 122 16.62 -14.78 11.55
C VAL B 122 17.07 -15.62 12.75
N GLU B 123 18.16 -16.36 12.59
CA GLU B 123 18.63 -17.22 13.67
C GLU B 123 19.09 -16.38 14.86
N ALA B 124 19.74 -15.24 14.60
CA ALA B 124 20.15 -14.37 15.68
C ALA B 124 18.95 -13.81 16.42
N ILE B 125 17.88 -13.47 15.70
CA ILE B 125 16.68 -12.96 16.34
C ILE B 125 16.05 -14.04 17.22
N GLU B 126 16.01 -15.28 16.74
CA GLU B 126 15.50 -16.35 17.58
C GLU B 126 16.33 -16.49 18.86
N THR B 127 17.65 -16.48 18.73
CA THR B 127 18.49 -16.63 19.92
C THR B 127 18.33 -15.45 20.86
N ALA B 128 18.05 -14.26 20.32
CA ALA B 128 17.85 -13.10 21.18
C ALA B 128 16.48 -13.16 21.84
N SER B 129 15.51 -13.80 21.20
CA SER B 129 14.18 -13.92 21.78
C SER B 129 14.17 -14.89 22.95
N GLU B 130 14.94 -15.97 22.85
CA GLU B 130 14.95 -16.97 23.92
C GLU B 130 15.43 -16.35 25.23
N VAL B 131 16.45 -15.50 25.18
CA VAL B 131 16.97 -14.91 26.40
C VAL B 131 16.18 -13.66 26.77
N SER B 132 15.27 -13.25 25.90
CA SER B 132 14.48 -12.05 26.18
C SER B 132 13.48 -12.31 27.30
N GLY B 133 13.14 -11.26 28.03
CA GLY B 133 12.16 -11.35 29.08
C GLY B 133 12.77 -11.72 30.43
N TRP B 134 11.90 -11.83 31.43
CA TRP B 134 12.30 -12.23 32.77
C TRP B 134 11.58 -13.48 33.23
N ASP B 135 10.68 -14.03 32.40
CA ASP B 135 9.89 -15.20 32.77
C ASP B 135 10.53 -16.43 32.15
N GLU B 136 10.90 -17.39 33.00
CA GLU B 136 11.57 -18.59 32.52
C GLU B 136 10.64 -19.46 31.70
N GLU B 137 9.33 -19.38 31.97
CA GLU B 137 8.38 -20.13 31.16
C GLU B 137 8.38 -19.65 29.72
N GLU B 138 8.46 -18.33 29.52
CA GLU B 138 8.56 -17.79 28.17
C GLU B 138 9.81 -18.30 27.48
N MET B 139 10.93 -18.30 28.21
CA MET B 139 12.19 -18.77 27.63
C MET B 139 12.09 -20.23 27.22
N SER B 140 11.52 -21.07 28.08
CA SER B 140 11.38 -22.49 27.76
C SER B 140 10.47 -22.69 26.56
N LYS B 141 9.37 -21.96 26.49
CA LYS B 141 8.45 -22.09 25.37
C LYS B 141 9.10 -21.67 24.06
N LYS B 142 9.84 -20.56 24.07
CA LYS B 142 10.54 -20.15 22.87
C LYS B 142 11.60 -21.15 22.46
N ARG B 143 12.32 -21.71 23.43
CA ARG B 143 13.28 -22.76 23.11
C ARG B 143 12.59 -23.94 22.47
N LEU B 144 11.41 -24.32 22.96
CA LEU B 144 10.67 -25.40 22.33
C LEU B 144 10.29 -25.08 20.90
N VAL B 145 9.82 -23.85 20.65
CA VAL B 145 9.44 -23.48 19.29
C VAL B 145 10.64 -23.59 18.35
N HIS B 146 11.76 -23.01 18.76
CA HIS B 146 12.93 -23.01 17.88
C HIS B 146 13.55 -24.40 17.74
N SER B 147 13.42 -25.25 18.75
CA SER B 147 13.91 -26.61 18.61
C SER B 147 13.02 -27.45 17.72
N ASN B 148 11.72 -27.16 17.68
CA ASN B 148 10.83 -27.84 16.75
C ASN B 148 10.91 -27.27 15.34
N LYS B 149 11.47 -26.08 15.17
CA LYS B 149 11.70 -25.59 13.82
C LYS B 149 12.82 -26.35 13.12
N TYR B 150 13.93 -26.59 13.81
CA TYR B 150 15.12 -27.19 13.23
C TYR B 150 15.19 -28.70 13.42
N MET B 151 14.06 -29.37 13.52
CA MET B 151 14.09 -30.82 13.67
C MET B 151 14.17 -31.49 12.31
N LYS B 152 14.62 -32.74 12.33
CA LYS B 152 15.14 -33.40 11.13
C LYS B 152 14.12 -33.58 10.03
N GLN B 153 12.85 -33.78 10.35
CA GLN B 153 11.89 -34.11 9.30
C GLN B 153 11.68 -32.97 8.32
N TRP B 154 12.10 -31.75 8.67
CA TRP B 154 12.05 -30.64 7.71
C TRP B 154 13.34 -30.57 6.90
N ASN B 155 13.75 -31.67 6.30
CA ASN B 155 14.92 -31.68 5.43
C ASN B 155 14.43 -32.05 4.03
N ASP B 156 13.96 -31.03 3.31
CA ASP B 156 13.63 -31.14 1.90
C ASP B 156 13.41 -29.73 1.39
N SER B 157 13.88 -29.48 0.17
CA SER B 157 13.70 -28.15 -0.40
C SER B 157 12.24 -27.76 -0.44
N GLN B 158 11.35 -28.69 -0.79
CA GLN B 158 9.95 -28.35 -0.88
C GLN B 158 9.31 -28.23 0.50
N MET B 159 9.69 -29.09 1.44
CA MET B 159 9.25 -28.94 2.81
C MET B 159 9.63 -27.57 3.36
N PHE B 160 10.88 -27.17 3.16
CA PHE B 160 11.35 -25.91 3.69
C PHE B 160 10.66 -24.73 3.00
N THR B 161 10.49 -24.79 1.68
CA THR B 161 9.79 -23.72 0.99
C THR B 161 8.34 -23.63 1.42
N TRP B 162 7.72 -24.74 1.81
CA TRP B 162 6.37 -24.66 2.34
C TRP B 162 6.35 -24.01 3.71
N LYS B 163 7.06 -24.59 4.67
CA LYS B 163 6.97 -24.09 6.04
C LYS B 163 7.61 -22.72 6.20
N PHE B 164 8.82 -22.56 5.68
CA PHE B 164 9.64 -21.40 5.99
C PHE B 164 9.93 -20.54 4.77
N GLY B 165 9.11 -20.66 3.72
CA GLY B 165 9.40 -19.93 2.50
C GLY B 165 9.36 -18.43 2.69
N ARG B 166 8.26 -17.93 3.25
CA ARG B 166 8.08 -16.49 3.38
C ARG B 166 9.10 -15.85 4.31
N GLU B 167 9.63 -16.59 5.28
CA GLU B 167 10.57 -16.02 6.22
C GLU B 167 11.89 -15.67 5.54
N TYR B 168 12.34 -16.50 4.60
CA TYR B 168 13.65 -16.35 3.99
C TYR B 168 13.57 -15.86 2.55
N LEU B 169 12.43 -15.27 2.17
CA LEU B 169 12.25 -14.69 0.84
C LEU B 169 12.46 -15.69 -0.27
N VAL B 170 12.01 -16.92 -0.07
CA VAL B 170 11.98 -17.92 -1.14
C VAL B 170 10.53 -18.35 -1.27
N THR B 171 9.86 -17.73 -2.22
CA THR B 171 8.48 -17.97 -2.55
C THR B 171 8.40 -18.17 -4.05
N GLU B 172 7.29 -18.70 -4.55
CA GLU B 172 7.19 -18.92 -5.99
C GLU B 172 7.34 -17.62 -6.77
N ASP B 173 6.72 -16.54 -6.30
CA ASP B 173 6.86 -15.27 -6.99
C ASP B 173 8.30 -14.75 -6.99
N PHE B 174 8.99 -14.81 -5.85
CA PHE B 174 10.37 -14.34 -5.77
C PHE B 174 11.35 -15.18 -6.60
N CYS B 175 11.18 -16.49 -6.54
CA CYS B 175 11.99 -17.43 -7.31
C CYS B 175 11.77 -17.26 -8.80
N ASN B 176 10.55 -16.94 -9.22
CA ASN B 176 10.31 -16.64 -10.63
C ASN B 176 10.97 -15.33 -11.03
N ARG B 177 10.93 -14.32 -10.16
CA ARG B 177 11.49 -13.03 -10.51
C ARG B 177 13.01 -13.00 -10.46
N PHE B 178 13.65 -13.96 -9.78
CA PHE B 178 15.10 -14.02 -9.80
C PHE B 178 15.62 -14.26 -11.21
N GLU B 179 14.87 -14.99 -12.02
CA GLU B 179 15.30 -15.32 -13.38
C GLU B 179 14.65 -14.45 -14.44
N SER B 180 13.35 -14.20 -14.32
CA SER B 180 12.61 -13.45 -15.34
C SER B 180 12.70 -11.95 -15.15
N ALA B 181 13.68 -11.47 -14.38
CA ALA B 181 13.96 -10.05 -14.30
C ALA B 181 15.25 -9.68 -15.01
N TRP B 182 16.01 -10.66 -15.49
CA TRP B 182 17.15 -10.40 -16.36
C TRP B 182 16.83 -10.66 -17.82
N THR B 183 15.85 -11.52 -18.10
CA THR B 183 15.39 -11.65 -19.48
C THR B 183 14.52 -10.48 -19.90
N GLU B 184 13.77 -9.92 -18.93
CA GLU B 184 12.87 -8.78 -19.17
C GLU B 184 13.54 -7.51 -19.63
N ASP B 185 14.64 -7.13 -18.97
CA ASP B 185 15.42 -5.98 -19.38
C ASP B 185 16.29 -6.28 -20.59
N ARG B 186 16.69 -7.53 -20.79
CA ARG B 186 17.33 -7.92 -22.03
C ARG B 186 16.40 -7.69 -23.22
N TRP B 187 15.14 -8.12 -23.11
CA TRP B 187 14.18 -7.87 -24.17
C TRP B 187 13.99 -6.37 -24.39
N ILE B 188 13.89 -5.60 -23.31
CA ILE B 188 13.70 -4.17 -23.44
C ILE B 188 14.89 -3.53 -24.13
N LEU B 189 16.10 -3.97 -23.79
CA LEU B 189 17.29 -3.47 -24.45
C LEU B 189 17.29 -3.81 -25.93
N ILE B 190 16.87 -5.03 -26.28
CA ILE B 190 16.79 -5.40 -27.68
C ILE B 190 15.81 -4.49 -28.42
N LYS B 191 14.67 -4.20 -27.80
CA LYS B 191 13.70 -3.32 -28.44
C LYS B 191 14.26 -1.91 -28.62
N GLU B 192 14.89 -1.38 -27.58
CA GLU B 192 15.49 -0.05 -27.66
C GLU B 192 16.62 0.01 -28.69
N LEU B 193 17.33 -1.09 -28.91
CA LEU B 193 18.34 -1.15 -29.95
C LEU B 193 17.75 -1.25 -31.35
N GLN B 194 16.69 -2.03 -31.52
CA GLN B 194 16.04 -2.08 -32.82
C GLN B 194 15.51 -0.71 -33.23
N GLU B 195 15.03 0.07 -32.26
CA GLU B 195 14.62 1.43 -32.56
C GLU B 195 15.77 2.28 -33.07
N LYS B 196 16.92 2.19 -32.41
CA LYS B 196 18.11 2.92 -32.84
C LYS B 196 18.77 2.31 -34.07
N LYS B 197 18.40 1.08 -34.42
CA LYS B 197 18.96 0.44 -35.61
C LYS B 197 18.57 1.21 -36.87
N GLN B 198 17.35 1.71 -36.92
CA GLN B 198 16.86 2.41 -38.10
C GLN B 198 16.59 3.90 -37.86
N SER B 199 16.43 4.32 -36.61
CA SER B 199 16.17 5.72 -36.31
C SER B 199 17.32 6.39 -35.56
N GLY B 200 18.51 5.82 -35.62
CA GLY B 200 19.66 6.44 -34.98
C GLY B 200 20.08 7.72 -35.66
N SER B 201 20.84 8.56 -34.96
CA SER B 201 21.25 9.84 -35.53
C SER B 201 22.36 9.66 -36.57
N SER B 202 23.35 8.83 -36.29
CA SER B 202 24.57 8.75 -37.08
C SER B 202 24.73 7.36 -37.66
N LYS B 203 25.55 7.26 -38.71
CA LYS B 203 25.89 5.99 -39.32
C LYS B 203 26.71 5.13 -38.38
N HIS B 204 27.58 5.77 -37.58
CA HIS B 204 28.34 5.02 -36.59
C HIS B 204 27.41 4.34 -35.59
N GLU B 205 26.41 5.08 -35.11
CA GLU B 205 25.41 4.46 -34.24
C GLU B 205 24.57 3.44 -35.00
N ARG B 206 24.35 3.65 -36.30
CA ARG B 206 23.69 2.63 -37.10
C ARG B 206 24.43 1.31 -37.01
N LYS B 207 25.76 1.35 -37.12
CA LYS B 207 26.55 0.15 -36.99
C LYS B 207 26.65 -0.36 -35.56
N MET B 208 26.67 0.54 -34.58
CA MET B 208 26.69 0.13 -33.17
C MET B 208 25.46 -0.68 -32.81
N ALA B 209 24.29 -0.23 -33.26
CA ALA B 209 23.06 -0.96 -32.96
C ALA B 209 23.09 -2.35 -33.58
N ASP B 210 23.56 -2.46 -34.82
CA ASP B 210 23.68 -3.77 -35.45
C ASP B 210 24.65 -4.65 -34.67
N PHE B 211 25.77 -4.07 -34.26
CA PHE B 211 26.73 -4.77 -33.43
C PHE B 211 26.10 -5.37 -32.20
N LEU B 212 25.39 -4.55 -31.43
CA LEU B 212 24.85 -5.06 -30.18
C LEU B 212 23.67 -5.99 -30.38
N LEU B 213 22.84 -5.75 -31.39
CA LEU B 213 21.76 -6.69 -31.69
C LEU B 213 22.30 -8.06 -32.05
N LYS B 214 23.31 -8.12 -32.93
CA LYS B 214 23.90 -9.41 -33.25
C LYS B 214 24.64 -9.98 -32.05
N HIS B 215 25.14 -9.11 -31.17
CA HIS B 215 25.86 -9.58 -30.00
C HIS B 215 24.91 -10.21 -28.98
N LEU B 216 23.64 -9.84 -28.99
CA LEU B 216 22.69 -10.30 -27.99
C LEU B 216 21.69 -11.24 -28.65
N GLY B 217 22.06 -12.50 -28.77
CA GLY B 217 21.10 -13.56 -29.03
C GLY B 217 20.14 -13.30 -30.18
N ASP B 218 20.66 -12.84 -31.32
CA ASP B 218 19.82 -12.63 -32.50
C ASP B 218 19.86 -13.90 -33.34
N GLY B 219 18.76 -14.64 -33.34
CA GLY B 219 18.72 -15.91 -34.03
C GLY B 219 19.41 -17.03 -33.30
N ASN B 220 19.68 -16.85 -32.00
CA ASN B 220 20.40 -17.82 -31.18
C ASN B 220 21.77 -18.14 -31.77
N GLU B 221 22.34 -17.16 -32.47
CA GLU B 221 23.68 -17.25 -33.02
C GLU B 221 24.71 -16.62 -32.10
N SER B 222 24.67 -16.92 -30.81
CA SER B 222 25.52 -16.23 -29.83
C SER B 222 27.04 -16.19 -29.98
N PRO B 223 27.68 -17.29 -30.42
CA PRO B 223 29.14 -17.18 -30.51
C PRO B 223 29.67 -16.63 -31.84
N LYS B 224 30.15 -15.39 -31.82
CA LYS B 224 30.70 -14.73 -33.01
C LYS B 224 31.59 -13.53 -32.68
N LEU B 225 32.41 -13.11 -33.64
CA LEU B 225 33.28 -11.97 -33.49
C LEU B 225 33.06 -10.98 -34.63
N PHE B 226 33.00 -9.70 -34.28
CA PHE B 226 32.58 -8.65 -35.19
C PHE B 226 33.79 -7.86 -35.68
N PRO B 227 33.67 -7.18 -36.82
CA PRO B 227 34.81 -6.43 -37.35
C PRO B 227 35.31 -5.38 -36.37
N SER B 228 36.64 -5.26 -36.30
CA SER B 228 37.27 -4.35 -35.36
C SER B 228 37.12 -2.88 -35.76
N SER B 229 36.57 -2.61 -36.95
CA SER B 229 36.41 -1.23 -37.39
C SER B 229 35.54 -0.44 -36.41
N LEU B 230 34.65 -1.11 -35.69
CA LEU B 230 33.78 -0.41 -34.75
C LEU B 230 34.59 0.25 -33.65
N LEU B 231 35.72 -0.35 -33.27
CA LEU B 231 36.56 0.28 -32.26
C LEU B 231 37.17 1.58 -32.81
N ASP B 232 37.67 1.50 -34.03
CA ASP B 232 38.30 2.61 -34.74
C ASP B 232 37.36 3.76 -35.12
N ASN B 233 36.17 3.40 -35.59
CA ASN B 233 35.21 4.39 -36.03
C ASN B 233 34.74 5.38 -34.98
N THR B 234 34.52 4.92 -33.76
CA THR B 234 33.96 5.81 -32.76
C THR B 234 34.72 7.13 -32.61
N LYS B 235 33.95 8.20 -32.55
CA LYS B 235 34.44 9.56 -32.39
C LYS B 235 35.72 9.57 -31.55
N ASP B 236 35.73 8.82 -30.45
CA ASP B 236 36.92 8.74 -29.62
C ASP B 236 37.32 7.30 -29.32
N TYR B 237 38.52 6.93 -29.76
CA TYR B 237 39.05 5.59 -29.51
C TYR B 237 40.55 5.62 -29.26
N GLN B 238 40.97 6.13 -28.11
CA GLN B 238 42.40 6.19 -27.83
C GLN B 238 42.78 4.93 -27.09
N VAL B 239 43.78 4.21 -27.59
CA VAL B 239 44.19 2.98 -26.91
C VAL B 239 45.38 3.33 -26.03
N LYS B 240 45.22 3.12 -24.72
CA LYS B 240 46.24 3.53 -23.77
C LYS B 240 47.32 2.46 -23.66
N LYS B 241 48.48 2.86 -23.14
CA LYS B 241 49.63 1.97 -23.07
C LYS B 241 49.43 0.92 -21.99
N ARG B 242 49.89 -0.30 -22.29
CA ARG B 242 49.61 -1.44 -21.44
C ARG B 242 50.52 -1.47 -20.22
N LEU B 243 49.97 -1.92 -19.10
CA LEU B 243 50.73 -2.02 -17.85
C LEU B 243 50.18 -3.14 -16.97
N GLN B 248 50.02 -7.81 -22.87
CA GLN B 248 48.94 -8.32 -23.70
C GLN B 248 47.61 -7.69 -23.31
N TYR B 249 47.63 -6.90 -22.24
CA TYR B 249 46.43 -6.22 -21.80
C TYR B 249 46.67 -4.73 -21.96
N LYS B 250 45.75 -4.05 -22.62
CA LYS B 250 45.87 -2.62 -22.85
C LYS B 250 44.63 -1.90 -22.37
N GLU B 251 44.78 -0.63 -22.00
CA GLU B 251 43.67 0.13 -21.44
C GLU B 251 42.89 0.90 -22.50
N ILE B 252 42.12 0.19 -23.32
CA ILE B 252 41.22 0.86 -24.24
C ILE B 252 40.16 1.63 -23.47
N THR B 253 39.77 2.80 -24.01
CA THR B 253 38.79 3.69 -23.36
C THR B 253 37.77 4.13 -24.41
N TRP B 254 37.24 3.17 -25.15
CA TRP B 254 36.70 3.50 -26.48
C TRP B 254 35.31 4.12 -26.43
N LEU B 255 34.62 4.01 -25.29
CA LEU B 255 33.38 4.76 -25.10
C LEU B 255 33.51 5.84 -24.03
N GLY B 256 34.72 6.24 -23.70
CA GLY B 256 34.94 7.14 -22.59
C GLY B 256 35.05 6.45 -21.26
N GLU B 257 34.67 5.18 -21.18
CA GLU B 257 34.87 4.35 -20.01
C GLU B 257 36.02 3.41 -20.28
N SER B 258 37.03 3.44 -19.41
CA SER B 258 38.24 2.67 -19.63
C SER B 258 37.96 1.17 -19.54
N PHE B 259 38.51 0.43 -20.49
CA PHE B 259 38.38 -1.02 -20.53
C PHE B 259 39.75 -1.65 -20.69
N ALA B 260 39.89 -2.89 -20.24
CA ALA B 260 41.10 -3.65 -20.48
C ALA B 260 40.98 -4.39 -21.80
N LEU B 261 42.02 -4.31 -22.63
CA LEU B 261 41.99 -4.88 -23.96
C LEU B 261 43.05 -5.97 -24.07
N ARG B 262 42.62 -7.18 -24.40
CA ARG B 262 43.54 -8.28 -24.69
C ARG B 262 43.51 -8.54 -26.19
N HIS B 263 44.67 -8.44 -26.82
CA HIS B 263 44.78 -8.63 -28.25
C HIS B 263 45.97 -9.54 -28.54
N PHE B 264 45.75 -10.49 -29.44
CA PHE B 264 46.73 -11.54 -29.72
C PHE B 264 46.67 -11.88 -31.19
N PHE B 265 47.75 -12.47 -31.70
CA PHE B 265 47.87 -12.82 -33.10
C PHE B 265 47.91 -14.33 -33.26
N GLY B 266 47.09 -14.85 -34.16
CA GLY B 266 47.04 -16.26 -34.46
C GLY B 266 45.97 -16.50 -35.51
N ASP B 267 45.88 -17.75 -35.95
CA ASP B 267 44.88 -18.13 -36.94
C ASP B 267 43.52 -18.18 -36.23
N ILE B 268 42.89 -17.01 -36.15
CA ILE B 268 41.71 -16.80 -35.32
C ILE B 268 40.59 -17.70 -35.79
N ASP B 269 40.49 -17.90 -37.11
CA ASP B 269 39.49 -18.83 -37.63
C ASP B 269 39.71 -20.23 -37.09
N ALA B 270 40.98 -20.62 -36.90
CA ALA B 270 41.27 -21.94 -36.33
C ALA B 270 41.03 -21.95 -34.82
N LEU B 271 41.31 -20.83 -34.15
CA LEU B 271 41.10 -20.71 -32.72
C LEU B 271 39.66 -20.33 -32.37
N LEU B 272 38.83 -20.11 -33.39
CA LEU B 272 37.43 -19.73 -33.14
C LEU B 272 36.66 -20.73 -32.29
N PRO B 273 36.70 -22.05 -32.53
CA PRO B 273 35.80 -22.93 -31.77
C PRO B 273 36.11 -23.01 -30.28
N GLN B 274 37.27 -22.54 -29.84
CA GLN B 274 37.57 -22.60 -28.41
C GLN B 274 37.37 -21.24 -27.74
N ILE B 275 37.30 -20.17 -28.53
CA ILE B 275 36.98 -18.86 -27.96
C ILE B 275 35.47 -18.64 -27.97
N THR B 276 34.78 -19.37 -28.83
CA THR B 276 33.33 -19.37 -28.95
C THR B 276 32.65 -19.68 -27.62
N PRO B 277 33.06 -20.73 -26.89
CA PRO B 277 32.48 -20.91 -25.54
C PRO B 277 32.83 -19.79 -24.60
N LEU B 278 34.00 -19.16 -24.80
CA LEU B 278 34.51 -18.20 -23.84
C LEU B 278 33.70 -16.91 -23.83
N LEU B 279 33.17 -16.52 -24.99
CA LEU B 279 32.51 -15.22 -25.08
C LEU B 279 31.14 -15.24 -24.41
N SER B 280 30.66 -16.40 -23.98
CA SER B 280 29.31 -16.49 -23.47
C SER B 280 29.25 -16.22 -21.96
N LEU B 281 30.38 -16.30 -21.27
CA LEU B 281 30.41 -16.24 -19.82
C LEU B 281 30.00 -14.87 -19.26
N SER B 282 29.38 -14.88 -18.08
CA SER B 282 29.04 -13.64 -17.38
C SER B 282 28.82 -13.97 -15.92
N HIS B 283 29.69 -13.47 -15.05
CA HIS B 283 29.57 -13.67 -13.62
C HIS B 283 30.24 -12.51 -12.90
N PRO B 284 29.70 -12.08 -11.76
CA PRO B 284 30.33 -10.96 -11.04
C PRO B 284 31.74 -11.23 -10.59
N ASN B 285 32.09 -12.48 -10.30
CA ASN B 285 33.43 -12.82 -9.86
C ASN B 285 34.31 -13.33 -11.00
N ILE B 286 33.97 -12.97 -12.23
CA ILE B 286 34.71 -13.37 -13.42
C ILE B 286 34.99 -12.12 -14.24
N VAL B 287 36.26 -11.95 -14.61
CA VAL B 287 36.64 -10.89 -15.54
C VAL B 287 36.42 -11.48 -16.93
N TYR B 288 35.21 -11.34 -17.43
CA TYR B 288 34.81 -11.96 -18.68
C TYR B 288 34.92 -10.98 -19.83
N TYR B 289 34.79 -11.52 -21.04
CA TYR B 289 35.00 -10.76 -22.26
C TYR B 289 33.67 -10.20 -22.72
N LEU B 290 33.56 -8.87 -22.75
CA LEU B 290 32.31 -8.24 -23.14
C LEU B 290 32.03 -8.42 -24.63
N CYS B 291 33.04 -8.18 -25.47
CA CYS B 291 32.86 -8.20 -26.91
C CYS B 291 34.12 -8.75 -27.57
N GLY B 292 33.96 -9.30 -28.76
CA GLY B 292 35.09 -9.82 -29.51
C GLY B 292 35.25 -9.17 -30.86
N PHE B 293 36.48 -8.88 -31.26
CA PHE B 293 36.76 -8.18 -32.51
C PHE B 293 37.86 -8.86 -33.29
N THR B 294 37.61 -9.10 -34.58
CA THR B 294 38.62 -9.49 -35.54
C THR B 294 38.55 -8.52 -36.71
N ASP B 295 39.68 -8.24 -37.35
CA ASP B 295 39.68 -7.26 -38.42
C ASP B 295 38.83 -7.72 -39.60
N GLU B 296 39.30 -8.74 -40.32
CA GLU B 296 38.55 -9.32 -41.43
C GLU B 296 38.70 -10.84 -41.40
N GLU B 297 38.51 -11.43 -40.21
CA GLU B 297 38.88 -12.81 -39.93
C GLU B 297 40.37 -13.04 -40.13
N LYS B 298 41.18 -12.03 -39.84
CA LYS B 298 42.59 -11.98 -40.17
C LYS B 298 43.43 -12.13 -38.91
N LYS B 299 44.71 -11.83 -39.05
CA LYS B 299 45.77 -12.05 -38.07
C LYS B 299 45.25 -11.80 -36.65
N GLU B 300 44.76 -10.61 -36.33
CA GLU B 300 44.64 -10.24 -34.92
C GLU B 300 43.19 -10.29 -34.46
N CYS B 301 43.04 -10.59 -33.16
CA CYS B 301 41.75 -10.56 -32.48
C CYS B 301 41.81 -9.58 -31.33
N PHE B 302 40.73 -8.83 -31.14
CA PHE B 302 40.63 -7.84 -30.08
C PHE B 302 39.57 -8.29 -29.08
N LEU B 303 40.00 -8.54 -27.84
CA LEU B 303 39.12 -8.98 -26.78
C LEU B 303 39.04 -7.89 -25.73
N VAL B 304 37.84 -7.42 -25.44
CA VAL B 304 37.63 -6.30 -24.53
C VAL B 304 37.11 -6.83 -23.21
N MET B 305 37.67 -6.31 -22.11
CA MET B 305 37.38 -6.77 -20.77
C MET B 305 37.00 -5.58 -19.92
N GLU B 306 36.51 -5.85 -18.71
CA GLU B 306 36.35 -4.79 -17.73
C GLU B 306 37.69 -4.52 -17.06
N LEU B 307 37.95 -3.25 -16.79
CA LEU B 307 39.27 -2.81 -16.33
C LEU B 307 39.37 -2.88 -14.82
N MET B 308 40.29 -3.71 -14.33
CA MET B 308 40.70 -3.72 -12.95
C MET B 308 42.22 -3.77 -12.90
N ARG B 309 42.80 -3.10 -11.90
CA ARG B 309 44.23 -2.88 -11.88
C ARG B 309 44.94 -3.68 -10.79
N LYS B 310 44.53 -3.52 -9.55
CA LYS B 310 45.23 -4.12 -8.41
C LYS B 310 44.81 -5.57 -8.26
N THR B 311 45.80 -6.45 -8.11
CA THR B 311 45.53 -7.85 -7.87
C THR B 311 45.61 -8.15 -6.38
N LEU B 312 45.09 -9.31 -6.00
CA LEU B 312 45.17 -9.77 -4.62
C LEU B 312 46.62 -9.96 -4.20
N GLY B 313 47.46 -10.47 -5.10
CA GLY B 313 48.86 -10.70 -4.76
C GLY B 313 49.60 -9.43 -4.40
N MET B 314 49.43 -8.38 -5.19
CA MET B 314 50.11 -7.14 -4.84
C MET B 314 49.26 -6.23 -3.96
N HIS B 315 48.08 -6.68 -3.55
CA HIS B 315 47.34 -5.97 -2.52
C HIS B 315 47.70 -6.44 -1.12
N ILE B 316 47.82 -7.76 -0.93
CA ILE B 316 48.22 -8.25 0.38
C ILE B 316 49.60 -7.74 0.75
N LYS B 317 50.55 -7.76 -0.19
CA LYS B 317 51.85 -7.20 0.11
C LYS B 317 51.80 -5.68 0.26
N GLU B 318 50.73 -5.03 -0.19
CA GLU B 318 50.58 -3.60 0.06
C GLU B 318 50.26 -3.34 1.53
N VAL B 319 49.29 -4.09 2.09
CA VAL B 319 48.86 -3.83 3.46
C VAL B 319 49.72 -4.52 4.51
N CYS B 320 50.80 -5.16 4.11
CA CYS B 320 51.69 -5.81 5.06
C CYS B 320 53.13 -5.38 4.85
N THR B 327 47.20 -9.96 9.49
CA THR B 327 47.00 -9.30 8.21
C THR B 327 45.52 -9.01 7.99
N LEU B 328 44.95 -9.55 6.92
CA LEU B 328 43.53 -9.42 6.69
C LEU B 328 42.75 -10.12 7.79
N SER B 329 41.63 -9.52 8.18
CA SER B 329 40.80 -10.11 9.21
C SER B 329 40.09 -11.35 8.66
N LEU B 330 39.58 -12.15 9.59
CA LEU B 330 38.87 -13.36 9.20
C LEU B 330 37.64 -13.08 8.34
N PRO B 331 36.75 -12.14 8.67
CA PRO B 331 35.61 -11.92 7.77
C PRO B 331 36.03 -11.48 6.37
N VAL B 332 37.07 -10.66 6.25
CA VAL B 332 37.53 -10.24 4.93
C VAL B 332 38.05 -11.43 4.15
N ALA B 333 38.87 -12.27 4.79
CA ALA B 333 39.37 -13.45 4.11
C ALA B 333 38.25 -14.40 3.72
N VAL B 334 37.25 -14.56 4.58
CA VAL B 334 36.15 -15.46 4.27
C VAL B 334 35.33 -14.93 3.11
N ASP B 335 35.10 -13.62 3.06
CA ASP B 335 34.38 -13.06 1.92
C ASP B 335 35.15 -13.22 0.62
N LEU B 336 36.47 -13.01 0.65
CA LEU B 336 37.26 -13.26 -0.55
C LEU B 336 37.16 -14.73 -0.97
N MET B 337 37.27 -15.64 0.00
CA MET B 337 37.19 -17.06 -0.32
C MET B 337 35.83 -17.41 -0.92
N LEU B 338 34.76 -16.86 -0.36
CA LEU B 338 33.43 -17.14 -0.88
C LEU B 338 33.26 -16.61 -2.29
N GLN B 339 33.75 -15.41 -2.57
CA GLN B 339 33.64 -14.88 -3.92
C GLN B 339 34.45 -15.70 -4.92
N ILE B 340 35.67 -16.10 -4.55
CA ILE B 340 36.49 -16.91 -5.44
C ILE B 340 35.82 -18.27 -5.69
N ALA B 341 35.28 -18.88 -4.63
CA ALA B 341 34.62 -20.16 -4.78
C ALA B 341 33.38 -20.04 -5.66
N LEU B 342 32.62 -18.95 -5.52
CA LEU B 342 31.48 -18.74 -6.39
C LEU B 342 31.90 -18.56 -7.84
N GLY B 343 33.01 -17.87 -8.08
CA GLY B 343 33.50 -17.77 -9.45
C GLY B 343 33.88 -19.13 -10.01
N MET B 344 34.64 -19.91 -9.25
CA MET B 344 35.08 -21.20 -9.76
C MET B 344 33.95 -22.20 -9.93
N GLU B 345 32.93 -22.19 -9.06
CA GLU B 345 31.84 -23.12 -9.32
C GLU B 345 31.09 -22.76 -10.59
N TYR B 346 31.04 -21.47 -10.94
CA TYR B 346 30.44 -21.10 -12.22
C TYR B 346 31.30 -21.58 -13.37
N LEU B 347 32.62 -21.36 -13.28
CA LEU B 347 33.49 -21.82 -14.35
C LEU B 347 33.42 -23.33 -14.52
N HIS B 348 33.47 -24.07 -13.41
CA HIS B 348 33.40 -25.52 -13.50
C HIS B 348 32.05 -26.00 -14.02
N SER B 349 30.98 -25.26 -13.72
CA SER B 349 29.68 -25.60 -14.27
C SER B 349 29.67 -25.49 -15.78
N LYS B 350 30.56 -24.66 -16.35
CA LYS B 350 30.64 -24.49 -17.79
C LYS B 350 31.84 -25.22 -18.38
N ARG B 351 32.26 -26.31 -17.75
CA ARG B 351 33.21 -27.27 -18.31
C ARG B 351 34.55 -26.66 -18.67
N ILE B 352 34.88 -25.50 -18.13
CA ILE B 352 36.18 -24.89 -18.36
C ILE B 352 36.83 -24.61 -17.02
N TYR B 353 38.12 -24.92 -16.91
CA TYR B 353 38.82 -24.93 -15.64
C TYR B 353 40.01 -23.99 -15.69
N HIS B 354 40.23 -23.22 -14.64
CA HIS B 354 41.37 -22.33 -14.67
C HIS B 354 42.55 -23.27 -14.71
N GLY B 355 43.52 -23.01 -15.59
CA GLY B 355 44.66 -23.90 -15.67
C GLY B 355 45.44 -23.87 -14.37
N GLU B 356 45.76 -22.66 -13.94
CA GLU B 356 46.45 -22.46 -12.68
C GLU B 356 45.79 -21.32 -11.95
N LEU B 357 45.49 -21.50 -10.67
CA LEU B 357 44.87 -20.43 -9.91
C LEU B 357 45.90 -19.95 -8.92
N ASN B 358 46.21 -18.67 -8.98
CA ASN B 358 47.21 -18.06 -8.13
C ASN B 358 46.67 -16.79 -7.54
N PRO B 359 47.33 -16.26 -6.51
CA PRO B 359 46.93 -15.00 -5.88
C PRO B 359 46.99 -13.87 -6.88
N SER B 360 48.02 -13.87 -7.73
CA SER B 360 48.19 -12.84 -8.75
C SER B 360 47.01 -12.84 -9.72
N ASN B 361 46.52 -14.03 -10.07
CA ASN B 361 45.42 -14.12 -11.01
C ASN B 361 44.07 -13.85 -10.37
N ILE B 362 44.03 -13.02 -9.35
CA ILE B 362 42.78 -12.64 -8.70
C ILE B 362 42.78 -11.12 -8.56
N LEU B 363 42.07 -10.44 -9.45
CA LEU B 363 41.94 -9.01 -9.39
C LEU B 363 40.95 -8.63 -8.29
N VAL B 364 41.35 -7.70 -7.43
CA VAL B 364 40.49 -7.25 -6.35
C VAL B 364 40.28 -5.75 -6.46
N LYS B 365 39.13 -5.31 -5.95
CA LYS B 365 38.75 -3.91 -5.90
C LYS B 365 37.96 -3.67 -4.63
N PRO B 366 38.35 -2.70 -3.80
CA PRO B 366 37.65 -2.50 -2.54
C PRO B 366 36.19 -2.12 -2.75
N ARG B 367 35.41 -2.35 -1.72
CA ARG B 367 33.98 -2.10 -1.77
C ARG B 367 33.70 -0.60 -1.72
N SER B 368 32.44 -0.26 -1.48
CA SER B 368 32.04 1.15 -1.36
C SER B 368 32.81 1.87 -0.28
N ASN B 369 33.33 1.14 0.71
CA ASN B 369 34.02 1.63 1.90
C ASN B 369 33.05 2.30 2.88
N GLN B 370 31.81 2.52 2.48
CA GLN B 370 30.78 2.88 3.44
C GLN B 370 30.31 1.66 4.20
N SER B 371 30.43 0.48 3.59
CA SER B 371 29.98 -0.74 4.23
C SER B 371 30.94 -1.18 5.34
N GLY B 372 32.18 -1.50 4.98
CA GLY B 372 33.10 -2.00 5.99
C GLY B 372 34.51 -1.53 5.71
N ASP B 373 35.41 -1.88 6.63
CA ASP B 373 36.81 -1.53 6.55
C ASP B 373 37.61 -2.75 6.15
N GLY B 374 38.32 -2.65 5.04
CA GLY B 374 39.12 -3.74 4.53
C GLY B 374 38.38 -4.77 3.72
N TYR B 375 37.06 -4.66 3.62
CA TYR B 375 36.28 -5.55 2.77
C TYR B 375 36.54 -5.21 1.31
N LEU B 376 36.55 -6.23 0.47
CA LEU B 376 36.89 -6.04 -0.93
C LEU B 376 36.37 -7.21 -1.73
N LEU B 377 35.91 -6.93 -2.95
CA LEU B 377 35.39 -7.95 -3.84
C LEU B 377 36.41 -8.21 -4.94
N GLY B 378 36.65 -9.48 -5.22
CA GLY B 378 37.68 -9.88 -6.16
C GLY B 378 37.13 -10.76 -7.25
N LYS B 379 37.75 -10.70 -8.42
CA LYS B 379 37.39 -11.52 -9.55
C LYS B 379 38.60 -12.30 -10.02
N ILE B 380 38.36 -13.27 -10.88
CA ILE B 380 39.40 -14.16 -11.41
C ILE B 380 39.45 -14.01 -12.91
N PHE B 381 40.66 -14.00 -13.47
CA PHE B 381 40.83 -13.82 -14.90
C PHE B 381 41.96 -14.69 -15.40
N GLY B 382 42.10 -14.75 -16.72
CA GLY B 382 43.13 -15.53 -17.36
C GLY B 382 42.78 -16.97 -17.59
N PHE B 383 41.57 -17.40 -17.23
CA PHE B 383 41.16 -18.77 -17.42
C PHE B 383 41.12 -19.15 -18.90
N GLY B 384 40.64 -18.25 -19.74
CA GLY B 384 40.46 -18.59 -21.14
C GLY B 384 41.76 -18.57 -21.92
N LEU B 385 41.71 -19.16 -23.10
CA LEU B 385 42.85 -19.25 -24.01
C LEU B 385 44.09 -19.74 -23.29
N ASN B 386 44.00 -20.96 -22.76
CA ASN B 386 45.16 -21.59 -22.14
C ASN B 386 46.31 -21.70 -23.13
N SER B 387 46.02 -22.12 -24.35
CA SER B 387 47.03 -22.10 -25.41
C SER B 387 47.28 -20.68 -25.87
N VAL B 388 48.54 -20.38 -26.17
CA VAL B 388 48.96 -19.05 -26.62
C VAL B 388 48.58 -17.99 -25.61
N PRO B 406 56.48 -19.87 -8.27
CA PRO B 406 56.71 -20.97 -9.22
C PRO B 406 55.92 -22.24 -8.90
N PHE B 407 56.63 -23.34 -8.62
CA PHE B 407 56.00 -24.64 -8.43
C PHE B 407 55.47 -24.77 -7.00
N ILE B 408 54.39 -24.04 -6.73
CA ILE B 408 53.70 -24.09 -5.45
C ILE B 408 52.21 -24.35 -5.62
N TRP B 409 51.54 -23.51 -6.41
CA TRP B 409 50.09 -23.58 -6.51
C TRP B 409 49.64 -24.80 -7.31
N TYR B 410 50.58 -25.47 -7.96
CA TYR B 410 50.24 -26.66 -8.72
C TYR B 410 49.87 -27.81 -7.78
N SER B 411 48.89 -28.61 -8.20
CA SER B 411 48.53 -29.79 -7.45
C SER B 411 49.66 -30.82 -7.54
N PRO B 412 49.77 -31.71 -6.55
CA PRO B 412 50.91 -32.64 -6.53
C PRO B 412 51.04 -33.49 -7.79
N GLU B 413 49.96 -34.15 -8.22
CA GLU B 413 50.06 -35.00 -9.40
C GLU B 413 50.42 -34.19 -10.65
N VAL B 414 49.87 -32.99 -10.77
CA VAL B 414 50.30 -32.10 -11.85
C VAL B 414 51.75 -31.67 -11.63
N LEU B 415 52.14 -31.47 -10.37
CA LEU B 415 53.51 -31.05 -10.09
C LEU B 415 54.51 -32.14 -10.48
N GLU B 416 54.08 -33.40 -10.40
CA GLU B 416 54.91 -34.53 -10.81
C GLU B 416 54.65 -34.95 -12.24
N GLU B 417 54.34 -34.00 -13.12
CA GLU B 417 54.11 -34.31 -14.52
C GLU B 417 55.41 -34.15 -15.30
N GLN B 418 56.01 -35.27 -15.71
CA GLN B 418 57.20 -35.25 -16.55
C GLN B 418 56.90 -35.82 -17.92
N LYS B 428 46.00 -32.28 -15.65
CA LYS B 428 45.89 -31.38 -16.79
C LYS B 428 44.60 -30.57 -16.75
N TYR B 429 44.63 -29.44 -16.05
CA TYR B 429 43.48 -28.55 -15.94
C TYR B 429 42.26 -29.28 -15.40
N SER B 430 42.46 -30.27 -14.54
CA SER B 430 41.33 -31.03 -14.02
C SER B 430 40.53 -30.19 -13.05
N ASP B 431 39.26 -30.52 -12.86
CA ASP B 431 38.41 -29.80 -11.93
C ASP B 431 38.92 -29.86 -10.51
N LYS B 432 39.65 -30.91 -10.15
CA LYS B 432 40.20 -31.03 -8.81
C LYS B 432 41.62 -30.47 -8.69
N SER B 433 42.29 -30.24 -9.81
CA SER B 433 43.66 -29.74 -9.75
C SER B 433 43.74 -28.27 -9.38
N ASP B 434 42.64 -27.52 -9.52
CA ASP B 434 42.61 -26.14 -9.08
C ASP B 434 41.87 -25.95 -7.77
N VAL B 435 41.08 -26.94 -7.33
CA VAL B 435 40.58 -26.92 -5.97
C VAL B 435 41.75 -26.95 -4.99
N TYR B 436 42.77 -27.75 -5.31
CA TYR B 436 44.01 -27.70 -4.56
C TYR B 436 44.58 -26.29 -4.58
N SER B 437 44.59 -25.66 -5.75
CA SER B 437 45.09 -24.29 -5.83
C SER B 437 44.25 -23.33 -4.98
N PHE B 438 42.93 -23.48 -5.01
CA PHE B 438 42.09 -22.60 -4.23
C PHE B 438 42.37 -22.77 -2.74
N GLY B 439 42.51 -24.00 -2.28
CA GLY B 439 42.91 -24.22 -0.90
C GLY B 439 44.27 -23.66 -0.59
N MET B 440 45.18 -23.68 -1.56
CA MET B 440 46.52 -23.13 -1.37
C MET B 440 46.45 -21.62 -1.17
N VAL B 441 45.68 -20.94 -2.02
CA VAL B 441 45.43 -19.52 -1.88
C VAL B 441 44.66 -19.24 -0.60
N SER B 442 43.77 -20.14 -0.20
CA SER B 442 43.07 -19.99 1.06
C SER B 442 44.03 -19.93 2.24
N PHE B 443 45.03 -20.80 2.25
CA PHE B 443 46.07 -20.70 3.27
C PHE B 443 46.77 -19.36 3.20
N GLU B 444 47.06 -18.89 1.99
CA GLU B 444 47.72 -17.60 1.83
C GLU B 444 46.88 -16.46 2.42
N LEU B 445 45.57 -16.48 2.18
CA LEU B 445 44.71 -15.43 2.72
C LEU B 445 44.71 -15.45 4.24
N LEU B 446 44.59 -16.64 4.83
CA LEU B 446 44.51 -16.73 6.28
C LEU B 446 45.80 -16.27 6.96
N THR B 447 46.91 -16.96 6.69
CA THR B 447 48.14 -16.62 7.38
C THR B 447 48.74 -15.32 6.87
N GLY B 448 48.32 -14.85 5.70
CA GLY B 448 48.84 -13.62 5.16
C GLY B 448 50.24 -13.71 4.62
N LYS B 449 50.87 -14.87 4.70
CA LYS B 449 52.23 -15.07 4.22
C LYS B 449 52.20 -15.95 2.99
N VAL B 450 53.12 -15.70 2.06
CA VAL B 450 53.27 -16.63 0.94
C VAL B 450 53.72 -17.98 1.49
N PRO B 451 53.16 -19.08 1.03
CA PRO B 451 53.44 -20.37 1.65
C PRO B 451 54.86 -20.83 1.41
N PHE B 452 55.32 -21.75 2.26
CA PHE B 452 56.66 -22.30 2.19
C PHE B 452 57.71 -21.21 2.33
N GLU B 453 57.43 -20.24 3.20
CA GLU B 453 58.45 -19.29 3.61
C GLU B 453 59.56 -20.00 4.36
N ASP B 454 59.21 -20.93 5.26
CA ASP B 454 60.20 -21.64 6.05
C ASP B 454 61.08 -22.55 5.19
N SER B 455 60.49 -23.24 4.22
CA SER B 455 61.23 -24.17 3.39
C SER B 455 62.11 -23.48 2.35
N HIS B 456 62.28 -22.15 2.48
CA HIS B 456 63.06 -21.41 1.50
C HIS B 456 64.50 -21.90 1.43
N LEU B 457 64.97 -22.58 2.48
CA LEU B 457 66.30 -23.13 2.46
C LEU B 457 66.46 -24.16 1.35
N GLN B 458 65.46 -25.03 1.18
CA GLN B 458 65.51 -26.04 0.14
C GLN B 458 65.39 -25.39 -1.24
N GLY B 459 66.20 -25.85 -2.17
CA GLY B 459 66.13 -25.38 -3.54
C GLY B 459 65.65 -26.46 -4.48
N ASP B 460 64.41 -26.32 -4.95
CA ASP B 460 63.75 -27.24 -5.87
C ASP B 460 63.50 -28.61 -5.26
N LYS B 461 63.93 -28.84 -4.02
CA LYS B 461 63.55 -30.04 -3.30
C LYS B 461 62.10 -30.02 -2.86
N MET B 462 61.48 -28.83 -2.86
CA MET B 462 60.05 -28.72 -2.59
C MET B 462 59.25 -29.58 -3.55
N SER B 463 59.67 -29.65 -4.81
CA SER B 463 58.92 -30.40 -5.81
C SER B 463 58.76 -31.85 -5.43
N ARG B 464 59.83 -32.49 -4.94
CA ARG B 464 59.72 -33.84 -4.41
C ARG B 464 58.98 -33.88 -3.09
N ASN B 465 59.14 -32.84 -2.26
CA ASN B 465 58.48 -32.81 -0.96
C ASN B 465 56.97 -32.79 -1.10
N ILE B 466 56.44 -32.05 -2.07
CA ILE B 466 54.98 -31.97 -2.24
C ILE B 466 54.42 -33.33 -2.60
N ARG B 467 55.18 -34.12 -3.36
CA ARG B 467 54.74 -35.48 -3.65
C ARG B 467 54.56 -36.27 -2.36
N ALA B 468 55.50 -36.15 -1.44
CA ALA B 468 55.31 -36.68 -0.09
C ALA B 468 54.22 -35.88 0.61
N GLY B 469 53.63 -36.46 1.64
CA GLY B 469 52.55 -35.78 2.31
C GLY B 469 53.00 -34.62 3.17
N GLU B 470 53.58 -33.60 2.55
CA GLU B 470 54.01 -32.40 3.26
C GLU B 470 53.28 -31.19 2.71
N ARG B 471 52.65 -30.44 3.61
CA ARG B 471 51.91 -29.23 3.29
C ARG B 471 52.30 -28.13 4.28
N PRO B 472 52.13 -26.87 3.90
CA PRO B 472 52.51 -25.78 4.82
C PRO B 472 51.69 -25.83 6.09
N LEU B 473 52.31 -25.44 7.20
CA LEU B 473 51.66 -25.54 8.50
C LEU B 473 51.11 -24.18 8.93
N PHE B 474 49.93 -24.22 9.52
CA PHE B 474 49.25 -23.03 9.98
C PHE B 474 49.80 -22.57 11.32
N PRO B 475 49.63 -21.29 11.65
CA PRO B 475 49.81 -20.88 13.04
C PRO B 475 48.68 -21.44 13.89
N PHE B 476 48.99 -21.70 15.15
CA PHE B 476 48.02 -22.33 16.04
C PHE B 476 46.85 -21.40 16.34
N ASN B 477 47.07 -20.09 16.22
CA ASN B 477 46.00 -19.13 16.50
C ASN B 477 44.82 -19.26 15.54
N SER B 478 45.05 -19.78 14.33
CA SER B 478 43.99 -19.83 13.34
C SER B 478 42.87 -20.74 13.80
N PRO B 479 41.61 -20.34 13.60
CA PRO B 479 40.48 -21.13 14.10
C PRO B 479 40.36 -22.46 13.38
N LYS B 480 39.85 -23.45 14.12
CA LYS B 480 39.81 -24.81 13.60
C LYS B 480 38.88 -24.93 12.41
N PHE B 481 37.72 -24.28 12.46
CA PHE B 481 36.67 -24.53 11.48
C PHE B 481 37.11 -24.11 10.07
N ILE B 482 37.74 -22.95 9.99
CA ILE B 482 38.18 -22.41 8.70
C ILE B 482 39.27 -23.28 8.10
N THR B 483 40.30 -23.59 8.88
CA THR B 483 41.47 -24.28 8.35
C THR B 483 41.20 -25.73 7.98
N ASN B 484 40.05 -26.28 8.34
CA ASN B 484 39.75 -27.65 7.96
C ASN B 484 39.51 -27.74 6.45
N LEU B 485 38.99 -26.66 5.86
CA LEU B 485 38.88 -26.61 4.40
C LEU B 485 40.24 -26.72 3.75
N THR B 486 41.22 -25.97 4.26
CA THR B 486 42.55 -26.04 3.68
C THR B 486 43.15 -27.43 3.82
N LYS B 487 42.97 -28.07 4.99
CA LYS B 487 43.42 -29.45 5.11
C LYS B 487 42.69 -30.38 4.15
N ARG B 488 41.44 -30.09 3.82
CA ARG B 488 40.70 -31.04 2.99
C ARG B 488 40.95 -30.78 1.51
N CYS B 489 41.27 -29.54 1.14
CA CYS B 489 41.67 -29.27 -0.23
C CYS B 489 43.11 -29.71 -0.48
N TRP B 490 43.93 -29.73 0.58
CA TRP B 490 45.29 -30.20 0.46
C TRP B 490 45.40 -31.70 0.28
N HIS B 491 44.31 -32.43 0.44
CA HIS B 491 44.38 -33.88 0.56
C HIS B 491 45.07 -34.50 -0.65
N ALA B 492 45.94 -35.47 -0.39
CA ALA B 492 46.73 -36.07 -1.46
C ALA B 492 45.84 -36.75 -2.48
N ASP B 493 44.82 -37.46 -2.02
CA ASP B 493 43.92 -38.17 -2.94
C ASP B 493 43.10 -37.14 -3.73
N PRO B 494 43.21 -37.15 -5.06
CA PRO B 494 42.45 -36.17 -5.84
C PRO B 494 40.94 -36.27 -5.65
N ASN B 495 40.42 -37.47 -5.42
CA ASN B 495 38.98 -37.65 -5.32
C ASN B 495 38.42 -36.97 -4.08
N GLN B 496 39.17 -37.00 -2.97
CA GLN B 496 38.59 -36.59 -1.70
C GLN B 496 38.49 -35.09 -1.58
N ARG B 497 39.14 -34.33 -2.46
CA ARG B 497 38.99 -32.89 -2.43
C ARG B 497 37.55 -32.52 -2.74
N PRO B 498 36.92 -31.66 -1.94
CA PRO B 498 35.54 -31.28 -2.20
C PRO B 498 35.41 -30.44 -3.44
N THR B 499 34.25 -30.55 -4.09
CA THR B 499 33.97 -29.72 -5.24
C THR B 499 33.74 -28.27 -4.80
N PHE B 500 33.72 -27.37 -5.78
CA PHE B 500 33.52 -25.97 -5.46
C PHE B 500 32.09 -25.69 -5.03
N SER B 501 31.11 -26.41 -5.58
CA SER B 501 29.73 -26.24 -5.12
C SER B 501 29.57 -26.66 -3.68
N SER B 502 30.48 -27.47 -3.14
CA SER B 502 30.47 -27.82 -1.72
C SER B 502 31.31 -26.88 -0.89
N ILE B 503 32.45 -26.43 -1.42
CA ILE B 503 33.25 -25.47 -0.68
C ILE B 503 32.51 -24.17 -0.48
N SER B 504 31.76 -23.71 -1.49
CA SER B 504 31.02 -22.47 -1.34
C SER B 504 30.00 -22.55 -0.22
N ARG B 505 29.21 -23.63 -0.19
CA ARG B 505 28.18 -23.74 0.82
C ARG B 505 28.73 -24.08 2.19
N ILE B 506 29.96 -24.59 2.28
CA ILE B 506 30.63 -24.63 3.56
C ILE B 506 31.03 -23.22 3.99
N LEU B 507 31.59 -22.44 3.06
CA LEU B 507 32.10 -21.13 3.40
C LEU B 507 31.01 -20.18 3.84
N ARG B 508 29.86 -20.18 3.17
CA ARG B 508 28.83 -19.25 3.60
C ARG B 508 28.25 -19.62 4.95
N TYR B 509 28.26 -20.89 5.34
CA TYR B 509 27.87 -21.26 6.68
C TYR B 509 28.92 -20.88 7.72
N ILE B 510 30.20 -20.98 7.39
CA ILE B 510 31.20 -20.45 8.29
C ILE B 510 31.08 -18.94 8.43
N LYS B 511 30.69 -18.25 7.36
CA LYS B 511 30.41 -16.83 7.46
C LYS B 511 29.25 -16.57 8.40
N ARG B 512 28.23 -17.43 8.39
CA ARG B 512 27.13 -17.28 9.33
C ARG B 512 27.61 -17.39 10.77
N PHE B 513 28.37 -18.44 11.08
CA PHE B 513 28.89 -18.58 12.43
C PHE B 513 29.78 -17.41 12.80
N LEU B 514 30.62 -16.96 11.87
CA LEU B 514 31.50 -15.84 12.15
C LEU B 514 30.73 -14.55 12.33
N ALA B 515 29.47 -14.53 11.88
CA ALA B 515 28.65 -13.34 12.05
C ALA B 515 27.97 -13.32 13.40
N LEU B 516 27.58 -14.49 13.92
CA LEU B 516 26.86 -14.54 15.18
C LEU B 516 27.72 -14.05 16.34
N ASN B 517 28.94 -14.55 16.44
CA ASN B 517 29.83 -14.18 17.54
C ASN B 517 31.06 -13.46 17.03
N PRO B 518 31.05 -12.13 17.00
CA PRO B 518 32.23 -11.39 16.51
C PRO B 518 33.50 -11.68 17.28
N GLU B 519 33.39 -12.02 18.56
CA GLU B 519 34.59 -12.18 19.39
C GLU B 519 35.49 -13.29 18.88
N CYS B 520 34.95 -14.18 18.05
CA CYS B 520 35.75 -15.27 17.51
C CYS B 520 36.92 -14.75 16.69
N TYR B 521 36.69 -13.74 15.85
CA TYR B 521 37.75 -13.30 14.95
C TYR B 521 38.54 -12.13 15.54
N SER B 522 37.91 -11.33 16.40
CA SER B 522 38.60 -10.18 16.97
C SER B 522 39.22 -10.52 18.32
N SER B 529 38.49 -20.96 23.42
CA SER B 529 37.96 -21.64 22.24
C SER B 529 36.53 -21.19 21.96
N ILE B 530 36.37 -20.47 20.84
CA ILE B 530 35.08 -19.89 20.48
C ILE B 530 34.51 -20.69 19.31
N ALA B 531 35.31 -21.61 18.77
CA ALA B 531 34.96 -22.42 17.62
C ALA B 531 33.75 -23.32 17.92
N PRO B 532 32.99 -23.69 16.91
CA PRO B 532 31.83 -24.56 17.15
C PRO B 532 32.24 -25.98 17.50
N THR B 533 31.23 -26.84 17.65
CA THR B 533 31.47 -28.22 18.04
C THR B 533 31.72 -29.10 16.81
N VAL B 534 30.78 -29.12 15.87
CA VAL B 534 30.83 -30.05 14.76
C VAL B 534 31.80 -29.54 13.70
N ASP B 535 32.47 -30.47 13.01
CA ASP B 535 33.25 -30.12 11.84
C ASP B 535 32.31 -29.94 10.66
N TYR B 536 32.44 -28.81 9.97
CA TYR B 536 31.52 -28.49 8.90
C TYR B 536 31.69 -29.42 7.71
N CYS B 537 32.93 -29.84 7.44
CA CYS B 537 33.17 -30.75 6.32
C CYS B 537 32.43 -32.06 6.51
N GLU B 538 32.34 -32.52 7.76
CA GLU B 538 31.63 -33.75 8.09
C GLU B 538 30.18 -33.55 7.73
N ILE B 539 29.65 -32.36 8.01
CA ILE B 539 28.27 -32.05 7.70
C ILE B 539 28.03 -32.12 6.20
N GLU B 540 28.99 -31.60 5.43
CA GLU B 540 28.86 -31.62 3.97
C GLU B 540 28.84 -33.03 3.45
N THR B 541 29.69 -33.89 4.01
CA THR B 541 29.72 -35.28 3.58
C THR B 541 28.39 -35.94 3.87
N LYS B 542 27.81 -35.63 5.03
CA LYS B 542 26.52 -36.19 5.38
C LYS B 542 25.42 -35.73 4.43
N LEU B 543 25.38 -34.43 4.14
CA LEU B 543 24.29 -33.87 3.35
C LEU B 543 24.40 -34.19 1.88
N LEU B 544 25.61 -34.42 1.36
CA LEU B 544 25.74 -34.79 -0.05
C LEU B 544 25.03 -36.10 -0.35
N GLN B 545 25.21 -37.12 0.51
CA GLN B 545 24.50 -38.37 0.27
C GLN B 545 23.03 -38.28 0.67
N LYS B 546 22.74 -37.56 1.75
CA LYS B 546 21.37 -37.51 2.24
C LYS B 546 20.46 -36.75 1.28
N LEU B 547 20.94 -35.63 0.74
CA LEU B 547 20.11 -34.75 -0.06
C LEU B 547 20.43 -34.79 -1.55
N SER B 548 21.49 -35.49 -1.95
CA SER B 548 21.89 -35.60 -3.36
C SER B 548 22.17 -34.21 -3.95
N TRP B 549 23.01 -33.46 -3.25
CA TRP B 549 23.43 -32.15 -3.73
C TRP B 549 24.45 -32.24 -4.85
N GLU B 550 25.11 -33.39 -5.03
CA GLU B 550 26.07 -33.55 -6.09
C GLU B 550 25.43 -33.67 -7.46
N SER B 551 24.10 -33.77 -7.53
CA SER B 551 23.43 -33.87 -8.82
C SER B 551 23.61 -32.60 -9.64
N THR B 552 23.66 -31.45 -8.98
CA THR B 552 23.77 -30.17 -9.65
C THR B 552 25.18 -29.63 -9.49
N GLU B 553 25.82 -29.28 -10.62
CA GLU B 553 27.14 -28.69 -10.56
C GLU B 553 27.09 -27.28 -9.98
N LEU B 554 26.09 -26.48 -10.37
CA LEU B 554 25.94 -25.12 -9.92
C LEU B 554 24.64 -24.97 -9.14
N THR B 555 24.67 -24.16 -8.09
CA THR B 555 23.52 -23.96 -7.22
C THR B 555 22.87 -22.60 -7.53
N LYS B 556 21.60 -22.63 -7.91
CA LYS B 556 20.86 -21.41 -8.14
C LYS B 556 20.57 -20.70 -6.83
N VAL B 557 20.38 -19.38 -6.91
CA VAL B 557 20.37 -18.54 -5.71
C VAL B 557 19.15 -18.83 -4.85
N SER B 558 18.05 -19.28 -5.46
CA SER B 558 16.86 -19.57 -4.68
C SER B 558 17.06 -20.73 -3.72
N GLN B 559 18.13 -21.49 -3.87
CA GLN B 559 18.43 -22.62 -3.00
C GLN B 559 19.32 -22.27 -1.83
N VAL B 560 19.83 -21.04 -1.76
CA VAL B 560 20.82 -20.70 -0.72
C VAL B 560 20.24 -20.81 0.68
N PRO B 561 19.09 -20.22 1.02
CA PRO B 561 18.60 -20.32 2.40
C PRO B 561 18.30 -21.75 2.82
N PHE B 562 17.84 -22.59 1.90
CA PHE B 562 17.57 -23.97 2.26
C PHE B 562 18.85 -24.70 2.65
N GLN B 563 19.94 -24.44 1.91
CA GLN B 563 21.19 -25.09 2.25
C GLN B 563 21.71 -24.63 3.61
N MET B 564 21.67 -23.33 3.89
CA MET B 564 22.08 -22.86 5.20
C MET B 564 21.15 -23.38 6.30
N PHE B 565 19.90 -23.69 5.94
CA PHE B 565 18.97 -24.27 6.90
C PHE B 565 19.29 -25.74 7.15
N ALA B 566 19.60 -26.48 6.10
CA ALA B 566 19.95 -27.89 6.26
C ALA B 566 21.19 -28.07 7.11
N TYR B 567 22.17 -27.19 6.95
CA TYR B 567 23.36 -27.28 7.80
C TYR B 567 22.99 -27.12 9.26
N ARG B 568 22.14 -26.15 9.58
CA ARG B 568 21.76 -25.92 10.96
C ARG B 568 20.99 -27.12 11.53
N VAL B 569 20.19 -27.78 10.70
CA VAL B 569 19.47 -28.96 11.16
C VAL B 569 20.46 -30.04 11.57
N VAL B 570 21.50 -30.25 10.76
CA VAL B 570 22.47 -31.30 11.07
C VAL B 570 23.24 -30.97 12.34
N GLU B 571 23.59 -29.70 12.57
CA GLU B 571 24.22 -29.36 13.85
C GLU B 571 23.29 -29.67 15.01
N ARG B 572 22.03 -29.23 14.91
CA ARG B 572 21.11 -29.43 16.02
C ARG B 572 20.91 -30.90 16.33
N ALA B 573 20.81 -31.75 15.31
CA ALA B 573 20.73 -33.17 15.53
C ALA B 573 22.00 -33.74 16.16
N LYS B 574 23.12 -33.04 16.06
CA LYS B 574 24.39 -33.52 16.57
C LYS B 574 24.83 -32.79 17.83
N THR B 575 23.89 -32.20 18.57
CA THR B 575 24.24 -31.62 19.87
C THR B 575 24.60 -32.70 20.87
N CYS B 576 23.87 -33.83 20.84
CA CYS B 576 24.10 -34.94 21.74
C CYS B 576 24.06 -34.52 23.21
N MET C 1 -12.78 -21.04 -5.66
CA MET C 1 -13.29 -19.96 -6.47
C MET C 1 -14.81 -20.01 -6.53
N ASP C 2 -15.41 -18.93 -7.04
CA ASP C 2 -16.85 -18.75 -7.17
C ASP C 2 -17.53 -18.51 -5.84
N GLN C 3 -16.79 -18.65 -4.74
CA GLN C 3 -17.24 -18.22 -3.43
C GLN C 3 -16.21 -17.22 -2.93
N PHE C 4 -14.94 -17.52 -3.23
CA PHE C 4 -13.85 -16.62 -2.90
C PHE C 4 -13.99 -15.29 -3.63
N ARG C 5 -14.34 -15.34 -4.91
CA ARG C 5 -14.54 -14.12 -5.67
C ARG C 5 -15.72 -13.33 -5.14
N GLU C 6 -16.78 -14.01 -4.68
CA GLU C 6 -17.91 -13.30 -4.10
C GLU C 6 -17.51 -12.60 -2.81
N ILE C 7 -16.68 -13.24 -2.00
CA ILE C 7 -16.15 -12.58 -0.82
C ILE C 7 -15.34 -11.35 -1.21
N GLY C 8 -14.50 -11.49 -2.23
CA GLY C 8 -13.73 -10.34 -2.68
C GLY C 8 -14.62 -9.18 -3.09
N GLU C 9 -15.72 -9.49 -3.79
CA GLU C 9 -16.57 -8.41 -4.29
C GLU C 9 -17.38 -7.78 -3.16
N VAL C 10 -17.81 -8.56 -2.18
CA VAL C 10 -18.51 -7.98 -1.05
C VAL C 10 -17.58 -7.11 -0.24
N LEU C 11 -16.32 -7.53 -0.11
CA LEU C 11 -15.33 -6.71 0.57
C LEU C 11 -15.07 -5.42 -0.19
N GLY C 12 -15.02 -5.48 -1.52
CA GLY C 12 -14.90 -4.27 -2.30
C GLY C 12 -16.09 -3.35 -2.13
N SER C 13 -17.28 -3.93 -2.01
CA SER C 13 -18.47 -3.12 -1.74
C SER C 13 -18.35 -2.40 -0.41
N ILE C 14 -17.86 -3.09 0.61
CA ILE C 14 -17.66 -2.45 1.91
C ILE C 14 -16.64 -1.32 1.80
N ARG C 15 -15.57 -1.54 1.04
CA ARG C 15 -14.58 -0.47 0.88
C ARG C 15 -15.19 0.74 0.17
N ALA C 16 -16.00 0.50 -0.85
CA ALA C 16 -16.67 1.60 -1.53
C ALA C 16 -17.57 2.37 -0.58
N LEU C 17 -18.31 1.65 0.27
CA LEU C 17 -19.16 2.30 1.26
C LEU C 17 -18.31 3.13 2.22
N MET C 18 -17.19 2.57 2.67
CA MET C 18 -16.35 3.22 3.67
C MET C 18 -15.53 4.36 3.10
N VAL C 19 -15.55 4.55 1.78
CA VAL C 19 -14.93 5.75 1.21
C VAL C 19 -15.48 7.00 1.89
N PHE C 20 -16.79 7.07 2.04
CA PHE C 20 -17.43 8.17 2.77
C PHE C 20 -17.40 7.89 4.27
N LYS C 21 -16.17 7.77 4.78
CA LYS C 21 -15.96 7.35 6.16
C LYS C 21 -16.39 8.41 7.14
N ASP C 22 -16.13 9.68 6.84
CA ASP C 22 -16.40 10.75 7.80
C ASP C 22 -17.90 10.97 7.99
N SER C 23 -18.72 10.46 7.09
CA SER C 23 -20.16 10.62 7.25
C SER C 23 -20.70 9.76 8.39
N ILE C 24 -19.91 8.77 8.83
CA ILE C 24 -20.29 8.00 10.01
C ILE C 24 -19.97 8.82 11.25
N GLN C 25 -20.97 9.00 12.11
CA GLN C 25 -20.82 9.86 13.28
C GLN C 25 -20.46 9.09 14.54
N ILE C 26 -20.81 7.80 14.60
CA ILE C 26 -20.68 7.04 15.84
C ILE C 26 -19.80 5.80 15.71
N ASN C 27 -19.75 5.18 14.54
CA ASN C 27 -19.05 3.91 14.37
C ASN C 27 -17.84 4.00 13.46
N GLN C 28 -17.21 5.17 13.37
CA GLN C 28 -16.09 5.30 12.45
C GLN C 28 -14.96 4.35 12.83
N ARG C 29 -14.65 4.25 14.13
CA ARG C 29 -13.60 3.36 14.58
C ARG C 29 -14.00 1.91 14.43
N GLN C 30 -15.24 1.56 14.78
CA GLN C 30 -15.67 0.18 14.65
C GLN C 30 -15.78 -0.24 13.19
N CYS C 31 -16.29 0.64 12.33
CA CYS C 31 -16.34 0.30 10.92
C CYS C 31 -14.95 0.15 10.33
N SER C 32 -14.02 1.04 10.73
CA SER C 32 -12.64 0.88 10.29
C SER C 32 -12.05 -0.43 10.77
N LEU C 33 -12.33 -0.84 12.01
CA LEU C 33 -11.84 -2.12 12.49
C LEU C 33 -12.44 -3.29 11.70
N LEU C 34 -13.72 -3.23 11.39
CA LEU C 34 -14.32 -4.28 10.56
C LEU C 34 -13.63 -4.36 9.21
N LEU C 35 -13.39 -3.21 8.57
CA LEU C 35 -12.71 -3.25 7.29
C LEU C 35 -11.29 -3.80 7.42
N ASP C 36 -10.56 -3.37 8.45
CA ASP C 36 -9.18 -3.80 8.62
C ASP C 36 -9.07 -5.27 8.98
N LEU C 37 -10.10 -5.86 9.58
CA LEU C 37 -10.08 -7.29 9.83
C LEU C 37 -10.53 -8.10 8.65
N PHE C 38 -11.58 -7.67 7.95
CA PHE C 38 -11.99 -8.40 6.76
C PHE C 38 -10.89 -8.40 5.71
N THR C 39 -10.22 -7.26 5.54
CA THR C 39 -9.12 -7.20 4.59
C THR C 39 -7.99 -8.14 4.99
N ALA C 40 -7.64 -8.19 6.27
CA ALA C 40 -6.57 -9.06 6.71
C ALA C 40 -6.94 -10.53 6.54
N ALA C 41 -8.17 -10.91 6.89
CA ALA C 41 -8.62 -12.28 6.68
C ALA C 41 -8.58 -12.65 5.21
N TYR C 42 -9.04 -11.75 4.35
CA TYR C 42 -8.99 -11.98 2.92
C TYR C 42 -7.56 -12.13 2.41
N GLU C 43 -6.64 -11.30 2.89
CA GLU C 43 -5.25 -11.41 2.49
C GLU C 43 -4.66 -12.75 2.89
N SER C 44 -4.89 -13.16 4.14
CA SER C 44 -4.36 -14.45 4.59
C SER C 44 -4.96 -15.61 3.83
N ILE C 45 -6.27 -15.58 3.56
CA ILE C 45 -6.89 -16.65 2.81
C ILE C 45 -6.34 -16.72 1.39
N SER C 46 -6.17 -15.56 0.75
CA SER C 46 -5.61 -15.55 -0.59
C SER C 46 -4.19 -16.09 -0.61
N VAL C 47 -3.37 -15.70 0.36
CA VAL C 47 -2.00 -16.19 0.41
C VAL C 47 -1.98 -17.70 0.63
N SER C 48 -2.84 -18.19 1.52
CA SER C 48 -2.85 -19.63 1.79
C SER C 48 -3.41 -20.43 0.62
N MET C 49 -4.26 -19.84 -0.21
CA MET C 49 -4.70 -20.56 -1.41
C MET C 49 -3.63 -20.52 -2.50
N ARG C 50 -2.92 -19.40 -2.64
CA ARG C 50 -1.79 -19.36 -3.54
C ARG C 50 -0.76 -20.42 -3.18
N SER C 51 -0.37 -20.49 -1.91
CA SER C 51 0.68 -21.40 -1.52
C SER C 51 0.26 -22.86 -1.60
N ASN C 52 -0.99 -23.16 -1.29
CA ASN C 52 -1.39 -24.54 -1.08
C ASN C 52 -2.08 -25.15 -2.31
N LEU C 53 -2.97 -24.43 -2.95
CA LEU C 53 -3.88 -25.00 -3.92
C LEU C 53 -3.40 -24.77 -5.35
N ARG C 54 -3.85 -25.64 -6.24
CA ARG C 54 -3.54 -25.57 -7.66
C ARG C 54 -4.78 -25.17 -8.43
N PHE C 55 -4.66 -24.14 -9.27
CA PHE C 55 -5.81 -23.62 -10.00
C PHE C 55 -6.27 -24.54 -11.12
N LYS C 56 -5.38 -25.38 -11.66
CA LYS C 56 -5.76 -26.28 -12.73
C LYS C 56 -6.89 -27.21 -12.30
N GLU C 57 -6.90 -27.59 -11.03
CA GLU C 57 -7.90 -28.48 -10.46
C GLU C 57 -9.02 -27.71 -9.77
N LYS C 58 -9.38 -26.54 -10.30
CA LYS C 58 -10.36 -25.69 -9.66
C LYS C 58 -11.72 -26.37 -9.51
N ASN C 59 -12.16 -27.05 -10.57
CA ASN C 59 -13.55 -27.48 -10.64
C ASN C 59 -13.82 -28.82 -9.98
N THR C 60 -12.79 -29.59 -9.65
CA THR C 60 -12.97 -30.93 -9.14
C THR C 60 -12.53 -31.11 -7.69
N LYS C 61 -11.37 -30.59 -7.32
CA LYS C 61 -10.79 -30.85 -6.02
C LYS C 61 -10.98 -29.71 -5.03
N TRP C 62 -11.83 -28.74 -5.35
CA TRP C 62 -12.11 -27.65 -4.42
C TRP C 62 -13.53 -27.73 -3.86
N LYS C 63 -14.17 -28.88 -3.97
CA LYS C 63 -15.53 -29.03 -3.47
C LYS C 63 -15.62 -28.84 -1.96
N ILE C 64 -14.54 -29.10 -1.23
CA ILE C 64 -14.59 -28.97 0.22
C ILE C 64 -14.54 -27.52 0.68
N LEU C 65 -14.03 -26.61 -0.14
CA LEU C 65 -13.95 -25.20 0.25
C LEU C 65 -15.26 -24.44 0.04
N GLU C 66 -16.28 -25.06 -0.54
CA GLU C 66 -17.48 -24.32 -0.89
C GLU C 66 -18.18 -23.78 0.35
N GLN C 67 -18.40 -24.63 1.34
CA GLN C 67 -19.21 -24.20 2.47
C GLN C 67 -18.48 -23.31 3.48
N PRO C 68 -17.23 -23.57 3.86
CA PRO C 68 -16.54 -22.59 4.71
C PRO C 68 -16.45 -21.22 4.08
N LEU C 69 -16.19 -21.17 2.78
CA LEU C 69 -16.14 -19.88 2.09
C LEU C 69 -17.53 -19.25 2.02
N ARG C 70 -18.58 -20.08 1.90
CA ARG C 70 -19.92 -19.53 1.99
C ARG C 70 -20.17 -18.89 3.34
N GLU C 71 -19.74 -19.54 4.40
CA GLU C 71 -19.96 -18.97 5.73
C GLU C 71 -19.18 -17.69 5.93
N LEU C 72 -17.94 -17.63 5.45
CA LEU C 72 -17.22 -16.36 5.48
C LEU C 72 -17.87 -15.29 4.63
N LEU C 73 -18.43 -15.68 3.49
CA LEU C 73 -19.20 -14.75 2.67
C LEU C 73 -20.36 -14.18 3.46
N TRP C 74 -21.07 -15.03 4.19
CA TRP C 74 -22.19 -14.57 5.01
C TRP C 74 -21.73 -13.61 6.10
N VAL C 75 -20.60 -13.91 6.73
CA VAL C 75 -20.08 -13.01 7.76
C VAL C 75 -19.75 -11.65 7.16
N VAL C 76 -19.09 -11.63 6.01
CA VAL C 76 -18.74 -10.35 5.40
C VAL C 76 -19.99 -9.62 4.93
N ARG C 77 -21.00 -10.35 4.45
CA ARG C 77 -22.24 -9.71 4.04
C ARG C 77 -23.00 -9.11 5.21
N GLU C 78 -22.86 -9.69 6.40
CA GLU C 78 -23.41 -9.05 7.59
C GLU C 78 -22.59 -7.84 8.03
N GLY C 79 -21.27 -7.90 7.89
CA GLY C 79 -20.48 -6.71 8.13
C GLY C 79 -20.86 -5.56 7.23
N GLU C 80 -21.15 -5.86 5.96
CA GLU C 80 -21.59 -4.81 5.04
C GLU C 80 -22.91 -4.20 5.47
N ALA C 81 -23.86 -5.03 5.91
CA ALA C 81 -25.10 -4.50 6.43
C ALA C 81 -24.88 -3.64 7.67
N TYR C 82 -23.96 -4.04 8.54
CA TYR C 82 -23.63 -3.21 9.69
C TYR C 82 -23.08 -1.85 9.24
N VAL C 83 -22.22 -1.83 8.24
CA VAL C 83 -21.67 -0.56 7.77
C VAL C 83 -22.77 0.32 7.19
N ARG C 84 -23.63 -0.25 6.33
CA ARG C 84 -24.73 0.54 5.79
C ARG C 84 -25.68 1.02 6.88
N MET C 85 -25.87 0.25 7.93
CA MET C 85 -26.68 0.72 9.07
C MET C 85 -26.00 1.89 9.76
N SER C 86 -24.68 1.81 9.95
CA SER C 86 -23.98 2.86 10.67
C SER C 86 -23.73 4.10 9.83
N LEU C 87 -23.93 4.01 8.51
CA LEU C 87 -23.58 5.10 7.62
C LEU C 87 -24.77 5.74 6.91
N GLU C 88 -25.91 5.06 6.88
CA GLU C 88 -27.06 5.60 6.17
C GLU C 88 -27.54 6.89 6.84
N PRO C 89 -28.08 7.82 6.05
CA PRO C 89 -28.66 9.05 6.62
C PRO C 89 -30.16 8.96 6.91
N LYS C 90 -30.73 7.76 6.87
CA LYS C 90 -32.17 7.61 7.08
C LYS C 90 -32.58 8.11 8.46
N LEU C 91 -31.79 7.79 9.47
CA LEU C 91 -32.08 8.18 10.84
C LEU C 91 -31.25 9.41 11.23
N GLY C 92 -31.79 10.21 12.13
CA GLY C 92 -31.09 11.39 12.58
C GLY C 92 -29.94 11.05 13.51
N PHE C 93 -29.16 12.09 13.85
CA PHE C 93 -28.02 11.89 14.72
C PHE C 93 -28.44 11.40 16.10
N TRP C 94 -29.52 11.96 16.64
CA TRP C 94 -29.96 11.57 17.98
C TRP C 94 -30.51 10.15 17.98
N ALA C 95 -31.33 9.81 16.99
CA ALA C 95 -31.86 8.45 16.90
C ALA C 95 -30.73 7.45 16.74
N LYS C 96 -29.66 7.85 16.07
CA LYS C 96 -28.51 6.97 15.93
C LYS C 96 -27.72 6.88 17.23
N ALA C 97 -27.62 7.99 17.96
CA ALA C 97 -26.82 8.01 19.18
C ALA C 97 -27.48 7.21 20.29
N ILE C 98 -28.81 7.22 20.33
CA ILE C 98 -29.49 6.43 21.35
C ILE C 98 -29.27 4.95 21.14
N VAL C 99 -29.18 4.51 19.87
CA VAL C 99 -29.09 3.08 19.60
C VAL C 99 -27.64 2.59 19.62
N LEU C 100 -26.72 3.36 19.04
CA LEU C 100 -25.38 2.87 18.78
C LEU C 100 -24.33 3.39 19.75
N HIS C 101 -24.73 4.06 20.82
CA HIS C 101 -23.73 4.57 21.75
C HIS C 101 -23.07 3.45 22.55
N SER C 102 -23.73 2.31 22.70
CA SER C 102 -23.21 1.18 23.46
C SER C 102 -23.50 -0.10 22.72
N ASN C 103 -23.21 -0.12 21.43
CA ASN C 103 -23.64 -1.23 20.58
C ASN C 103 -22.94 -2.52 20.90
N ARG C 104 -21.61 -2.55 20.76
CA ARG C 104 -20.79 -3.74 20.84
C ARG C 104 -21.16 -4.80 19.81
N ASP C 105 -21.94 -4.44 18.79
CA ASP C 105 -22.26 -5.42 17.75
C ASP C 105 -21.03 -5.84 16.99
N CYS C 106 -20.05 -4.95 16.83
CA CYS C 106 -18.85 -5.26 16.07
C CYS C 106 -18.13 -6.48 16.63
N THR C 107 -17.58 -6.36 17.83
CA THR C 107 -16.68 -7.40 18.32
C THR C 107 -17.43 -8.64 18.78
N GLU C 108 -18.72 -8.52 19.09
CA GLU C 108 -19.44 -9.69 19.58
C GLU C 108 -20.20 -10.42 18.48
N LEU C 109 -20.80 -9.70 17.53
CA LEU C 109 -21.36 -10.39 16.37
C LEU C 109 -20.31 -10.62 15.30
N HIS C 110 -19.81 -9.54 14.70
CA HIS C 110 -19.12 -9.66 13.42
C HIS C 110 -17.70 -10.17 13.60
N ILE C 111 -16.94 -9.58 14.51
CA ILE C 111 -15.59 -10.04 14.73
C ILE C 111 -15.59 -11.46 15.28
N HIS C 112 -16.54 -11.76 16.16
CA HIS C 112 -16.64 -13.11 16.70
C HIS C 112 -16.95 -14.12 15.61
N ASN C 113 -17.90 -13.82 14.73
CA ASN C 113 -18.21 -14.74 13.64
C ASN C 113 -17.01 -14.90 12.71
N LEU C 114 -16.32 -13.80 12.41
CA LEU C 114 -15.15 -13.88 11.55
C LEU C 114 -14.07 -14.76 12.16
N LEU C 115 -13.82 -14.60 13.46
CA LEU C 115 -12.73 -15.34 14.10
C LEU C 115 -13.13 -16.78 14.37
N SER C 116 -14.43 -17.07 14.38
CA SER C 116 -14.83 -18.47 14.49
C SER C 116 -14.97 -19.11 13.12
N CYS C 117 -14.94 -18.29 12.05
CA CYS C 117 -15.09 -18.85 10.72
C CYS C 117 -13.74 -19.03 10.03
N LEU C 118 -12.74 -18.23 10.39
CA LEU C 118 -11.41 -18.44 9.81
C LEU C 118 -10.82 -19.81 10.09
N PRO C 119 -10.87 -20.36 11.31
CA PRO C 119 -10.31 -21.70 11.51
C PRO C 119 -10.92 -22.75 10.59
N ILE C 120 -12.23 -22.66 10.34
CA ILE C 120 -12.87 -23.61 9.44
C ILE C 120 -12.26 -23.51 8.06
N ILE C 121 -12.09 -22.28 7.56
CA ILE C 121 -11.53 -22.10 6.22
C ILE C 121 -10.09 -22.59 6.16
N VAL C 122 -9.29 -22.26 7.17
CA VAL C 122 -7.89 -22.68 7.17
C VAL C 122 -7.80 -24.20 7.14
N GLU C 123 -8.57 -24.86 8.00
CA GLU C 123 -8.50 -26.31 8.08
C GLU C 123 -9.00 -26.94 6.79
N ALA C 124 -10.05 -26.36 6.19
CA ALA C 124 -10.55 -26.88 4.92
C ALA C 124 -9.51 -26.72 3.82
N ILE C 125 -8.79 -25.60 3.82
CA ILE C 125 -7.74 -25.39 2.82
C ILE C 125 -6.64 -26.41 2.99
N GLU C 126 -6.23 -26.69 4.23
CA GLU C 126 -5.23 -27.74 4.44
C GLU C 126 -5.71 -29.08 3.92
N THR C 127 -6.95 -29.46 4.22
CA THR C 127 -7.45 -30.74 3.75
C THR C 127 -7.56 -30.77 2.23
N ALA C 128 -7.83 -29.63 1.60
CA ALA C 128 -7.89 -29.59 0.15
C ALA C 128 -6.50 -29.64 -0.46
N SER C 129 -5.50 -29.14 0.26
CA SER C 129 -4.13 -29.18 -0.24
C SER C 129 -3.57 -30.59 -0.23
N GLU C 130 -3.91 -31.36 0.81
CA GLU C 130 -3.37 -32.72 0.90
C GLU C 130 -3.80 -33.56 -0.29
N VAL C 131 -5.05 -33.43 -0.73
CA VAL C 131 -5.53 -34.25 -1.84
C VAL C 131 -5.17 -33.58 -3.17
N SER C 132 -4.65 -32.36 -3.12
CA SER C 132 -4.29 -31.66 -4.34
C SER C 132 -3.08 -32.29 -5.01
N GLY C 133 -3.01 -32.17 -6.33
CA GLY C 133 -1.89 -32.68 -7.08
C GLY C 133 -2.08 -34.12 -7.52
N TRP C 134 -1.07 -34.64 -8.21
CA TRP C 134 -1.06 -36.03 -8.66
C TRP C 134 0.15 -36.79 -8.11
N ASP C 135 1.01 -36.13 -7.34
CA ASP C 135 2.22 -36.74 -6.81
C ASP C 135 1.97 -37.16 -5.37
N GLU C 136 2.12 -38.45 -5.09
CA GLU C 136 1.84 -38.97 -3.75
C GLU C 136 2.86 -38.47 -2.75
N GLU C 137 4.07 -38.17 -3.21
CA GLU C 137 5.08 -37.61 -2.30
C GLU C 137 4.64 -36.25 -1.78
N GLU C 138 4.07 -35.42 -2.66
CA GLU C 138 3.54 -34.13 -2.22
C GLU C 138 2.44 -34.33 -1.18
N MET C 139 1.56 -35.29 -1.42
CA MET C 139 0.47 -35.54 -0.49
C MET C 139 1.00 -35.97 0.87
N SER C 140 1.98 -36.88 0.87
CA SER C 140 2.55 -37.34 2.14
C SER C 140 3.24 -36.21 2.87
N LYS C 141 3.98 -35.37 2.15
CA LYS C 141 4.68 -34.25 2.79
C LYS C 141 3.69 -33.26 3.38
N LYS C 142 2.61 -32.93 2.66
CA LYS C 142 1.61 -32.03 3.21
C LYS C 142 0.93 -32.64 4.42
N ARG C 143 0.64 -33.95 4.38
CA ARG C 143 0.07 -34.60 5.55
C ARG C 143 1.01 -34.50 6.74
N LEU C 144 2.31 -34.65 6.51
CA LEU C 144 3.27 -34.48 7.60
C LEU C 144 3.25 -33.08 8.16
N VAL C 145 3.20 -32.06 7.29
CA VAL C 145 3.17 -30.68 7.78
C VAL C 145 1.95 -30.44 8.64
N HIS C 146 0.77 -30.85 8.16
CA HIS C 146 -0.45 -30.61 8.91
C HIS C 146 -0.54 -31.46 10.17
N SER C 147 0.06 -32.64 10.17
CA SER C 147 0.07 -33.43 11.40
C SER C 147 1.02 -32.87 12.43
N ASN C 148 2.11 -32.23 11.99
CA ASN C 148 2.99 -31.57 12.94
C ASN C 148 2.48 -30.21 13.38
N LYS C 149 1.49 -29.65 12.67
CA LYS C 149 0.87 -28.43 13.17
C LYS C 149 -0.01 -28.70 14.38
N TYR C 150 -0.81 -29.75 14.33
CA TYR C 150 -1.80 -30.05 15.36
C TYR C 150 -1.30 -31.03 16.43
N MET C 151 0.01 -31.07 16.66
CA MET C 151 0.52 -31.96 17.69
C MET C 151 0.44 -31.30 19.07
N LYS C 152 0.48 -32.15 20.10
CA LYS C 152 0.01 -31.78 21.43
C LYS C 152 0.82 -30.66 22.07
N GLN C 153 2.12 -30.56 21.79
CA GLN C 153 2.92 -29.59 22.53
C GLN C 153 2.53 -28.15 22.22
N TRP C 154 1.78 -27.91 21.15
CA TRP C 154 1.27 -26.58 20.88
C TRP C 154 -0.09 -26.36 21.55
N ASN C 155 -0.19 -26.65 22.84
CA ASN C 155 -1.41 -26.40 23.60
C ASN C 155 -1.09 -25.35 24.65
N ASP C 156 -1.14 -24.09 24.24
CA ASP C 156 -1.05 -22.95 25.13
C ASP C 156 -1.44 -21.73 24.32
N SER C 157 -2.18 -20.83 24.96
CA SER C 157 -2.60 -19.62 24.27
C SER C 157 -1.39 -18.86 23.73
N GLN C 158 -0.32 -18.76 24.51
CA GLN C 158 0.83 -18.02 24.06
C GLN C 158 1.62 -18.77 23.00
N MET C 159 1.75 -20.10 23.15
CA MET C 159 2.35 -20.91 22.09
C MET C 159 1.62 -20.74 20.78
N PHE C 160 0.28 -20.81 20.82
CA PHE C 160 -0.51 -20.71 19.61
C PHE C 160 -0.42 -19.31 19.00
N THR C 161 -0.47 -18.27 19.84
CA THR C 161 -0.34 -16.92 19.32
C THR C 161 1.04 -16.68 18.73
N TRP C 162 2.07 -17.35 19.22
CA TRP C 162 3.38 -17.24 18.60
C TRP C 162 3.41 -17.93 17.25
N LYS C 163 3.13 -19.23 17.22
CA LYS C 163 3.29 -19.98 15.99
C LYS C 163 2.23 -19.59 14.96
N PHE C 164 0.97 -19.54 15.36
CA PHE C 164 -0.14 -19.45 14.43
C PHE C 164 -0.93 -18.17 14.57
N GLY C 165 -0.33 -17.14 15.17
CA GLY C 165 -1.07 -15.91 15.41
C GLY C 165 -1.52 -15.24 14.14
N ARG C 166 -0.60 -15.01 13.20
CA ARG C 166 -0.92 -14.27 12.00
C ARG C 166 -1.92 -15.01 11.12
N GLU C 167 -1.96 -16.33 11.19
CA GLU C 167 -2.86 -17.09 10.33
C GLU C 167 -4.32 -16.86 10.71
N TYR C 168 -4.60 -16.74 12.01
CA TYR C 168 -5.97 -16.66 12.51
C TYR C 168 -6.33 -15.26 13.00
N LEU C 169 -5.56 -14.25 12.59
CA LEU C 169 -5.84 -12.86 12.92
C LEU C 169 -5.87 -12.62 14.42
N VAL C 170 -4.98 -13.25 15.17
CA VAL C 170 -4.79 -12.98 16.57
C VAL C 170 -3.33 -12.58 16.73
N THR C 171 -3.11 -11.28 16.72
CA THR C 171 -1.82 -10.67 16.87
C THR C 171 -1.95 -9.59 17.94
N GLU C 172 -0.83 -9.10 18.45
CA GLU C 172 -0.91 -8.09 19.49
C GLU C 172 -1.65 -6.84 19.01
N ASP C 173 -1.39 -6.40 17.78
CA ASP C 173 -2.09 -5.24 17.25
C ASP C 173 -3.59 -5.48 17.11
N PHE C 174 -4.00 -6.63 16.57
CA PHE C 174 -5.43 -6.94 16.41
C PHE C 174 -6.17 -7.10 17.73
N CYS C 175 -5.54 -7.79 18.67
CA CYS C 175 -6.08 -7.99 20.01
C CYS C 175 -6.21 -6.68 20.76
N ASN C 176 -5.27 -5.75 20.56
CA ASN C 176 -5.42 -4.42 21.16
C ASN C 176 -6.55 -3.65 20.52
N ARG C 177 -6.72 -3.76 19.20
CA ARG C 177 -7.77 -3.00 18.53
C ARG C 177 -9.16 -3.57 18.75
N PHE C 178 -9.28 -4.83 19.17
CA PHE C 178 -10.60 -5.36 19.49
C PHE C 178 -11.25 -4.60 20.64
N GLU C 179 -10.44 -4.11 21.57
CA GLU C 179 -10.96 -3.39 22.73
C GLU C 179 -10.85 -1.88 22.60
N SER C 180 -9.74 -1.37 22.11
CA SER C 180 -9.51 0.08 22.03
C SER C 180 -10.09 0.70 20.78
N ALA C 181 -11.02 0.01 20.11
CA ALA C 181 -11.77 0.61 19.03
C ALA C 181 -13.21 0.89 19.40
N TRP C 182 -13.65 0.47 20.59
CA TRP C 182 -14.93 0.86 21.13
C TRP C 182 -14.81 1.96 22.17
N THR C 183 -13.66 2.06 22.83
CA THR C 183 -13.44 3.21 23.70
C THR C 183 -13.12 4.47 22.91
N GLU C 184 -12.48 4.30 21.75
CA GLU C 184 -12.08 5.40 20.86
C GLU C 184 -13.25 6.20 20.28
N ASP C 185 -14.27 5.51 19.79
CA ASP C 185 -15.47 6.16 19.30
C ASP C 185 -16.38 6.61 20.43
N ARG C 186 -16.33 5.95 21.58
CA ARG C 186 -17.01 6.47 22.76
C ARG C 186 -16.44 7.83 23.15
N TRP C 187 -15.11 7.97 23.19
CA TRP C 187 -14.52 9.26 23.48
C TRP C 187 -14.91 10.30 22.44
N ILE C 188 -14.90 9.91 21.17
CA ILE C 188 -15.26 10.85 20.11
C ILE C 188 -16.71 11.30 20.26
N LEU C 189 -17.59 10.37 20.61
CA LEU C 189 -18.99 10.72 20.83
C LEU C 189 -19.13 11.66 22.02
N ILE C 190 -18.38 11.43 23.09
CA ILE C 190 -18.42 12.34 24.22
C ILE C 190 -17.98 13.74 23.80
N LYS C 191 -16.92 13.82 22.99
CA LYS C 191 -16.46 15.13 22.54
C LYS C 191 -17.51 15.82 21.67
N GLU C 192 -18.09 15.09 20.75
CA GLU C 192 -19.13 15.65 19.89
C GLU C 192 -20.37 16.06 20.66
N LEU C 193 -20.67 15.39 21.77
CA LEU C 193 -21.76 15.79 22.64
C LEU C 193 -21.44 17.02 23.47
N GLN C 194 -20.21 17.12 23.99
CA GLN C 194 -19.84 18.32 24.71
C GLN C 194 -19.91 19.55 23.82
N GLU C 195 -19.58 19.39 22.54
CA GLU C 195 -19.73 20.51 21.61
C GLU C 195 -21.19 20.93 21.48
N LYS C 196 -22.10 19.97 21.35
CA LYS C 196 -23.51 20.26 21.26
C LYS C 196 -24.12 20.64 22.61
N LYS C 197 -23.41 20.38 23.71
CA LYS C 197 -23.91 20.76 25.02
C LYS C 197 -24.05 22.27 25.14
N GLN C 198 -23.11 23.02 24.58
CA GLN C 198 -23.14 24.47 24.67
C GLN C 198 -23.38 25.17 23.35
N SER C 199 -23.15 24.50 22.21
CA SER C 199 -23.35 25.12 20.91
C SER C 199 -24.51 24.49 20.15
N GLY C 200 -25.42 23.80 20.83
CA GLY C 200 -26.57 23.22 20.16
C GLY C 200 -27.54 24.29 19.68
N SER C 201 -28.41 23.92 18.74
CA SER C 201 -29.34 24.89 18.18
C SER C 201 -30.48 25.20 19.15
N SER C 202 -31.04 24.18 19.79
CA SER C 202 -32.27 24.32 20.55
C SER C 202 -32.04 23.96 22.01
N LYS C 203 -32.94 24.43 22.88
CA LYS C 203 -32.91 24.09 24.30
C LYS C 203 -33.18 22.61 24.50
N HIS C 204 -34.06 22.03 23.68
CA HIS C 204 -34.31 20.60 23.79
C HIS C 204 -33.05 19.81 23.51
N GLU C 205 -32.30 20.18 22.48
CA GLU C 205 -31.01 19.56 22.24
C GLU C 205 -30.01 19.89 23.34
N ARG C 206 -30.11 21.08 23.94
CA ARG C 206 -29.29 21.38 25.11
C ARG C 206 -29.49 20.34 26.19
N LYS C 207 -30.74 19.98 26.46
CA LYS C 207 -31.01 18.95 27.45
C LYS C 207 -30.67 17.54 26.97
N MET C 208 -30.82 17.27 25.67
CA MET C 208 -30.46 15.97 25.13
C MET C 208 -28.97 15.69 25.30
N ALA C 209 -28.14 16.69 25.03
CA ALA C 209 -26.69 16.51 25.19
C ALA C 209 -26.33 16.24 26.64
N ASP C 210 -26.95 16.96 27.57
CA ASP C 210 -26.70 16.70 28.99
C ASP C 210 -27.15 15.29 29.36
N PHE C 211 -28.31 14.88 28.85
CA PHE C 211 -28.79 13.53 29.05
C PHE C 211 -27.77 12.50 28.64
N LEU C 212 -27.28 12.58 27.41
CA LEU C 212 -26.38 11.55 26.93
C LEU C 212 -25.00 11.63 27.57
N LEU C 213 -24.50 12.83 27.86
CA LEU C 213 -23.23 12.94 28.56
C LEU C 213 -23.30 12.30 29.94
N LYS C 214 -24.37 12.58 30.69
CA LYS C 214 -24.51 11.93 31.99
C LYS C 214 -24.76 10.43 31.82
N HIS C 215 -25.37 10.04 30.71
CA HIS C 215 -25.65 8.64 30.46
C HIS C 215 -24.39 7.86 30.15
N LEU C 216 -23.36 8.53 29.64
CA LEU C 216 -22.14 7.85 29.21
C LEU C 216 -21.00 8.21 30.16
N GLY C 217 -20.92 7.49 31.27
CA GLY C 217 -19.70 7.48 32.07
C GLY C 217 -19.12 8.83 32.41
N ASP C 218 -19.95 9.76 32.86
CA ASP C 218 -19.48 11.08 33.28
C ASP C 218 -19.22 11.03 34.77
N GLY C 219 -17.93 11.04 35.14
CA GLY C 219 -17.58 10.89 36.54
C GLY C 219 -17.68 9.49 37.07
N ASN C 220 -17.76 8.50 36.18
CA ASN C 220 -17.92 7.09 36.54
C ASN C 220 -19.17 6.88 37.39
N GLU C 221 -20.17 7.74 37.17
CA GLU C 221 -21.47 7.64 37.82
C GLU C 221 -22.48 6.90 36.95
N SER C 222 -22.10 5.77 36.38
CA SER C 222 -22.94 5.08 35.40
C SER C 222 -24.38 4.67 35.73
N PRO C 223 -24.65 4.20 36.96
CA PRO C 223 -26.05 3.80 37.18
C PRO C 223 -26.96 4.92 37.68
N LYS C 224 -27.85 5.41 36.80
CA LYS C 224 -28.80 6.46 37.14
C LYS C 224 -29.98 6.54 36.17
N LEU C 225 -31.06 7.21 36.59
CA LEU C 225 -32.25 7.39 35.76
C LEU C 225 -32.59 8.87 35.67
N PHE C 226 -32.92 9.30 34.46
CA PHE C 226 -33.09 10.71 34.15
C PHE C 226 -34.57 11.08 34.06
N PRO C 227 -34.90 12.36 34.21
CA PRO C 227 -36.30 12.76 34.17
C PRO C 227 -36.96 12.38 32.85
N SER C 228 -38.21 11.93 32.95
CA SER C 228 -38.95 11.47 31.79
C SER C 228 -39.40 12.61 30.89
N SER C 229 -39.20 13.86 31.31
CA SER C 229 -39.63 15.00 30.50
C SER C 229 -38.94 14.98 29.14
N LEU C 230 -37.76 14.39 29.05
CA LEU C 230 -37.04 14.34 27.78
C LEU C 230 -37.82 13.57 26.73
N LEU C 231 -38.58 12.56 27.16
CA LEU C 231 -39.39 11.82 26.20
C LEU C 231 -40.51 12.72 25.65
N ASP C 232 -41.16 13.43 26.56
CA ASP C 232 -42.26 14.34 26.25
C ASP C 232 -41.88 15.58 25.44
N ASN C 233 -40.74 16.17 25.79
CA ASN C 233 -40.30 17.39 25.14
C ASN C 233 -40.03 17.27 23.65
N THR C 234 -39.43 16.17 23.20
CA THR C 234 -39.07 16.09 21.80
C THR C 234 -40.21 16.39 20.85
N LYS C 235 -39.88 17.20 19.84
CA LYS C 235 -40.78 17.63 18.79
C LYS C 235 -41.80 16.54 18.49
N ASP C 236 -41.34 15.29 18.39
CA ASP C 236 -42.26 14.18 18.15
C ASP C 236 -42.07 13.05 19.15
N TYR C 237 -43.11 12.75 19.91
CA TYR C 237 -43.07 11.65 20.87
C TYR C 237 -44.42 10.95 20.97
N GLN C 238 -44.77 10.19 19.94
CA GLN C 238 -46.05 9.49 19.98
C GLN C 238 -45.83 8.11 20.55
N VAL C 239 -46.58 7.75 21.59
CA VAL C 239 -46.40 6.44 22.18
C VAL C 239 -47.46 5.51 21.58
N LYS C 240 -46.99 4.47 20.91
CA LYS C 240 -47.90 3.59 20.20
C LYS C 240 -48.49 2.55 21.13
N LYS C 241 -49.61 1.95 20.71
CA LYS C 241 -50.33 1.02 21.55
C LYS C 241 -49.59 -0.31 21.66
N ARG C 242 -49.63 -0.90 22.85
CA ARG C 242 -48.80 -2.06 23.16
C ARG C 242 -49.41 -3.33 22.59
N LEU C 243 -48.55 -4.24 22.15
CA LEU C 243 -48.98 -5.51 21.59
C LEU C 243 -47.93 -6.58 21.80
N GLN C 248 -47.18 -4.50 28.99
CA GLN C 248 -46.15 -3.76 29.70
C GLN C 248 -45.08 -3.24 28.75
N TYR C 249 -45.18 -3.64 27.49
CA TYR C 249 -44.25 -3.19 26.48
C TYR C 249 -45.03 -2.36 25.47
N LYS C 250 -44.55 -1.16 25.20
CA LYS C 250 -45.21 -0.26 24.27
C LYS C 250 -44.24 0.20 23.20
N GLU C 251 -44.77 0.53 22.04
CA GLU C 251 -43.93 0.91 20.90
C GLU C 251 -43.67 2.41 20.82
N ILE C 252 -42.86 2.94 21.73
CA ILE C 252 -42.44 4.32 21.64
C ILE C 252 -41.60 4.52 20.37
N THR C 253 -41.75 5.70 19.75
CA THR C 253 -41.06 6.03 18.49
C THR C 253 -40.47 7.43 18.63
N TRP C 254 -39.77 7.68 19.72
CA TRP C 254 -39.64 9.06 20.19
C TRP C 254 -38.57 9.84 19.43
N LEU C 255 -37.69 9.17 18.71
CA LEU C 255 -36.79 9.86 17.78
C LEU C 255 -37.10 9.58 16.32
N GLY C 256 -38.31 9.10 16.02
CA GLY C 256 -38.63 8.65 14.68
C GLY C 256 -38.24 7.22 14.41
N GLU C 257 -37.42 6.63 15.27
CA GLU C 257 -37.09 5.21 15.21
C GLU C 257 -37.87 4.50 16.31
N SER C 258 -38.65 3.49 15.93
CA SER C 258 -39.51 2.82 16.87
C SER C 258 -38.72 2.05 17.91
N PHE C 259 -39.13 2.17 19.17
CA PHE C 259 -38.50 1.48 20.28
C PHE C 259 -39.56 0.78 21.11
N ALA C 260 -39.16 -0.28 21.80
CA ALA C 260 -40.05 -0.93 22.75
C ALA C 260 -39.90 -0.27 24.11
N LEU C 261 -41.04 0.03 24.74
CA LEU C 261 -41.05 0.76 26.01
C LEU C 261 -41.65 -0.12 27.09
N ARG C 262 -40.88 -0.35 28.14
CA ARG C 262 -41.38 -1.04 29.33
C ARG C 262 -41.53 -0.02 30.45
N HIS C 263 -42.75 0.10 30.96
CA HIS C 263 -43.04 1.05 32.02
C HIS C 263 -43.85 0.35 33.10
N PHE C 264 -43.48 0.62 34.35
CA PHE C 264 -44.04 -0.08 35.49
C PHE C 264 -44.14 0.90 36.66
N PHE C 265 -45.01 0.57 37.61
CA PHE C 265 -45.25 1.43 38.77
C PHE C 265 -44.77 0.72 40.03
N GLY C 266 -43.99 1.44 40.84
CA GLY C 266 -43.50 0.93 42.10
C GLY C 266 -42.62 1.98 42.74
N ASP C 267 -42.17 1.68 43.96
CA ASP C 267 -41.29 2.60 44.68
C ASP C 267 -39.91 2.51 44.04
N ILE C 268 -39.73 3.29 42.98
CA ILE C 268 -38.58 3.20 42.10
C ILE C 268 -37.31 3.48 42.88
N ASP C 269 -37.37 4.41 43.83
CA ASP C 269 -36.23 4.68 44.68
C ASP C 269 -35.84 3.43 45.47
N ALA C 270 -36.83 2.63 45.88
CA ALA C 270 -36.52 1.39 46.58
C ALA C 270 -36.02 0.32 45.61
N LEU C 271 -36.55 0.29 44.40
CA LEU C 271 -36.14 -0.67 43.38
C LEU C 271 -34.91 -0.21 42.62
N LEU C 272 -34.39 0.98 42.93
CA LEU C 272 -33.21 1.49 42.24
C LEU C 272 -32.00 0.57 42.33
N PRO C 273 -31.61 0.05 43.50
CA PRO C 273 -30.34 -0.69 43.56
C PRO C 273 -30.33 -1.98 42.75
N GLN C 274 -31.48 -2.48 42.32
CA GLN C 274 -31.47 -3.72 41.54
C GLN C 274 -31.65 -3.43 40.05
N ILE C 275 -32.12 -2.23 39.70
CA ILE C 275 -32.18 -1.85 38.29
C ILE C 275 -30.89 -1.19 37.86
N THR C 276 -30.14 -0.67 38.83
CA THR C 276 -28.83 -0.06 38.64
C THR C 276 -27.86 -1.01 37.94
N PRO C 277 -27.73 -2.27 38.37
CA PRO C 277 -26.90 -3.20 37.59
C PRO C 277 -27.45 -3.44 36.19
N LEU C 278 -28.78 -3.37 36.04
CA LEU C 278 -29.40 -3.78 34.80
C LEU C 278 -29.13 -2.81 33.67
N LEU C 279 -28.99 -1.52 33.99
CA LEU C 279 -28.87 -0.52 32.94
C LEU C 279 -27.49 -0.55 32.28
N SER C 280 -26.56 -1.33 32.83
CA SER C 280 -25.19 -1.29 32.33
C SER C 280 -24.95 -2.28 31.20
N LEU C 281 -25.85 -3.26 31.03
CA LEU C 281 -25.64 -4.34 30.09
C LEU C 281 -25.64 -3.89 28.63
N SER C 282 -24.87 -4.59 27.79
CA SER C 282 -24.87 -4.33 26.35
C SER C 282 -24.28 -5.56 25.66
N HIS C 283 -25.11 -6.27 24.90
CA HIS C 283 -24.67 -7.42 24.15
C HIS C 283 -25.58 -7.60 22.94
N PRO C 284 -25.03 -8.04 21.81
CA PRO C 284 -25.86 -8.22 20.61
C PRO C 284 -26.99 -9.21 20.80
N ASN C 285 -26.82 -10.22 21.64
CA ASN C 285 -27.86 -11.22 21.86
C ASN C 285 -28.67 -10.93 23.11
N ILE C 286 -28.71 -9.68 23.54
CA ILE C 286 -29.46 -9.25 24.70
C ILE C 286 -30.30 -8.06 24.30
N VAL C 287 -31.59 -8.13 24.63
CA VAL C 287 -32.49 -6.99 24.46
C VAL C 287 -32.32 -6.16 25.73
N TYR C 288 -31.35 -5.26 25.71
CA TYR C 288 -30.99 -4.50 26.89
C TYR C 288 -31.65 -3.13 26.87
N TYR C 289 -31.56 -2.45 28.00
CA TYR C 289 -32.24 -1.18 28.22
C TYR C 289 -31.30 -0.06 27.84
N LEU C 290 -31.68 0.72 26.81
CA LEU C 290 -30.83 1.80 26.35
C LEU C 290 -30.78 2.94 27.35
N CYS C 291 -31.93 3.35 27.87
CA CYS C 291 -32.02 4.51 28.75
C CYS C 291 -33.10 4.27 29.79
N GLY C 292 -32.97 4.94 30.92
CA GLY C 292 -33.95 4.83 31.98
C GLY C 292 -34.57 6.17 32.34
N PHE C 293 -35.88 6.18 32.59
CA PHE C 293 -36.60 7.42 32.87
C PHE C 293 -37.51 7.26 34.08
N THR C 294 -37.42 8.20 35.01
CA THR C 294 -38.39 8.37 36.09
C THR C 294 -38.87 9.81 36.05
N ASP C 295 -40.13 10.04 36.42
CA ASP C 295 -40.67 11.39 36.34
C ASP C 295 -39.94 12.36 37.27
N GLU C 296 -40.13 12.20 38.58
CA GLU C 296 -39.43 12.99 39.57
C GLU C 296 -39.02 12.11 40.74
N GLU C 297 -38.42 10.95 40.44
CA GLU C 297 -38.22 9.86 41.39
C GLU C 297 -39.54 9.37 41.95
N LYS C 298 -40.59 9.40 41.14
CA LYS C 298 -41.96 9.17 41.56
C LYS C 298 -42.45 7.83 41.04
N LYS C 299 -43.76 7.64 41.13
CA LYS C 299 -44.49 6.39 40.88
C LYS C 299 -43.84 5.62 39.72
N GLU C 300 -43.74 6.18 38.52
CA GLU C 300 -43.53 5.35 37.35
C GLU C 300 -42.10 5.47 36.83
N CYS C 301 -41.62 4.38 36.23
CA CYS C 301 -40.33 4.34 35.57
C CYS C 301 -40.52 3.96 34.11
N PHE C 302 -39.76 4.60 33.23
CA PHE C 302 -39.83 4.36 31.80
C PHE C 302 -38.53 3.72 31.34
N LEU C 303 -38.61 2.50 30.85
CA LEU C 303 -37.44 1.76 30.37
C LEU C 303 -37.58 1.57 28.87
N VAL C 304 -36.60 2.03 28.12
CA VAL C 304 -36.65 2.00 26.67
C VAL C 304 -35.74 0.89 26.16
N MET C 305 -36.24 0.13 25.19
CA MET C 305 -35.57 -1.05 24.66
C MET C 305 -35.49 -0.93 23.15
N GLU C 306 -34.74 -1.82 22.54
CA GLU C 306 -34.79 -1.95 21.09
C GLU C 306 -35.99 -2.80 20.70
N LEU C 307 -36.64 -2.42 19.59
CA LEU C 307 -37.92 -3.00 19.22
C LEU C 307 -37.71 -4.24 18.37
N MET C 308 -38.18 -5.38 18.86
CA MET C 308 -38.30 -6.60 18.08
C MET C 308 -39.67 -7.20 18.36
N ARG C 309 -40.26 -7.81 17.33
CA ARG C 309 -41.66 -8.22 17.41
C ARG C 309 -41.82 -9.74 17.47
N LYS C 310 -41.28 -10.46 16.50
CA LYS C 310 -41.51 -11.89 16.39
C LYS C 310 -40.58 -12.64 17.34
N THR C 311 -41.15 -13.58 18.09
CA THR C 311 -40.36 -14.42 18.97
C THR C 311 -40.05 -15.75 18.29
N LEU C 312 -39.09 -16.47 18.85
CA LEU C 312 -38.77 -17.80 18.37
C LEU C 312 -39.95 -18.75 18.52
N GLY C 313 -40.70 -18.62 19.61
CA GLY C 313 -41.83 -19.51 19.83
C GLY C 313 -42.90 -19.38 18.76
N MET C 314 -43.27 -18.15 18.41
CA MET C 314 -44.26 -17.99 17.36
C MET C 314 -43.66 -17.88 15.97
N HIS C 315 -42.34 -18.01 15.86
CA HIS C 315 -41.72 -18.15 14.55
C HIS C 315 -41.64 -19.61 14.11
N ILE C 316 -41.25 -20.50 15.02
CA ILE C 316 -41.20 -21.92 14.66
C ILE C 316 -42.59 -22.41 14.28
N LYS C 317 -43.61 -22.04 15.05
CA LYS C 317 -44.96 -22.43 14.66
C LYS C 317 -45.42 -21.73 13.41
N GLU C 318 -44.76 -20.64 13.00
CA GLU C 318 -45.08 -20.03 11.72
C GLU C 318 -44.61 -20.90 10.56
N VAL C 319 -43.36 -21.38 10.61
CA VAL C 319 -42.81 -22.13 9.49
C VAL C 319 -43.16 -23.61 9.52
N CYS C 320 -44.01 -24.04 10.45
CA CYS C 320 -44.41 -25.43 10.52
C CYS C 320 -45.93 -25.56 10.58
N THR C 327 -38.03 -29.45 10.17
CA THR C 327 -38.31 -28.04 10.42
C THR C 327 -37.09 -27.19 10.07
N LEU C 328 -36.57 -26.46 11.05
CA LEU C 328 -35.36 -25.70 10.84
C LEU C 328 -34.19 -26.63 10.55
N SER C 329 -33.31 -26.20 9.64
CA SER C 329 -32.15 -27.02 9.32
C SER C 329 -31.17 -27.01 10.48
N LEU C 330 -30.24 -27.96 10.43
CA LEU C 330 -29.22 -28.05 11.48
C LEU C 330 -28.36 -26.82 11.58
N PRO C 331 -27.81 -26.24 10.50
CA PRO C 331 -27.01 -25.02 10.68
C PRO C 331 -27.79 -23.87 11.27
N VAL C 332 -29.07 -23.71 10.90
CA VAL C 332 -29.88 -22.64 11.47
C VAL C 332 -30.07 -22.87 12.97
N ALA C 333 -30.40 -24.10 13.35
CA ALA C 333 -30.57 -24.39 14.77
C ALA C 333 -29.27 -24.19 15.53
N VAL C 334 -28.14 -24.59 14.96
CA VAL C 334 -26.86 -24.44 15.65
C VAL C 334 -26.51 -22.97 15.81
N ASP C 335 -26.78 -22.14 14.79
CA ASP C 335 -26.52 -20.72 14.95
C ASP C 335 -27.41 -20.10 16.01
N LEU C 336 -28.68 -20.46 16.06
CA LEU C 336 -29.53 -19.96 17.14
C LEU C 336 -28.99 -20.39 18.49
N MET C 337 -28.59 -21.65 18.61
CA MET C 337 -28.07 -22.14 19.88
C MET C 337 -26.81 -21.38 20.29
N LEU C 338 -25.92 -21.14 19.33
CA LEU C 338 -24.70 -20.41 19.63
C LEU C 338 -24.99 -18.99 20.06
N GLN C 339 -25.92 -18.31 19.40
CA GLN C 339 -26.24 -16.94 19.81
C GLN C 339 -26.86 -16.92 21.20
N ILE C 340 -27.78 -17.85 21.49
CA ILE C 340 -28.39 -17.89 22.81
C ILE C 340 -27.35 -18.19 23.88
N ALA C 341 -26.45 -19.13 23.61
CA ALA C 341 -25.40 -19.46 24.57
C ALA C 341 -24.46 -18.28 24.79
N LEU C 342 -24.15 -17.54 23.74
CA LEU C 342 -23.33 -16.35 23.91
C LEU C 342 -24.03 -15.30 24.74
N GLY C 343 -25.34 -15.13 24.56
CA GLY C 343 -26.06 -14.21 25.42
C GLY C 343 -26.04 -14.64 26.88
N MET C 344 -26.32 -15.91 27.14
CA MET C 344 -26.35 -16.37 28.52
C MET C 344 -24.99 -16.36 29.18
N GLU C 345 -23.90 -16.66 28.47
CA GLU C 345 -22.62 -16.58 29.14
C GLU C 345 -22.28 -15.14 29.51
N TYR C 346 -22.75 -14.16 28.73
CA TYR C 346 -22.57 -12.78 29.13
C TYR C 346 -23.40 -12.45 30.36
N LEU C 347 -24.66 -12.89 30.37
CA LEU C 347 -25.49 -12.62 31.54
C LEU C 347 -24.92 -13.27 32.80
N HIS C 348 -24.50 -14.53 32.69
CA HIS C 348 -23.94 -15.21 33.84
C HIS C 348 -22.62 -14.58 34.28
N SER C 349 -21.86 -14.04 33.34
CA SER C 349 -20.64 -13.34 33.71
C SER C 349 -20.94 -12.11 34.56
N LYS C 350 -22.14 -11.56 34.43
CA LYS C 350 -22.54 -10.39 35.20
C LYS C 350 -23.49 -10.75 36.34
N ARG C 351 -23.37 -11.97 36.86
CA ARG C 351 -23.99 -12.40 38.12
C ARG C 351 -25.51 -12.26 38.11
N ILE C 352 -26.13 -12.18 36.93
CA ILE C 352 -27.59 -12.14 36.84
C ILE C 352 -28.04 -13.26 35.91
N TYR C 353 -29.09 -13.96 36.32
CA TYR C 353 -29.50 -15.19 35.67
C TYR C 353 -30.94 -15.07 35.19
N HIS C 354 -31.22 -15.54 33.99
CA HIS C 354 -32.59 -15.46 33.53
C HIS C 354 -33.36 -16.35 34.48
N GLY C 355 -34.48 -15.88 35.00
CA GLY C 355 -35.23 -16.71 35.94
C GLY C 355 -35.72 -17.96 35.25
N GLU C 356 -36.38 -17.76 34.11
CA GLU C 356 -36.86 -18.87 33.30
C GLU C 356 -36.52 -18.57 31.86
N LEU C 357 -35.95 -19.54 31.16
CA LEU C 357 -35.63 -19.34 29.75
C LEU C 357 -36.57 -20.21 28.96
N ASN C 358 -37.32 -19.58 28.07
CA ASN C 358 -38.31 -20.27 27.26
C ASN C 358 -38.15 -19.85 25.82
N PRO C 359 -38.77 -20.60 24.89
CA PRO C 359 -38.73 -20.27 23.47
C PRO C 359 -39.38 -18.90 23.24
N SER C 360 -40.48 -18.63 23.93
CA SER C 360 -41.17 -17.37 23.81
C SER C 360 -40.27 -16.21 24.21
N ASN C 361 -39.46 -16.39 25.24
CA ASN C 361 -38.58 -15.32 25.71
C ASN C 361 -37.33 -15.18 24.85
N ILE C 362 -37.40 -15.51 23.58
CA ILE C 362 -36.28 -15.36 22.67
C ILE C 362 -36.80 -14.66 21.41
N LEU C 363 -36.53 -13.36 21.32
CA LEU C 363 -36.92 -12.59 20.15
C LEU C 363 -35.95 -12.88 19.01
N VAL C 364 -36.50 -13.18 17.84
CA VAL C 364 -35.68 -13.46 16.68
C VAL C 364 -36.03 -12.50 15.55
N LYS C 365 -35.05 -12.24 14.70
CA LYS C 365 -35.19 -11.39 13.54
C LYS C 365 -34.32 -11.97 12.43
N PRO C 366 -34.87 -12.22 11.25
CA PRO C 366 -34.08 -12.83 10.18
C PRO C 366 -32.93 -11.94 9.76
N ARG C 367 -31.93 -12.57 9.15
CA ARG C 367 -30.72 -11.89 8.74
C ARG C 367 -30.99 -11.03 7.52
N SER C 368 -29.91 -10.57 6.88
CA SER C 368 -30.03 -9.78 5.67
C SER C 368 -30.81 -10.49 4.57
N ASN C 369 -30.83 -11.83 4.61
CA ASN C 369 -31.43 -12.73 3.63
C ASN C 369 -30.61 -12.77 2.34
N GLN C 370 -29.62 -11.91 2.19
CA GLN C 370 -28.63 -12.08 1.14
C GLN C 370 -27.62 -13.16 1.53
N SER C 371 -27.43 -13.35 2.83
CA SER C 371 -26.46 -14.35 3.29
C SER C 371 -27.00 -15.76 3.11
N GLY C 372 -28.08 -16.10 3.80
CA GLY C 372 -28.57 -17.47 3.73
C GLY C 372 -30.07 -17.51 3.79
N ASP C 373 -30.60 -18.73 3.64
CA ASP C 373 -32.04 -18.97 3.68
C ASP C 373 -32.41 -19.61 5.00
N GLY C 374 -33.29 -18.95 5.74
CA GLY C 374 -33.73 -19.45 7.02
C GLY C 374 -32.82 -19.09 8.18
N TYR C 375 -31.66 -18.48 7.93
CA TYR C 375 -30.79 -18.03 9.00
C TYR C 375 -31.41 -16.83 9.68
N LEU C 376 -31.20 -16.74 10.98
CA LEU C 376 -31.83 -15.68 11.75
C LEU C 376 -31.09 -15.51 13.06
N LEU C 377 -30.98 -14.27 13.52
CA LEU C 377 -30.31 -13.95 14.76
C LEU C 377 -31.34 -13.60 15.81
N GLY C 378 -31.16 -14.14 17.01
CA GLY C 378 -32.13 -14.01 18.07
C GLY C 378 -31.50 -13.44 19.33
N LYS C 379 -32.31 -12.75 20.11
CA LYS C 379 -31.88 -12.18 21.39
C LYS C 379 -32.80 -12.67 22.48
N ILE C 380 -32.39 -12.45 23.72
CA ILE C 380 -33.12 -12.89 24.90
C ILE C 380 -33.49 -11.67 25.73
N PHE C 381 -34.70 -11.67 26.27
CA PHE C 381 -35.17 -10.53 27.05
C PHE C 381 -35.99 -11.03 28.23
N GLY C 382 -36.33 -10.10 29.11
CA GLY C 382 -37.11 -10.39 30.28
C GLY C 382 -36.31 -10.87 31.47
N PHE C 383 -34.99 -10.94 31.36
CA PHE C 383 -34.16 -11.38 32.47
C PHE C 383 -34.26 -10.43 33.66
N GLY C 384 -34.29 -9.13 33.40
CA GLY C 384 -34.25 -8.19 34.49
C GLY C 384 -35.58 -8.04 35.18
N LEU C 385 -35.54 -7.42 36.37
CA LEU C 385 -36.72 -7.18 37.19
C LEU C 385 -37.56 -8.44 37.35
N ASN C 386 -36.94 -9.48 37.94
CA ASN C 386 -37.68 -10.70 38.24
C ASN C 386 -38.86 -10.41 39.14
N SER C 387 -38.67 -9.59 40.17
CA SER C 387 -39.79 -9.13 40.98
C SER C 387 -40.60 -8.10 40.23
N VAL C 388 -41.92 -8.16 40.40
CA VAL C 388 -42.86 -7.25 39.75
C VAL C 388 -42.71 -7.33 38.23
N PRO C 406 -46.18 -24.45 30.38
CA PRO C 406 -46.17 -24.39 31.85
C PRO C 406 -44.94 -25.03 32.47
N PHE C 407 -45.14 -26.08 33.27
CA PHE C 407 -44.07 -26.70 34.04
C PHE C 407 -43.28 -27.67 33.17
N ILE C 408 -42.50 -27.10 32.26
CA ILE C 408 -41.63 -27.86 31.37
C ILE C 408 -40.20 -27.34 31.42
N TRP C 409 -40.03 -26.05 31.14
CA TRP C 409 -38.68 -25.50 31.00
C TRP C 409 -37.99 -25.37 32.34
N TYR C 410 -38.72 -25.56 33.43
CA TYR C 410 -38.12 -25.50 34.76
C TYR C 410 -37.20 -26.69 34.98
N SER C 411 -36.10 -26.46 35.68
CA SER C 411 -35.22 -27.54 36.07
C SER C 411 -35.89 -28.42 37.11
N PRO C 412 -35.50 -29.69 37.20
CA PRO C 412 -36.21 -30.61 38.11
C PRO C 412 -36.26 -30.14 39.55
N GLU C 413 -35.10 -29.78 40.13
CA GLU C 413 -35.10 -29.36 41.53
C GLU C 413 -35.95 -28.11 41.73
N VAL C 414 -35.90 -27.18 40.79
CA VAL C 414 -36.80 -26.03 40.85
C VAL C 414 -38.23 -26.48 40.65
N LEU C 415 -38.44 -27.48 39.79
CA LEU C 415 -39.79 -27.96 39.54
C LEU C 415 -40.39 -28.61 40.79
N GLU C 416 -39.54 -29.19 41.63
CA GLU C 416 -39.98 -29.77 42.89
C GLU C 416 -39.85 -28.80 44.05
N GLU C 417 -40.05 -27.51 43.83
CA GLU C 417 -39.98 -26.52 44.89
C GLU C 417 -41.37 -26.30 45.46
N GLN C 418 -41.59 -26.81 46.68
CA GLN C 418 -42.84 -26.58 47.40
C GLN C 418 -42.61 -25.72 48.63
N LYS C 428 -33.47 -21.67 42.58
CA LYS C 428 -33.90 -20.28 42.58
C LYS C 428 -32.99 -19.42 41.71
N TYR C 429 -33.29 -19.37 40.41
CA TYR C 429 -32.54 -18.57 39.45
C TYR C 429 -31.06 -18.93 39.46
N SER C 430 -30.74 -20.19 39.73
CA SER C 430 -29.35 -20.59 39.79
C SER C 430 -28.73 -20.59 38.40
N ASP C 431 -27.41 -20.46 38.32
CA ASP C 431 -26.73 -20.49 37.04
C ASP C 431 -26.92 -21.80 36.30
N LYS C 432 -27.16 -22.89 37.01
CA LYS C 432 -27.38 -24.19 36.37
C LYS C 432 -28.85 -24.48 36.12
N SER C 433 -29.75 -23.74 36.75
CA SER C 433 -31.17 -24.00 36.58
C SER C 433 -31.70 -23.53 35.24
N ASP C 434 -30.99 -22.64 34.55
CA ASP C 434 -31.37 -22.22 33.21
C ASP C 434 -30.52 -22.85 32.13
N VAL C 435 -29.37 -23.44 32.48
CA VAL C 435 -28.67 -24.29 31.52
C VAL C 435 -29.56 -25.48 31.17
N TYR C 436 -30.27 -26.01 32.16
CA TYR C 436 -31.30 -27.01 31.87
C TYR C 436 -32.32 -26.45 30.90
N SER C 437 -32.77 -25.22 31.13
CA SER C 437 -33.73 -24.62 30.23
C SER C 437 -33.14 -24.45 28.83
N PHE C 438 -31.88 -24.03 28.73
CA PHE C 438 -31.28 -23.86 27.42
C PHE C 438 -31.22 -25.18 26.67
N GLY C 439 -30.83 -26.25 27.37
CA GLY C 439 -30.88 -27.57 26.76
C GLY C 439 -32.27 -27.99 26.37
N MET C 440 -33.26 -27.59 27.14
CA MET C 440 -34.65 -27.91 26.85
C MET C 440 -35.09 -27.23 25.56
N VAL C 441 -34.77 -25.94 25.42
CA VAL C 441 -35.03 -25.20 24.20
C VAL C 441 -34.20 -25.76 23.05
N SER C 442 -32.98 -26.23 23.35
CA SER C 442 -32.17 -26.87 22.33
C SER C 442 -32.87 -28.07 21.73
N PHE C 443 -33.47 -28.91 22.57
CA PHE C 443 -34.28 -30.01 22.05
C PHE C 443 -35.40 -29.48 21.18
N GLU C 444 -36.06 -28.41 21.62
CA GLU C 444 -37.16 -27.84 20.85
C GLU C 444 -36.69 -27.38 19.47
N LEU C 445 -35.52 -26.74 19.39
CA LEU C 445 -35.01 -26.28 18.10
C LEU C 445 -34.71 -27.46 17.18
N LEU C 446 -34.09 -28.52 17.70
CA LEU C 446 -33.72 -29.64 16.85
C LEU C 446 -34.94 -30.36 16.32
N THR C 447 -35.76 -30.93 17.22
CA THR C 447 -36.89 -31.72 16.76
C THR C 447 -38.00 -30.85 16.16
N GLY C 448 -37.99 -29.56 16.45
CA GLY C 448 -38.99 -28.66 15.94
C GLY C 448 -40.35 -28.79 16.58
N LYS C 449 -40.50 -29.71 17.54
CA LYS C 449 -41.76 -29.93 18.23
C LYS C 449 -41.64 -29.44 19.66
N VAL C 450 -42.74 -28.92 20.20
CA VAL C 450 -42.75 -28.62 21.64
C VAL C 450 -42.58 -29.92 22.41
N PRO C 451 -41.75 -29.96 23.44
CA PRO C 451 -41.44 -31.23 24.09
C PRO C 451 -42.63 -31.79 24.85
N PHE C 452 -42.56 -33.09 25.12
CA PHE C 452 -43.61 -33.82 25.82
C PHE C 452 -44.94 -33.71 25.08
N GLU C 453 -44.87 -33.76 23.74
CA GLU C 453 -46.07 -33.93 22.95
C GLU C 453 -46.71 -35.29 23.22
N ASP C 454 -45.89 -36.34 23.33
CA ASP C 454 -46.40 -37.69 23.55
C ASP C 454 -47.04 -37.83 24.93
N SER C 455 -46.42 -37.25 25.96
CA SER C 455 -46.92 -37.37 27.33
C SER C 455 -48.16 -36.52 27.58
N HIS C 456 -48.76 -35.95 26.53
CA HIS C 456 -49.92 -35.09 26.69
C HIS C 456 -51.08 -35.83 27.36
N LEU C 457 -51.08 -37.16 27.32
CA LEU C 457 -52.11 -37.92 28.00
C LEU C 457 -52.09 -37.67 29.50
N GLN C 458 -50.89 -37.65 30.09
CA GLN C 458 -50.76 -37.41 31.52
C GLN C 458 -51.12 -35.96 31.84
N GLY C 459 -51.88 -35.78 32.92
CA GLY C 459 -52.22 -34.45 33.39
C GLY C 459 -51.56 -34.14 34.71
N ASP C 460 -50.56 -33.27 34.68
CA ASP C 460 -49.78 -32.82 35.83
C ASP C 460 -48.96 -33.93 36.45
N LYS C 461 -49.05 -35.16 35.95
CA LYS C 461 -48.15 -36.22 36.36
C LYS C 461 -46.75 -36.01 35.81
N MET C 462 -46.60 -35.16 34.78
CA MET C 462 -45.28 -34.80 34.29
C MET C 462 -44.41 -34.23 35.39
N SER C 463 -45.00 -33.46 36.30
CA SER C 463 -44.23 -32.82 37.36
C SER C 463 -43.49 -33.84 38.21
N ARG C 464 -44.16 -34.93 38.59
CA ARG C 464 -43.47 -36.02 39.28
C ARG C 464 -42.55 -36.80 38.35
N ASN C 465 -42.93 -36.93 37.08
CA ASN C 465 -42.10 -37.67 36.13
C ASN C 465 -40.73 -37.01 35.93
N ILE C 466 -40.69 -35.69 35.87
CA ILE C 466 -39.42 -35.00 35.66
C ILE C 466 -38.47 -35.24 36.83
N ARG C 467 -39.03 -35.35 38.04
CA ARG C 467 -38.20 -35.71 39.18
C ARG C 467 -37.52 -37.04 38.95
N ALA C 468 -38.27 -38.03 38.46
CA ALA C 468 -37.64 -39.27 38.01
C ALA C 468 -36.82 -38.99 36.76
N GLY C 469 -35.88 -39.88 36.46
CA GLY C 469 -35.01 -39.64 35.34
C GLY C 469 -35.69 -39.84 34.00
N GLU C 470 -36.70 -39.03 33.70
CA GLU C 470 -37.39 -39.09 32.43
C GLU C 470 -37.25 -37.76 31.71
N ARG C 471 -36.78 -37.82 30.46
CA ARG C 471 -36.58 -36.68 29.60
C ARG C 471 -37.16 -36.98 28.23
N PRO C 472 -37.53 -35.96 27.45
CA PRO C 472 -38.09 -36.21 26.12
C PRO C 472 -37.09 -36.92 25.23
N LEU C 473 -37.59 -37.79 24.36
CA LEU C 473 -36.74 -38.60 23.51
C LEU C 473 -36.64 -38.00 22.11
N PHE C 474 -35.44 -38.05 21.57
CA PHE C 474 -35.15 -37.53 20.25
C PHE C 474 -35.59 -38.50 19.16
N PRO C 475 -35.84 -38.02 17.96
CA PRO C 475 -35.89 -38.92 16.81
C PRO C 475 -34.50 -39.47 16.52
N PHE C 476 -34.47 -40.69 15.99
CA PHE C 476 -33.19 -41.36 15.75
C PHE C 476 -32.40 -40.67 14.65
N ASN C 477 -33.09 -39.95 13.75
CA ASN C 477 -32.40 -39.28 12.66
C ASN C 477 -31.45 -38.19 13.14
N SER C 478 -31.69 -37.63 14.33
CA SER C 478 -30.88 -36.51 14.78
C SER C 478 -29.44 -36.95 15.00
N PRO C 479 -28.46 -36.14 14.60
CA PRO C 479 -27.06 -36.54 14.69
C PRO C 479 -26.61 -36.66 16.13
N LYS C 480 -25.65 -37.56 16.34
CA LYS C 480 -25.22 -37.88 17.70
C LYS C 480 -24.54 -36.70 18.36
N PHE C 481 -23.69 -35.98 17.63
CA PHE C 481 -22.82 -34.98 18.24
C PHE C 481 -23.63 -33.84 18.85
N ILE C 482 -24.64 -33.39 18.14
CA ILE C 482 -25.45 -32.27 18.61
C ILE C 482 -26.25 -32.66 19.83
N THR C 483 -26.96 -33.79 19.76
CA THR C 483 -27.87 -34.18 20.83
C THR C 483 -27.18 -34.56 22.12
N ASN C 484 -25.86 -34.74 22.11
CA ASN C 484 -25.16 -35.05 23.35
C ASN C 484 -25.17 -33.86 24.31
N LEU C 485 -25.20 -32.65 23.75
CA LEU C 485 -25.37 -31.46 24.60
C LEU C 485 -26.70 -31.50 25.32
N THR C 486 -27.77 -31.85 24.61
CA THR C 486 -29.08 -31.92 25.25
C THR C 486 -29.10 -32.98 26.34
N LYS C 487 -28.50 -34.16 26.08
CA LYS C 487 -28.40 -35.14 27.14
C LYS C 487 -27.57 -34.65 28.32
N ARG C 488 -26.58 -33.79 28.07
CA ARG C 488 -25.71 -33.40 29.18
C ARG C 488 -26.30 -32.22 29.94
N CYS C 489 -27.10 -31.39 29.28
CA CYS C 489 -27.82 -30.33 29.97
C CYS C 489 -29.02 -30.90 30.73
N TRP C 490 -29.57 -32.01 30.25
CA TRP C 490 -30.69 -32.66 30.92
C TRP C 490 -30.27 -33.35 32.20
N HIS C 491 -28.98 -33.48 32.47
CA HIS C 491 -28.51 -34.37 33.52
C HIS C 491 -29.14 -34.02 34.86
N ALA C 492 -29.54 -35.05 35.60
CA ALA C 492 -30.25 -34.83 36.86
C ALA C 492 -29.37 -34.10 37.86
N ASP C 493 -28.10 -34.46 37.93
CA ASP C 493 -27.20 -33.82 38.87
C ASP C 493 -26.96 -32.37 38.44
N PRO C 494 -27.28 -31.39 39.28
CA PRO C 494 -27.07 -29.99 38.88
C PRO C 494 -25.63 -29.66 38.57
N ASN C 495 -24.68 -30.29 39.26
CA ASN C 495 -23.28 -29.96 39.07
C ASN C 495 -22.78 -30.35 37.69
N GLN C 496 -23.26 -31.47 37.17
CA GLN C 496 -22.65 -32.03 35.96
C GLN C 496 -23.07 -31.28 34.71
N ARG C 497 -24.09 -30.43 34.80
CA ARG C 497 -24.46 -29.63 33.64
C ARG C 497 -23.33 -28.67 33.29
N PRO C 498 -22.92 -28.61 32.03
CA PRO C 498 -21.82 -27.71 31.66
C PRO C 498 -22.23 -26.26 31.75
N THR C 499 -21.24 -25.42 32.03
CA THR C 499 -21.49 -23.99 32.06
C THR C 499 -21.72 -23.47 30.64
N PHE C 500 -22.19 -22.24 30.55
CA PHE C 500 -22.45 -21.66 29.24
C PHE C 500 -21.16 -21.32 28.51
N SER C 501 -20.11 -20.94 29.22
CA SER C 501 -18.82 -20.71 28.56
C SER C 501 -18.26 -21.98 27.97
N SER C 502 -18.72 -23.14 28.42
CA SER C 502 -18.32 -24.41 27.80
C SER C 502 -19.29 -24.85 26.72
N ILE C 503 -20.58 -24.62 26.91
CA ILE C 503 -21.53 -24.96 25.86
C ILE C 503 -21.28 -24.14 24.61
N SER C 504 -20.93 -22.86 24.74
CA SER C 504 -20.67 -22.04 23.57
C SER C 504 -19.50 -22.59 22.76
N ARG C 505 -18.40 -22.90 23.42
CA ARG C 505 -17.23 -23.37 22.70
C ARG C 505 -17.36 -24.80 22.22
N ILE C 506 -18.28 -25.57 22.77
CA ILE C 506 -18.67 -26.83 22.13
C ILE C 506 -19.45 -26.53 20.86
N LEU C 507 -20.41 -25.61 20.94
CA LEU C 507 -21.30 -25.35 19.81
C LEU C 507 -20.55 -24.80 18.61
N ARG C 508 -19.61 -23.87 18.82
CA ARG C 508 -18.92 -23.33 17.66
C ARG C 508 -18.01 -24.36 17.00
N TYR C 509 -17.51 -25.34 17.75
CA TYR C 509 -16.78 -26.42 17.13
C TYR C 509 -17.69 -27.39 16.38
N ILE C 510 -18.88 -27.65 16.90
CA ILE C 510 -19.84 -28.41 16.11
C ILE C 510 -20.23 -27.67 14.85
N LYS C 511 -20.31 -26.34 14.92
CA LYS C 511 -20.55 -25.56 13.71
C LYS C 511 -19.40 -25.73 12.72
N ARG C 512 -18.17 -25.81 13.21
CA ARG C 512 -17.03 -26.06 12.32
C ARG C 512 -17.19 -27.39 11.60
N PHE C 513 -17.46 -28.47 12.35
CA PHE C 513 -17.64 -29.76 11.72
C PHE C 513 -18.81 -29.73 10.74
N LEU C 514 -19.90 -29.08 11.13
CA LEU C 514 -21.07 -29.01 10.25
C LEU C 514 -20.78 -28.19 9.01
N ALA C 515 -19.71 -27.38 9.05
CA ALA C 515 -19.36 -26.58 7.88
C ALA C 515 -18.49 -27.37 6.91
N LEU C 516 -17.62 -28.24 7.43
CA LEU C 516 -16.72 -28.98 6.55
C LEU C 516 -17.47 -29.91 5.61
N ASN C 517 -18.40 -30.69 6.16
CA ASN C 517 -19.15 -31.66 5.34
C ASN C 517 -20.63 -31.32 5.33
N PRO C 518 -21.10 -30.58 4.33
CA PRO C 518 -22.53 -30.24 4.27
C PRO C 518 -23.45 -31.43 4.25
N GLU C 519 -23.00 -32.56 3.70
CA GLU C 519 -23.90 -33.71 3.52
C GLU C 519 -24.42 -34.23 4.85
N CYS C 520 -23.76 -33.88 5.94
CA CYS C 520 -24.20 -34.33 7.26
C CYS C 520 -25.61 -33.85 7.57
N TYR C 521 -25.90 -32.58 7.28
CA TYR C 521 -27.19 -32.02 7.67
C TYR C 521 -28.23 -32.14 6.56
N SER C 522 -27.79 -32.15 5.31
CA SER C 522 -28.72 -32.22 4.19
C SER C 522 -28.93 -33.65 3.72
N SER C 529 -23.62 -42.89 8.46
CA SER C 529 -23.11 -42.15 9.60
C SER C 529 -22.01 -41.18 9.19
N ILE C 530 -22.31 -39.89 9.29
CA ILE C 530 -21.40 -38.83 8.85
C ILE C 530 -20.80 -38.16 10.07
N ALA C 531 -21.31 -38.54 11.25
CA ALA C 531 -20.90 -37.95 12.53
C ALA C 531 -19.43 -38.24 12.81
N PRO C 532 -18.76 -37.39 13.59
CA PRO C 532 -17.36 -37.62 13.90
C PRO C 532 -17.17 -38.79 14.86
N THR C 533 -15.92 -39.01 15.23
CA THR C 533 -15.56 -40.12 16.10
C THR C 533 -15.70 -39.75 17.57
N VAL C 534 -15.00 -38.70 17.99
CA VAL C 534 -14.92 -38.37 19.41
C VAL C 534 -16.18 -37.62 19.85
N ASP C 535 -16.58 -37.84 21.09
CA ASP C 535 -17.63 -37.04 21.70
C ASP C 535 -17.04 -35.69 22.12
N TYR C 536 -17.70 -34.61 21.70
CA TYR C 536 -17.14 -33.28 21.95
C TYR C 536 -17.19 -32.93 23.43
N CYS C 537 -18.21 -33.39 24.13
CA CYS C 537 -18.31 -33.11 25.56
C CYS C 537 -17.13 -33.69 26.32
N GLU C 538 -16.67 -34.86 25.89
CA GLU C 538 -15.52 -35.51 26.50
C GLU C 538 -14.32 -34.62 26.31
N ILE C 539 -14.22 -34.01 25.14
CA ILE C 539 -13.12 -33.11 24.84
C ILE C 539 -13.15 -31.92 25.78
N GLU C 540 -14.33 -31.38 26.03
CA GLU C 540 -14.48 -30.23 26.92
C GLU C 540 -14.04 -30.58 28.32
N THR C 541 -14.42 -31.77 28.79
CA THR C 541 -14.04 -32.20 30.12
C THR C 541 -12.52 -32.30 30.21
N LYS C 542 -11.90 -32.81 29.15
CA LYS C 542 -10.44 -32.92 29.13
C LYS C 542 -9.78 -31.55 29.18
N LEU C 543 -10.25 -30.62 28.36
CA LEU C 543 -9.60 -29.33 28.22
C LEU C 543 -9.85 -28.41 29.40
N LEU C 544 -10.96 -28.57 30.10
CA LEU C 544 -11.19 -27.73 31.28
C LEU C 544 -10.14 -27.96 32.34
N GLN C 545 -9.78 -29.21 32.63
CA GLN C 545 -8.74 -29.44 33.61
C GLN C 545 -7.35 -29.18 33.03
N LYS C 546 -7.15 -29.53 31.76
CA LYS C 546 -5.81 -29.37 31.17
C LYS C 546 -5.43 -27.91 31.02
N LEU C 547 -6.37 -27.07 30.59
CA LEU C 547 -6.06 -25.69 30.26
C LEU C 547 -6.61 -24.69 31.26
N SER C 548 -7.40 -25.13 32.24
CA SER C 548 -7.97 -24.25 33.25
C SER C 548 -8.83 -23.16 32.61
N TRP C 549 -9.74 -23.60 31.75
CA TRP C 549 -10.68 -22.68 31.12
C TRP C 549 -11.79 -22.23 32.06
N GLU C 550 -12.01 -22.95 33.17
CA GLU C 550 -13.04 -22.56 34.12
C GLU C 550 -12.64 -21.34 34.94
N SER C 551 -11.40 -20.87 34.83
CA SER C 551 -10.98 -19.70 35.58
C SER C 551 -11.75 -18.46 35.14
N THR C 552 -12.08 -18.36 33.86
CA THR C 552 -12.76 -17.20 33.31
C THR C 552 -14.22 -17.54 33.05
N GLU C 553 -15.12 -16.73 33.59
CA GLU C 553 -16.55 -16.91 33.33
C GLU C 553 -16.90 -16.60 31.89
N LEU C 554 -16.33 -15.51 31.35
CA LEU C 554 -16.60 -15.07 29.98
C LEU C 554 -15.32 -15.13 29.17
N THR C 555 -15.45 -15.51 27.90
CA THR C 555 -14.32 -15.66 27.01
C THR C 555 -14.26 -14.47 26.05
N LYS C 556 -13.15 -13.74 26.07
CA LYS C 556 -12.95 -12.65 25.15
C LYS C 556 -12.71 -13.17 23.74
N VAL C 557 -13.00 -12.33 22.75
CA VAL C 557 -13.08 -12.80 21.37
C VAL C 557 -11.70 -13.17 20.84
N SER C 558 -10.65 -12.56 21.37
CA SER C 558 -9.31 -12.88 20.89
C SER C 558 -8.91 -14.31 21.22
N GLN C 559 -9.65 -14.98 22.10
CA GLN C 559 -9.36 -16.36 22.47
C GLN C 559 -10.10 -17.39 21.64
N VAL C 560 -10.99 -16.97 20.74
CA VAL C 560 -11.82 -17.93 20.02
C VAL C 560 -11.01 -18.86 19.13
N PRO C 561 -10.11 -18.39 18.27
CA PRO C 561 -9.39 -19.33 17.41
C PRO C 561 -8.52 -20.31 18.19
N PHE C 562 -7.95 -19.89 19.32
CA PHE C 562 -7.16 -20.81 20.11
C PHE C 562 -8.00 -21.94 20.65
N GLN C 563 -9.22 -21.64 21.11
CA GLN C 563 -10.09 -22.68 21.61
C GLN C 563 -10.48 -23.66 20.52
N MET C 564 -10.85 -23.17 19.34
CA MET C 564 -11.16 -24.09 18.24
C MET C 564 -9.92 -24.85 17.80
N PHE C 565 -8.74 -24.30 18.04
CA PHE C 565 -7.51 -25.02 17.73
C PHE C 565 -7.22 -26.10 18.75
N ALA C 566 -7.44 -25.82 20.03
CA ALA C 566 -7.22 -26.81 21.07
C ALA C 566 -8.15 -28.00 20.90
N TYR C 567 -9.39 -27.76 20.49
CA TYR C 567 -10.30 -28.88 20.25
C TYR C 567 -9.76 -29.80 19.17
N ARG C 568 -9.26 -29.21 18.08
CA ARG C 568 -8.74 -30.01 16.97
C ARG C 568 -7.51 -30.80 17.40
N VAL C 569 -6.69 -30.23 18.28
CA VAL C 569 -5.52 -30.96 18.77
C VAL C 569 -5.97 -32.21 19.53
N VAL C 570 -7.00 -32.08 20.37
CA VAL C 570 -7.46 -33.22 21.15
C VAL C 570 -8.06 -34.29 20.26
N GLU C 571 -8.78 -33.91 19.20
CA GLU C 571 -9.25 -34.93 18.27
C GLU C 571 -8.08 -35.66 17.62
N ARG C 572 -7.10 -34.90 17.12
CA ARG C 572 -5.99 -35.53 16.42
C ARG C 572 -5.23 -36.48 17.32
N ALA C 573 -5.03 -36.11 18.59
CA ALA C 573 -4.39 -37.02 19.54
C ALA C 573 -5.24 -38.26 19.80
N LYS C 574 -6.55 -38.20 19.53
CA LYS C 574 -7.45 -39.30 19.81
C LYS C 574 -7.88 -40.03 18.54
N THR C 575 -7.10 -39.95 17.47
CA THR C 575 -7.40 -40.76 16.30
C THR C 575 -7.16 -42.23 16.57
N CYS C 576 -6.10 -42.55 17.31
CA CYS C 576 -5.74 -43.93 17.65
C CYS C 576 -5.61 -44.81 16.42
N MET D 1 -23.67 7.19 -5.17
CA MET D 1 -23.71 5.89 -4.52
C MET D 1 -24.71 4.98 -5.21
N ASP D 2 -24.66 3.69 -4.86
CA ASP D 2 -25.51 2.64 -5.41
C ASP D 2 -25.15 2.27 -6.84
N GLN D 3 -24.25 3.04 -7.45
CA GLN D 3 -23.63 2.68 -8.71
C GLN D 3 -22.13 2.64 -8.45
N PHE D 4 -21.67 3.59 -7.65
CA PHE D 4 -20.27 3.64 -7.24
C PHE D 4 -19.90 2.40 -6.43
N ARG D 5 -20.76 2.00 -5.51
CA ARG D 5 -20.50 0.79 -4.74
C ARG D 5 -20.49 -0.44 -5.62
N GLU D 6 -21.35 -0.49 -6.63
CA GLU D 6 -21.33 -1.63 -7.55
C GLU D 6 -20.03 -1.68 -8.34
N ILE D 7 -19.52 -0.53 -8.75
CA ILE D 7 -18.21 -0.49 -9.39
C ILE D 7 -17.14 -1.01 -8.44
N GLY D 8 -17.19 -0.57 -7.18
CA GLY D 8 -16.23 -1.06 -6.22
C GLY D 8 -16.26 -2.57 -6.07
N GLU D 9 -17.47 -3.13 -6.07
CA GLU D 9 -17.57 -4.57 -5.85
C GLU D 9 -17.14 -5.35 -7.08
N VAL D 10 -17.43 -4.83 -8.28
CA VAL D 10 -16.96 -5.51 -9.48
C VAL D 10 -15.45 -5.45 -9.56
N LEU D 11 -14.87 -4.33 -9.15
CA LEU D 11 -13.41 -4.22 -9.10
C LEU D 11 -12.82 -5.19 -8.09
N GLY D 12 -13.47 -5.35 -6.93
CA GLY D 12 -13.03 -6.35 -5.99
C GLY D 12 -13.11 -7.76 -6.55
N SER D 13 -14.16 -8.03 -7.32
CA SER D 13 -14.27 -9.33 -7.98
C SER D 13 -13.11 -9.57 -8.93
N ILE D 14 -12.74 -8.54 -9.69
CA ILE D 14 -11.60 -8.68 -10.59
C ILE D 14 -10.31 -8.93 -9.80
N ARG D 15 -10.15 -8.24 -8.67
CA ARG D 15 -8.95 -8.48 -7.86
C ARG D 15 -8.92 -9.91 -7.33
N ALA D 16 -10.07 -10.42 -6.89
CA ALA D 16 -10.14 -11.80 -6.43
C ALA D 16 -9.76 -12.77 -7.54
N LEU D 17 -10.26 -12.52 -8.75
CA LEU D 17 -9.90 -13.35 -9.88
C LEU D 17 -8.41 -13.29 -10.15
N MET D 18 -7.84 -12.09 -10.10
CA MET D 18 -6.44 -11.89 -10.44
C MET D 18 -5.50 -12.36 -9.34
N VAL D 19 -6.02 -12.76 -8.18
CA VAL D 19 -5.18 -13.40 -7.18
C VAL D 19 -4.42 -14.57 -7.79
N PHE D 20 -5.12 -15.41 -8.54
CA PHE D 20 -4.48 -16.51 -9.27
C PHE D 20 -3.92 -16.00 -10.59
N LYS D 21 -2.97 -15.06 -10.46
CA LYS D 21 -2.46 -14.35 -11.61
C LYS D 21 -1.59 -15.26 -12.47
N ASP D 22 -0.78 -16.11 -11.86
CA ASP D 22 0.16 -16.92 -12.62
C ASP D 22 -0.53 -17.98 -13.45
N SER D 23 -1.80 -18.26 -13.18
CA SER D 23 -2.52 -19.24 -13.98
C SER D 23 -2.83 -18.71 -15.37
N ILE D 24 -2.74 -17.38 -15.55
CA ILE D 24 -2.88 -16.82 -16.88
C ILE D 24 -1.58 -17.03 -17.64
N GLN D 25 -1.67 -17.61 -18.82
CA GLN D 25 -0.50 -17.97 -19.60
C GLN D 25 -0.14 -16.92 -20.65
N ILE D 26 -1.12 -16.15 -21.10
CA ILE D 26 -0.90 -15.25 -22.24
C ILE D 26 -1.19 -13.79 -21.94
N ASN D 27 -2.10 -13.49 -21.02
CA ASN D 27 -2.54 -12.12 -20.77
C ASN D 27 -2.16 -11.61 -19.40
N GLN D 28 -1.09 -12.13 -18.80
CA GLN D 28 -0.75 -11.70 -17.44
C GLN D 28 -0.45 -10.21 -17.41
N ARG D 29 0.30 -9.72 -18.38
CA ARG D 29 0.63 -8.30 -18.42
C ARG D 29 -0.59 -7.46 -18.76
N GLN D 30 -1.41 -7.90 -19.71
CA GLN D 30 -2.59 -7.13 -20.07
C GLN D 30 -3.63 -7.14 -18.96
N CYS D 31 -3.82 -8.29 -18.30
CA CYS D 31 -4.74 -8.33 -17.17
C CYS D 31 -4.24 -7.46 -16.02
N SER D 32 -2.93 -7.49 -15.76
CA SER D 32 -2.38 -6.60 -14.75
C SER D 32 -2.58 -5.13 -15.11
N LEU D 33 -2.42 -4.78 -16.38
CA LEU D 33 -2.68 -3.40 -16.80
C LEU D 33 -4.13 -3.02 -16.62
N LEU D 34 -5.06 -3.92 -16.95
CA LEU D 34 -6.46 -3.63 -16.73
C LEU D 34 -6.75 -3.40 -15.25
N LEU D 35 -6.20 -4.24 -14.38
CA LEU D 35 -6.41 -4.03 -12.97
C LEU D 35 -5.81 -2.71 -12.51
N ASP D 36 -4.59 -2.40 -12.95
CA ASP D 36 -3.91 -1.19 -12.52
C ASP D 36 -4.58 0.08 -13.03
N LEU D 37 -5.30 0.00 -14.15
CA LEU D 37 -6.04 1.16 -14.62
C LEU D 37 -7.40 1.28 -13.97
N PHE D 38 -8.12 0.18 -13.79
CA PHE D 38 -9.40 0.26 -13.12
C PHE D 38 -9.21 0.74 -11.69
N THR D 39 -8.18 0.26 -11.00
CA THR D 39 -7.91 0.72 -9.64
C THR D 39 -7.60 2.21 -9.61
N ALA D 40 -6.80 2.69 -10.56
CA ALA D 40 -6.46 4.11 -10.58
C ALA D 40 -7.67 4.98 -10.89
N ALA D 41 -8.50 4.56 -11.84
CA ALA D 41 -9.73 5.30 -12.13
C ALA D 41 -10.64 5.33 -10.93
N TYR D 42 -10.79 4.21 -10.23
CA TYR D 42 -11.59 4.16 -9.02
C TYR D 42 -11.04 5.06 -7.93
N GLU D 43 -9.72 5.07 -7.74
CA GLU D 43 -9.12 5.95 -6.75
C GLU D 43 -9.39 7.41 -7.08
N SER D 44 -9.18 7.81 -8.33
CA SER D 44 -9.42 9.20 -8.68
C SER D 44 -10.89 9.58 -8.54
N ILE D 45 -11.80 8.71 -8.94
CA ILE D 45 -13.22 9.00 -8.79
C ILE D 45 -13.60 9.13 -7.32
N SER D 46 -13.09 8.24 -6.47
CA SER D 46 -13.38 8.34 -5.05
C SER D 46 -12.84 9.62 -4.45
N VAL D 47 -11.61 9.99 -4.82
CA VAL D 47 -11.03 11.23 -4.29
C VAL D 47 -11.86 12.43 -4.74
N SER D 48 -12.27 12.46 -6.00
CA SER D 48 -13.03 13.59 -6.50
C SER D 48 -14.43 13.65 -5.93
N MET D 49 -15.01 12.52 -5.52
CA MET D 49 -16.29 12.57 -4.83
C MET D 49 -16.13 13.01 -3.38
N ARG D 50 -15.07 12.56 -2.72
CA ARG D 50 -14.77 13.06 -1.38
C ARG D 50 -14.62 14.58 -1.39
N SER D 51 -13.80 15.10 -2.31
CA SER D 51 -13.52 16.52 -2.29
C SER D 51 -14.72 17.36 -2.70
N ASN D 52 -15.54 16.87 -3.63
CA ASN D 52 -16.54 17.72 -4.24
C ASN D 52 -17.92 17.55 -3.64
N LEU D 53 -18.34 16.31 -3.38
CA LEU D 53 -19.73 16.02 -3.10
C LEU D 53 -19.98 15.88 -1.60
N ARG D 54 -21.23 16.11 -1.21
CA ARG D 54 -21.68 15.99 0.17
C ARG D 54 -22.56 14.76 0.30
N PHE D 55 -22.27 13.90 1.27
CA PHE D 55 -23.01 12.67 1.43
C PHE D 55 -24.40 12.89 2.02
N LYS D 56 -24.62 13.97 2.75
CA LYS D 56 -25.94 14.23 3.31
C LYS D 56 -27.00 14.33 2.23
N GLU D 57 -26.63 14.84 1.07
CA GLU D 57 -27.53 15.00 -0.07
C GLU D 57 -27.42 13.86 -1.06
N LYS D 58 -27.18 12.65 -0.56
CA LYS D 58 -26.96 11.50 -1.43
C LYS D 58 -28.15 11.21 -2.33
N ASN D 59 -29.36 11.27 -1.76
CA ASN D 59 -30.51 10.72 -2.44
C ASN D 59 -31.20 11.70 -3.39
N THR D 60 -30.86 12.99 -3.31
CA THR D 60 -31.57 14.00 -4.09
C THR D 60 -30.70 14.67 -5.15
N LYS D 61 -29.48 15.05 -4.81
CA LYS D 61 -28.66 15.85 -5.70
C LYS D 61 -27.60 15.04 -6.43
N TRP D 62 -27.67 13.71 -6.38
CA TRP D 62 -26.73 12.87 -7.11
C TRP D 62 -27.39 12.17 -8.30
N LYS D 63 -28.56 12.63 -8.72
CA LYS D 63 -29.25 11.99 -9.83
C LYS D 63 -28.47 12.07 -11.13
N ILE D 64 -27.61 13.07 -11.28
CA ILE D 64 -26.85 13.21 -12.53
C ILE D 64 -25.71 12.20 -12.63
N LEU D 65 -25.22 11.68 -11.52
CA LEU D 65 -24.12 10.71 -11.55
C LEU D 65 -24.56 9.30 -11.87
N GLU D 66 -25.86 9.04 -11.97
CA GLU D 66 -26.32 7.67 -12.11
C GLU D 66 -25.82 7.04 -13.41
N GLN D 67 -26.01 7.73 -14.53
CA GLN D 67 -25.71 7.11 -15.81
C GLN D 67 -24.23 7.07 -16.16
N PRO D 68 -23.41 8.11 -15.93
CA PRO D 68 -21.97 7.95 -16.15
C PRO D 68 -21.37 6.83 -15.31
N LEU D 69 -21.80 6.71 -14.06
CA LEU D 69 -21.31 5.64 -13.22
C LEU D 69 -21.83 4.28 -13.71
N ARG D 70 -23.04 4.25 -14.26
CA ARG D 70 -23.50 3.01 -14.88
C ARG D 70 -22.61 2.62 -16.04
N GLU D 71 -22.22 3.58 -16.86
CA GLU D 71 -21.38 3.25 -18.01
C GLU D 71 -20.00 2.78 -17.57
N LEU D 72 -19.42 3.41 -16.55
CA LEU D 72 -18.18 2.89 -16.00
C LEU D 72 -18.34 1.52 -15.39
N LEU D 73 -19.47 1.26 -14.74
CA LEU D 73 -19.77 -0.07 -14.24
C LEU D 73 -19.76 -1.08 -15.38
N TRP D 74 -20.38 -0.73 -16.50
CA TRP D 74 -20.40 -1.63 -17.65
C TRP D 74 -18.99 -1.89 -18.18
N VAL D 75 -18.17 -0.85 -18.24
CA VAL D 75 -16.79 -1.03 -18.71
C VAL D 75 -16.03 -1.97 -17.79
N VAL D 76 -16.17 -1.78 -16.48
CA VAL D 76 -15.47 -2.66 -15.55
C VAL D 76 -16.02 -4.08 -15.62
N ARG D 77 -17.32 -4.23 -15.82
CA ARG D 77 -17.90 -5.56 -15.96
C ARG D 77 -17.43 -6.27 -17.20
N GLU D 78 -17.13 -5.53 -18.27
CA GLU D 78 -16.51 -6.14 -19.43
C GLU D 78 -15.05 -6.47 -19.20
N GLY D 79 -14.32 -5.65 -18.46
CA GLY D 79 -12.98 -6.02 -18.06
C GLY D 79 -12.94 -7.30 -17.26
N GLU D 80 -13.92 -7.49 -16.37
CA GLU D 80 -13.99 -8.72 -15.60
C GLU D 80 -14.22 -9.93 -16.49
N ALA D 81 -15.10 -9.80 -17.47
CA ALA D 81 -15.31 -10.88 -18.43
C ALA D 81 -14.05 -11.17 -19.22
N TYR D 82 -13.30 -10.14 -19.59
CA TYR D 82 -12.02 -10.36 -20.26
C TYR D 82 -11.06 -11.14 -19.38
N VAL D 83 -11.00 -10.80 -18.09
CA VAL D 83 -10.10 -11.52 -17.20
C VAL D 83 -10.53 -12.98 -17.07
N ARG D 84 -11.82 -13.23 -16.85
CA ARG D 84 -12.28 -14.62 -16.78
C ARG D 84 -12.04 -15.38 -18.08
N MET D 85 -12.13 -14.71 -19.22
CA MET D 85 -11.80 -15.36 -20.48
C MET D 85 -10.33 -15.72 -20.53
N SER D 86 -9.46 -14.80 -20.09
CA SER D 86 -8.03 -15.04 -20.16
C SER D 86 -7.52 -15.99 -19.10
N LEU D 87 -8.32 -16.29 -18.08
CA LEU D 87 -7.87 -17.07 -16.94
C LEU D 87 -8.56 -18.42 -16.81
N GLU D 88 -9.71 -18.61 -17.45
CA GLU D 88 -10.43 -19.87 -17.30
C GLU D 88 -9.61 -21.02 -17.86
N PRO D 89 -9.75 -22.21 -17.28
CA PRO D 89 -9.08 -23.40 -17.82
C PRO D 89 -9.92 -24.20 -18.80
N LYS D 90 -11.05 -23.65 -19.27
CA LYS D 90 -11.92 -24.39 -20.16
C LYS D 90 -11.22 -24.77 -21.45
N LEU D 91 -10.43 -23.85 -22.00
CA LEU D 91 -9.71 -24.08 -23.24
C LEU D 91 -8.26 -24.43 -22.95
N GLY D 92 -7.66 -25.22 -23.84
CA GLY D 92 -6.28 -25.61 -23.66
C GLY D 92 -5.32 -24.47 -23.96
N PHE D 93 -4.04 -24.73 -23.70
CA PHE D 93 -3.02 -23.70 -23.93
C PHE D 93 -2.92 -23.34 -25.40
N TRP D 94 -3.00 -24.34 -26.29
CA TRP D 94 -2.86 -24.06 -27.71
C TRP D 94 -4.08 -23.32 -28.24
N ALA D 95 -5.27 -23.74 -27.84
CA ALA D 95 -6.49 -23.05 -28.27
C ALA D 95 -6.49 -21.61 -27.78
N LYS D 96 -5.88 -21.37 -26.62
CA LYS D 96 -5.78 -20.01 -26.11
C LYS D 96 -4.72 -19.22 -26.86
N ALA D 97 -3.62 -19.88 -27.23
CA ALA D 97 -2.52 -19.17 -27.88
C ALA D 97 -2.89 -18.77 -29.30
N ILE D 98 -3.70 -19.58 -29.98
CA ILE D 98 -4.12 -19.23 -31.33
C ILE D 98 -5.00 -17.99 -31.30
N VAL D 99 -5.81 -17.83 -30.26
CA VAL D 99 -6.78 -16.73 -30.24
C VAL D 99 -6.17 -15.47 -29.66
N LEU D 100 -5.40 -15.58 -28.58
CA LEU D 100 -5.00 -14.43 -27.78
C LEU D 100 -3.56 -14.00 -28.02
N HIS D 101 -2.86 -14.57 -29.00
CA HIS D 101 -1.49 -14.16 -29.23
C HIS D 101 -1.37 -12.76 -29.80
N SER D 102 -2.41 -12.27 -30.47
CA SER D 102 -2.42 -10.94 -31.07
C SER D 102 -3.76 -10.27 -30.81
N ASN D 103 -4.22 -10.31 -29.56
CA ASN D 103 -5.57 -9.90 -29.25
C ASN D 103 -5.77 -8.40 -29.42
N ARG D 104 -5.04 -7.60 -28.66
CA ARG D 104 -5.22 -6.15 -28.56
C ARG D 104 -6.60 -5.77 -28.06
N ASP D 105 -7.36 -6.70 -27.48
CA ASP D 105 -8.66 -6.35 -26.93
C ASP D 105 -8.52 -5.39 -25.76
N CYS D 106 -7.44 -5.51 -24.99
CA CYS D 106 -7.25 -4.68 -23.82
C CYS D 106 -7.29 -3.20 -24.17
N THR D 107 -6.29 -2.72 -24.92
CA THR D 107 -6.13 -1.29 -25.10
C THR D 107 -7.14 -0.72 -26.08
N GLU D 108 -7.73 -1.54 -26.94
CA GLU D 108 -8.66 -1.02 -27.92
C GLU D 108 -10.10 -1.12 -27.48
N LEU D 109 -10.50 -2.20 -26.82
CA LEU D 109 -11.82 -2.23 -26.22
C LEU D 109 -11.84 -1.61 -24.83
N HIS D 110 -11.14 -2.24 -23.89
CA HIS D 110 -11.40 -1.96 -22.49
C HIS D 110 -10.75 -0.66 -22.04
N ILE D 111 -9.47 -0.48 -22.36
CA ILE D 111 -8.81 0.75 -21.97
C ILE D 111 -9.42 1.93 -22.71
N HIS D 112 -9.78 1.74 -23.97
CA HIS D 112 -10.42 2.81 -24.73
C HIS D 112 -11.75 3.20 -24.13
N ASN D 113 -12.58 2.23 -23.78
CA ASN D 113 -13.86 2.54 -23.16
C ASN D 113 -13.67 3.23 -21.82
N LEU D 114 -12.70 2.76 -21.03
CA LEU D 114 -12.44 3.39 -19.74
C LEU D 114 -12.01 4.84 -19.91
N LEU D 115 -11.13 5.10 -20.87
CA LEU D 115 -10.61 6.45 -21.03
C LEU D 115 -11.61 7.36 -21.72
N SER D 116 -12.59 6.79 -22.41
CA SER D 116 -13.65 7.63 -22.95
C SER D 116 -14.79 7.78 -21.96
N CYS D 117 -14.79 6.98 -20.88
CA CYS D 117 -15.86 7.07 -19.91
C CYS D 117 -15.47 7.91 -18.70
N LEU D 118 -14.18 7.99 -18.39
CA LEU D 118 -13.76 8.86 -17.29
C LEU D 118 -14.10 10.33 -17.50
N PRO D 119 -13.88 10.94 -18.66
CA PRO D 119 -14.27 12.35 -18.81
C PRO D 119 -15.74 12.60 -18.52
N ILE D 120 -16.61 11.69 -18.91
CA ILE D 120 -18.03 11.86 -18.62
C ILE D 120 -18.26 11.90 -17.12
N ILE D 121 -17.64 10.97 -16.39
CA ILE D 121 -17.82 10.93 -14.94
C ILE D 121 -17.26 12.19 -14.29
N VAL D 122 -16.07 12.61 -14.70
CA VAL D 122 -15.47 13.79 -14.11
C VAL D 122 -16.34 15.01 -14.32
N GLU D 123 -16.82 15.20 -15.55
CA GLU D 123 -17.64 16.37 -15.85
C GLU D 123 -18.96 16.29 -15.10
N ALA D 124 -19.55 15.11 -14.98
CA ALA D 124 -20.78 14.96 -14.23
C ALA D 124 -20.56 15.28 -12.76
N ILE D 125 -19.43 14.87 -12.20
CA ILE D 125 -19.13 15.17 -10.80
C ILE D 125 -18.98 16.67 -10.61
N GLU D 126 -18.31 17.36 -11.53
CA GLU D 126 -18.23 18.81 -11.41
C GLU D 126 -19.61 19.44 -11.44
N THR D 127 -20.47 19.02 -12.36
CA THR D 127 -21.80 19.61 -12.44
C THR D 127 -22.63 19.29 -11.20
N ALA D 128 -22.39 18.14 -10.58
CA ALA D 128 -23.10 17.80 -9.36
C ALA D 128 -22.57 18.59 -8.18
N SER D 129 -21.28 18.96 -8.22
CA SER D 129 -20.70 19.73 -7.14
C SER D 129 -21.21 21.16 -7.15
N GLU D 130 -21.40 21.74 -8.34
CA GLU D 130 -21.86 23.12 -8.40
C GLU D 130 -23.22 23.29 -7.74
N VAL D 131 -24.13 22.34 -7.95
CA VAL D 131 -25.46 22.46 -7.36
C VAL D 131 -25.47 21.93 -5.93
N SER D 132 -24.36 21.33 -5.50
CA SER D 132 -24.30 20.78 -4.15
C SER D 132 -24.26 21.90 -3.12
N GLY D 133 -24.78 21.60 -1.93
CA GLY D 133 -24.76 22.54 -0.84
C GLY D 133 -25.98 23.45 -0.82
N TRP D 134 -26.00 24.35 0.16
CA TRP D 134 -27.05 25.34 0.29
C TRP D 134 -26.52 26.76 0.27
N ASP D 135 -25.20 26.94 0.15
CA ASP D 135 -24.57 28.24 0.16
C ASP D 135 -24.30 28.67 -1.27
N GLU D 136 -24.87 29.81 -1.67
CA GLU D 136 -24.71 30.27 -3.05
C GLU D 136 -23.28 30.70 -3.33
N GLU D 137 -22.56 31.14 -2.29
CA GLU D 137 -21.16 31.49 -2.49
C GLU D 137 -20.33 30.28 -2.89
N GLU D 138 -20.60 29.13 -2.26
CA GLU D 138 -19.93 27.90 -2.66
C GLU D 138 -20.22 27.56 -4.11
N MET D 139 -21.49 27.70 -4.51
CA MET D 139 -21.88 27.39 -5.88
C MET D 139 -21.16 28.31 -6.86
N SER D 140 -21.10 29.60 -6.57
CA SER D 140 -20.43 30.53 -7.45
C SER D 140 -18.94 30.23 -7.54
N LYS D 141 -18.31 29.91 -6.41
CA LYS D 141 -16.89 29.61 -6.42
C LYS D 141 -16.59 28.34 -7.22
N LYS D 142 -17.42 27.30 -7.07
CA LYS D 142 -17.22 26.10 -7.85
C LYS D 142 -17.44 26.36 -9.33
N ARG D 143 -18.44 27.17 -9.67
CA ARG D 143 -18.63 27.54 -11.06
C ARG D 143 -17.41 28.25 -11.62
N LEU D 144 -16.81 29.14 -10.83
CA LEU D 144 -15.59 29.80 -11.26
C LEU D 144 -14.47 28.81 -11.50
N VAL D 145 -14.28 27.84 -10.60
CA VAL D 145 -13.22 26.86 -10.78
C VAL D 145 -13.41 26.08 -12.07
N HIS D 146 -14.62 25.58 -12.28
CA HIS D 146 -14.88 24.78 -13.48
C HIS D 146 -14.86 25.60 -14.75
N SER D 147 -15.21 26.88 -14.69
CA SER D 147 -15.10 27.72 -15.87
C SER D 147 -13.66 28.07 -16.19
N ASN D 148 -12.79 28.16 -15.19
CA ASN D 148 -11.38 28.37 -15.44
C ASN D 148 -10.66 27.09 -15.83
N LYS D 149 -11.26 25.92 -15.58
CA LYS D 149 -10.65 24.70 -16.08
C LYS D 149 -10.78 24.58 -17.59
N TYR D 150 -11.96 24.90 -18.14
CA TYR D 150 -12.27 24.70 -19.56
C TYR D 150 -12.04 25.95 -20.39
N MET D 151 -11.14 26.83 -19.99
CA MET D 151 -10.87 28.01 -20.78
C MET D 151 -9.86 27.71 -21.87
N LYS D 152 -9.86 28.57 -22.89
CA LYS D 152 -9.28 28.24 -24.19
C LYS D 152 -7.78 28.01 -24.15
N GLN D 153 -7.04 28.68 -23.26
CA GLN D 153 -5.59 28.56 -23.34
C GLN D 153 -5.10 27.16 -23.00
N TRP D 154 -5.93 26.33 -22.39
CA TRP D 154 -5.56 24.93 -22.16
C TRP D 154 -5.95 24.06 -23.35
N ASN D 155 -5.56 24.46 -24.56
CA ASN D 155 -5.80 23.65 -25.74
C ASN D 155 -4.45 23.24 -26.30
N ASP D 156 -3.90 22.16 -25.74
CA ASP D 156 -2.72 21.51 -26.26
C ASP D 156 -2.60 20.19 -25.53
N SER D 157 -2.19 19.16 -26.27
CA SER D 157 -2.03 17.85 -25.66
C SER D 157 -1.08 17.91 -24.47
N GLN D 158 0.02 18.64 -24.61
CA GLN D 158 0.99 18.70 -23.53
C GLN D 158 0.50 19.58 -22.38
N MET D 159 -0.17 20.69 -22.68
CA MET D 159 -0.80 21.49 -21.64
C MET D 159 -1.79 20.66 -20.84
N PHE D 160 -2.64 19.90 -21.53
CA PHE D 160 -3.65 19.11 -20.85
C PHE D 160 -3.03 17.99 -20.04
N THR D 161 -2.03 17.32 -20.59
CA THR D 161 -1.35 16.27 -19.83
C THR D 161 -0.63 16.82 -18.62
N TRP D 162 -0.17 18.07 -18.68
CA TRP D 162 0.42 18.67 -17.48
C TRP D 162 -0.63 18.97 -16.44
N LYS D 163 -1.62 19.80 -16.79
CA LYS D 163 -2.59 20.24 -15.79
C LYS D 163 -3.50 19.12 -15.33
N PHE D 164 -4.06 18.36 -16.29
CA PHE D 164 -5.14 17.44 -16.00
C PHE D 164 -4.77 15.99 -16.27
N GLY D 165 -3.47 15.68 -16.31
CA GLY D 165 -3.06 14.34 -16.65
C GLY D 165 -3.54 13.30 -15.65
N ARG D 166 -3.28 13.53 -14.37
CA ARG D 166 -3.61 12.54 -13.35
C ARG D 166 -5.11 12.33 -13.21
N GLU D 167 -5.91 13.33 -13.53
CA GLU D 167 -7.36 13.20 -13.37
C GLU D 167 -7.93 12.19 -14.36
N TYR D 168 -7.41 12.16 -15.58
CA TYR D 168 -7.98 11.35 -16.65
C TYR D 168 -7.10 10.15 -17.00
N LEU D 169 -6.20 9.77 -16.09
CA LEU D 169 -5.36 8.59 -16.26
C LEU D 169 -4.50 8.67 -17.51
N VAL D 170 -3.99 9.84 -17.83
CA VAL D 170 -3.01 10.00 -18.90
C VAL D 170 -1.78 10.63 -18.26
N THR D 171 -0.85 9.76 -17.91
CA THR D 171 0.41 10.12 -17.29
C THR D 171 1.50 9.41 -18.08
N GLU D 172 2.75 9.82 -17.88
CA GLU D 172 3.82 9.18 -18.64
C GLU D 172 3.90 7.68 -18.34
N ASP D 173 3.74 7.29 -17.08
CA ASP D 173 3.76 5.87 -16.75
C ASP D 173 2.62 5.10 -17.40
N PHE D 174 1.40 5.63 -17.34
CA PHE D 174 0.25 4.96 -17.95
C PHE D 174 0.31 4.87 -19.47
N CYS D 175 0.73 5.95 -20.11
CA CYS D 175 0.91 6.01 -21.55
C CYS D 175 2.01 5.07 -22.02
N ASN D 176 3.07 4.90 -21.22
CA ASN D 176 4.08 3.91 -21.55
C ASN D 176 3.54 2.49 -21.42
N ARG D 177 2.74 2.23 -20.40
CA ARG D 177 2.23 0.89 -20.17
C ARG D 177 1.12 0.51 -21.14
N PHE D 178 0.47 1.47 -21.79
CA PHE D 178 -0.53 1.12 -22.79
C PHE D 178 0.09 0.34 -23.94
N GLU D 179 1.35 0.64 -24.28
CA GLU D 179 2.02 -0.01 -25.39
C GLU D 179 2.96 -1.13 -24.94
N SER D 180 3.74 -0.92 -23.89
CA SER D 180 4.73 -1.90 -23.45
C SER D 180 4.14 -2.96 -22.55
N ALA D 181 2.83 -3.13 -22.54
CA ALA D 181 2.20 -4.25 -21.87
C ALA D 181 1.67 -5.29 -22.83
N TRP D 182 1.70 -5.02 -24.13
CA TRP D 182 1.41 -6.02 -25.14
C TRP D 182 2.66 -6.59 -25.78
N THR D 183 3.76 -5.85 -25.77
CA THR D 183 5.02 -6.42 -26.20
C THR D 183 5.61 -7.34 -25.14
N GLU D 184 5.34 -7.02 -23.87
CA GLU D 184 5.85 -7.79 -22.72
C GLU D 184 5.33 -9.21 -22.63
N ASP D 185 4.04 -9.40 -22.82
CA ASP D 185 3.46 -10.73 -22.86
C ASP D 185 3.71 -11.44 -24.18
N ARG D 186 3.89 -10.68 -25.27
CA ARG D 186 4.36 -11.28 -26.51
C ARG D 186 5.73 -11.91 -26.33
N TRP D 187 6.66 -11.19 -25.70
CA TRP D 187 7.97 -11.76 -25.42
C TRP D 187 7.87 -12.98 -24.53
N ILE D 188 7.02 -12.92 -23.50
CA ILE D 188 6.86 -14.05 -22.60
C ILE D 188 6.32 -15.25 -23.35
N LEU D 189 5.36 -15.03 -24.24
CA LEU D 189 4.82 -16.12 -25.03
C LEU D 189 5.88 -16.71 -25.95
N ILE D 190 6.73 -15.87 -26.54
CA ILE D 190 7.81 -16.39 -27.37
C ILE D 190 8.74 -17.25 -26.54
N LYS D 191 9.07 -16.82 -25.32
CA LYS D 191 9.94 -17.62 -24.47
C LYS D 191 9.30 -18.95 -24.11
N GLU D 192 8.02 -18.93 -23.72
CA GLU D 192 7.31 -20.15 -23.39
C GLU D 192 7.17 -21.09 -24.57
N LEU D 193 7.10 -20.56 -25.79
CA LEU D 193 7.09 -21.39 -26.98
C LEU D 193 8.45 -21.97 -27.32
N GLN D 194 9.52 -21.19 -27.16
CA GLN D 194 10.85 -21.75 -27.37
C GLN D 194 11.13 -22.90 -26.42
N GLU D 195 10.63 -22.81 -25.19
CA GLU D 195 10.77 -23.92 -24.27
C GLU D 195 10.06 -25.16 -24.77
N LYS D 196 8.84 -25.01 -25.28
CA LYS D 196 8.09 -26.14 -25.84
C LYS D 196 8.60 -26.55 -27.20
N LYS D 197 9.42 -25.72 -27.85
CA LYS D 197 9.97 -26.07 -29.16
C LYS D 197 10.86 -27.29 -29.05
N GLN D 198 11.64 -27.39 -27.97
CA GLN D 198 12.56 -28.50 -27.79
C GLN D 198 12.21 -29.42 -26.65
N SER D 199 11.39 -28.98 -25.70
CA SER D 199 11.02 -29.81 -24.57
C SER D 199 9.54 -30.19 -24.57
N GLY D 200 8.88 -30.10 -25.72
CA GLY D 200 7.48 -30.49 -25.81
C GLY D 200 7.31 -31.99 -25.67
N SER D 201 6.09 -32.42 -25.34
CA SER D 201 5.84 -33.84 -25.15
C SER D 201 5.79 -34.60 -26.47
N SER D 202 5.12 -34.05 -27.47
CA SER D 202 4.81 -34.78 -28.70
C SER D 202 5.43 -34.09 -29.90
N LYS D 203 5.58 -34.84 -31.00
CA LYS D 203 6.07 -34.31 -32.26
C LYS D 203 5.09 -33.31 -32.84
N HIS D 204 3.79 -33.56 -32.66
CA HIS D 204 2.80 -32.59 -33.13
C HIS D 204 2.96 -31.26 -32.43
N GLU D 205 3.16 -31.27 -31.11
CA GLU D 205 3.47 -30.04 -30.41
C GLU D 205 4.82 -29.48 -30.81
N ARG D 206 5.78 -30.34 -31.16
CA ARG D 206 7.04 -29.85 -31.69
C ARG D 206 6.80 -28.98 -32.92
N LYS D 207 5.92 -29.42 -33.82
CA LYS D 207 5.60 -28.62 -34.99
C LYS D 207 4.71 -27.42 -34.66
N MET D 208 3.83 -27.55 -33.68
CA MET D 208 2.99 -26.42 -33.28
C MET D 208 3.83 -25.26 -32.76
N ALA D 209 4.83 -25.57 -31.94
CA ALA D 209 5.70 -24.51 -31.41
C ALA D 209 6.44 -23.82 -32.54
N ASP D 210 6.96 -24.57 -33.50
CA ASP D 210 7.63 -23.96 -34.64
C ASP D 210 6.67 -23.09 -35.43
N PHE D 211 5.45 -23.59 -35.63
CA PHE D 211 4.41 -22.81 -36.28
C PHE D 211 4.20 -21.47 -35.62
N LEU D 212 3.97 -21.45 -34.32
CA LEU D 212 3.67 -20.20 -33.66
C LEU D 212 4.89 -19.30 -33.53
N LEU D 213 6.08 -19.85 -33.33
CA LEU D 213 7.28 -19.02 -33.30
C LEU D 213 7.49 -18.32 -34.63
N LYS D 214 7.37 -19.05 -35.73
CA LYS D 214 7.50 -18.41 -37.04
C LYS D 214 6.34 -17.45 -37.29
N HIS D 215 5.18 -17.74 -36.70
CA HIS D 215 4.02 -16.87 -36.88
C HIS D 215 4.17 -15.56 -36.14
N LEU D 216 4.99 -15.52 -35.09
CA LEU D 216 5.12 -14.33 -34.26
C LEU D 216 6.51 -13.73 -34.46
N GLY D 217 6.66 -12.93 -35.50
CA GLY D 217 7.79 -12.02 -35.61
C GLY D 217 9.15 -12.64 -35.37
N ASP D 218 9.42 -13.79 -35.99
CA ASP D 218 10.72 -14.43 -35.87
C ASP D 218 11.59 -13.95 -37.04
N GLY D 219 12.56 -13.10 -36.73
CA GLY D 219 13.37 -12.51 -37.79
C GLY D 219 12.70 -11.40 -38.54
N ASN D 220 11.61 -10.86 -38.00
CA ASN D 220 10.81 -9.81 -38.65
C ASN D 220 10.31 -10.27 -40.02
N GLU D 221 10.11 -11.58 -40.15
CA GLU D 221 9.55 -12.18 -41.35
C GLU D 221 8.05 -12.41 -41.23
N SER D 222 7.32 -11.40 -40.77
CA SER D 222 5.89 -11.57 -40.46
C SER D 222 4.90 -12.09 -41.52
N PRO D 223 5.03 -11.68 -42.79
CA PRO D 223 4.03 -12.19 -43.72
C PRO D 223 4.39 -13.52 -44.37
N LYS D 224 3.72 -14.60 -43.96
CA LYS D 224 3.95 -15.94 -44.51
C LYS D 224 2.78 -16.90 -44.24
N LEU D 225 2.73 -17.99 -44.99
CA LEU D 225 1.70 -19.01 -44.83
C LEU D 225 2.35 -20.38 -44.64
N PHE D 226 1.84 -21.14 -43.69
CA PHE D 226 2.45 -22.38 -43.24
C PHE D 226 1.71 -23.58 -43.81
N PRO D 227 2.37 -24.74 -43.86
CA PRO D 227 1.73 -25.93 -44.43
C PRO D 227 0.45 -26.28 -43.69
N SER D 228 -0.56 -26.69 -44.46
CA SER D 228 -1.87 -27.00 -43.89
C SER D 228 -1.88 -28.32 -43.14
N SER D 229 -0.78 -29.08 -43.17
CA SER D 229 -0.74 -30.36 -42.47
C SER D 229 -0.97 -30.18 -40.98
N LEU D 230 -0.65 -29.00 -40.44
CA LEU D 230 -0.84 -28.76 -39.01
C LEU D 230 -2.31 -28.84 -38.64
N LEU D 231 -3.19 -28.45 -39.55
CA LEU D 231 -4.61 -28.57 -39.25
C LEU D 231 -5.02 -30.04 -39.17
N ASP D 232 -4.55 -30.82 -40.13
CA ASP D 232 -4.82 -32.26 -40.23
C ASP D 232 -4.21 -33.12 -39.12
N ASN D 233 -2.98 -32.80 -38.76
CA ASN D 233 -2.26 -33.59 -37.76
C ASN D 233 -2.88 -33.61 -36.37
N THR D 234 -3.40 -32.47 -35.91
CA THR D 234 -3.91 -32.44 -34.55
C THR D 234 -4.89 -33.56 -34.22
N LYS D 235 -4.67 -34.15 -33.05
CA LYS D 235 -5.47 -35.23 -32.51
C LYS D 235 -6.92 -35.08 -32.95
N ASP D 236 -7.46 -33.86 -32.88
CA ASP D 236 -8.82 -33.63 -33.30
C ASP D 236 -8.92 -32.45 -34.28
N TYR D 237 -9.39 -32.73 -35.49
CA TYR D 237 -9.58 -31.68 -36.49
C TYR D 237 -10.81 -31.95 -37.35
N GLN D 238 -11.99 -31.79 -36.78
CA GLN D 238 -13.19 -32.04 -37.55
C GLN D 238 -13.63 -30.73 -38.19
N VAL D 239 -13.82 -30.74 -39.50
CA VAL D 239 -14.23 -29.51 -40.17
C VAL D 239 -15.75 -29.56 -40.33
N LYS D 240 -16.44 -28.60 -39.74
CA LYS D 240 -17.89 -28.62 -39.72
C LYS D 240 -18.45 -28.02 -41.00
N LYS D 241 -19.70 -28.33 -41.28
CA LYS D 241 -20.33 -27.90 -42.52
C LYS D 241 -20.63 -26.40 -42.50
N ARG D 242 -20.44 -25.76 -43.65
CA ARG D 242 -20.50 -24.31 -43.72
C ARG D 242 -21.94 -23.82 -43.77
N LEU D 243 -22.18 -22.67 -43.13
CA LEU D 243 -23.51 -22.07 -43.10
C LEU D 243 -23.40 -20.55 -42.98
N GLN D 248 -18.19 -20.37 -48.39
CA GLN D 248 -16.74 -20.18 -48.37
C GLN D 248 -16.23 -20.08 -46.94
N TYR D 249 -17.14 -20.06 -45.98
CA TYR D 249 -16.77 -20.02 -44.59
C TYR D 249 -17.23 -21.33 -43.94
N LYS D 250 -16.31 -22.00 -43.27
CA LYS D 250 -16.62 -23.26 -42.62
C LYS D 250 -16.26 -23.21 -41.15
N GLU D 251 -16.93 -24.01 -40.35
CA GLU D 251 -16.72 -23.98 -38.89
C GLU D 251 -15.67 -24.99 -38.43
N ILE D 252 -14.40 -24.72 -38.73
CA ILE D 252 -13.33 -25.54 -38.19
C ILE D 252 -13.31 -25.42 -36.67
N THR D 253 -12.97 -26.51 -35.98
CA THR D 253 -12.94 -26.57 -34.52
C THR D 253 -11.65 -27.26 -34.09
N TRP D 254 -10.52 -26.82 -34.64
CA TRP D 254 -9.37 -27.70 -34.73
C TRP D 254 -8.58 -27.78 -33.43
N LEU D 255 -8.80 -26.85 -32.50
CA LEU D 255 -8.27 -27.00 -31.15
C LEU D 255 -9.34 -27.25 -30.10
N GLY D 256 -10.52 -27.68 -30.51
CA GLY D 256 -11.64 -27.78 -29.59
C GLY D 256 -12.42 -26.49 -29.44
N GLU D 257 -11.86 -25.37 -29.89
CA GLU D 257 -12.56 -24.10 -29.95
C GLU D 257 -12.95 -23.83 -31.39
N SER D 258 -14.24 -23.61 -31.62
CA SER D 258 -14.75 -23.46 -32.98
C SER D 258 -14.22 -22.19 -33.62
N PHE D 259 -13.79 -22.31 -34.88
CA PHE D 259 -13.28 -21.18 -35.66
C PHE D 259 -13.98 -21.16 -37.00
N ALA D 260 -14.06 -19.98 -37.59
CA ALA D 260 -14.56 -19.85 -38.95
C ALA D 260 -13.40 -20.01 -39.93
N LEU D 261 -13.61 -20.83 -40.96
CA LEU D 261 -12.57 -21.16 -41.91
C LEU D 261 -12.96 -20.67 -43.29
N ARG D 262 -12.12 -19.82 -43.87
CA ARG D 262 -12.29 -19.38 -45.25
C ARG D 262 -11.22 -20.05 -46.10
N HIS D 263 -11.64 -20.79 -47.10
CA HIS D 263 -10.73 -21.51 -47.97
C HIS D 263 -11.15 -21.29 -49.42
N PHE D 264 -10.16 -21.02 -50.26
CA PHE D 264 -10.38 -20.63 -51.65
C PHE D 264 -9.27 -21.22 -52.51
N PHE D 265 -9.55 -21.33 -53.80
CA PHE D 265 -8.62 -21.92 -54.75
C PHE D 265 -8.15 -20.86 -55.74
N GLY D 266 -6.84 -20.78 -55.93
CA GLY D 266 -6.23 -19.85 -56.86
C GLY D 266 -4.74 -20.01 -56.80
N ASP D 267 -4.05 -19.28 -57.68
CA ASP D 267 -2.58 -19.31 -57.70
C ASP D 267 -2.10 -18.49 -56.50
N ILE D 268 -2.00 -19.18 -55.37
CA ILE D 268 -1.78 -18.56 -54.07
C ILE D 268 -0.43 -17.84 -54.08
N ASP D 269 0.55 -18.43 -54.75
CA ASP D 269 1.85 -17.76 -54.88
C ASP D 269 1.69 -16.43 -55.59
N ALA D 270 0.79 -16.35 -56.57
CA ALA D 270 0.55 -15.08 -57.25
C ALA D 270 -0.27 -14.14 -56.39
N LEU D 271 -1.20 -14.68 -55.60
CA LEU D 271 -2.02 -13.87 -54.70
C LEU D 271 -1.34 -13.60 -53.38
N LEU D 272 -0.14 -14.13 -53.18
CA LEU D 272 0.57 -13.92 -51.92
C LEU D 272 0.82 -12.45 -51.58
N PRO D 273 1.30 -11.59 -52.50
CA PRO D 273 1.66 -10.23 -52.06
C PRO D 273 0.49 -9.39 -51.60
N GLN D 274 -0.75 -9.80 -51.89
CA GLN D 274 -1.89 -9.00 -51.44
C GLN D 274 -2.53 -9.58 -50.20
N ILE D 275 -2.26 -10.86 -49.91
CA ILE D 275 -2.75 -11.45 -48.66
C ILE D 275 -1.73 -11.24 -47.54
N THR D 276 -0.48 -10.99 -47.92
CA THR D 276 0.62 -10.68 -47.02
C THR D 276 0.30 -9.48 -46.12
N PRO D 277 -0.20 -8.36 -46.66
CA PRO D 277 -0.63 -7.28 -45.75
C PRO D 277 -1.78 -7.69 -44.87
N LEU D 278 -2.63 -8.59 -45.37
CA LEU D 278 -3.89 -8.89 -44.68
C LEU D 278 -3.65 -9.68 -43.39
N LEU D 279 -2.63 -10.52 -43.37
CA LEU D 279 -2.44 -11.39 -42.22
C LEU D 279 -1.92 -10.64 -41.00
N SER D 280 -1.55 -9.38 -41.18
CA SER D 280 -0.90 -8.65 -40.08
C SER D 280 -1.92 -7.96 -39.18
N LEU D 281 -3.16 -7.79 -39.65
CA LEU D 281 -4.15 -7.00 -38.93
C LEU D 281 -4.59 -7.62 -37.61
N SER D 282 -4.93 -6.76 -36.64
CA SER D 282 -5.47 -7.23 -35.36
C SER D 282 -6.19 -6.04 -34.71
N HIS D 283 -7.50 -6.15 -34.59
CA HIS D 283 -8.31 -5.14 -33.94
C HIS D 283 -9.57 -5.78 -33.37
N PRO D 284 -10.05 -5.31 -32.22
CA PRO D 284 -11.25 -5.91 -31.63
C PRO D 284 -12.48 -5.81 -32.52
N ASN D 285 -12.58 -4.78 -33.34
CA ASN D 285 -13.74 -4.60 -34.21
C ASN D 285 -13.47 -5.09 -35.62
N ILE D 286 -12.51 -6.01 -35.77
CA ILE D 286 -12.16 -6.58 -37.06
C ILE D 286 -12.14 -8.09 -36.90
N VAL D 287 -12.82 -8.77 -37.81
CA VAL D 287 -12.77 -10.23 -37.89
C VAL D 287 -11.54 -10.53 -38.75
N TYR D 288 -10.39 -10.62 -38.11
CA TYR D 288 -9.13 -10.77 -38.80
C TYR D 288 -8.69 -12.22 -38.84
N TYR D 289 -7.68 -12.48 -39.65
CA TYR D 289 -7.22 -13.83 -39.92
C TYR D 289 -6.11 -14.18 -38.94
N LEU D 290 -6.37 -15.20 -38.11
CA LEU D 290 -5.40 -15.59 -37.10
C LEU D 290 -4.18 -16.25 -37.72
N CYS D 291 -4.39 -17.18 -38.64
CA CYS D 291 -3.31 -17.96 -39.23
C CYS D 291 -3.63 -18.24 -40.69
N GLY D 292 -2.58 -18.48 -41.48
CA GLY D 292 -2.75 -18.80 -42.88
C GLY D 292 -2.15 -20.15 -43.24
N PHE D 293 -2.82 -20.92 -44.08
CA PHE D 293 -2.38 -22.25 -44.44
C PHE D 293 -2.47 -22.47 -45.94
N THR D 294 -1.38 -22.97 -46.53
CA THR D 294 -1.36 -23.51 -47.88
C THR D 294 -0.79 -24.91 -47.81
N ASP D 295 -1.25 -25.79 -48.69
CA ASP D 295 -0.79 -27.18 -48.64
C ASP D 295 0.70 -27.28 -48.91
N GLU D 296 1.11 -27.06 -50.15
CA GLU D 296 2.53 -27.04 -50.53
C GLU D 296 2.80 -25.90 -51.49
N GLU D 297 2.31 -24.71 -51.14
CA GLU D 297 2.21 -23.57 -52.07
C GLU D 297 1.36 -23.90 -53.27
N LYS D 298 0.34 -24.72 -53.08
CA LYS D 298 -0.45 -25.33 -54.15
C LYS D 298 -1.83 -24.70 -54.18
N LYS D 299 -2.74 -25.34 -54.92
CA LYS D 299 -4.07 -24.87 -55.28
C LYS D 299 -4.70 -24.10 -54.12
N GLU D 300 -4.88 -24.69 -52.95
CA GLU D 300 -5.82 -24.14 -51.98
C GLU D 300 -5.09 -23.44 -50.84
N CYS D 301 -5.75 -22.42 -50.29
CA CYS D 301 -5.30 -21.72 -49.11
C CYS D 301 -6.36 -21.81 -48.02
N PHE D 302 -5.91 -21.98 -46.79
CA PHE D 302 -6.81 -22.11 -45.65
C PHE D 302 -6.60 -20.91 -44.74
N LEU D 303 -7.64 -20.11 -44.56
CA LEU D 303 -7.61 -18.91 -43.74
C LEU D 303 -8.54 -19.12 -42.56
N VAL D 304 -8.00 -19.00 -41.35
CA VAL D 304 -8.74 -19.27 -40.13
C VAL D 304 -9.12 -17.95 -39.47
N MET D 305 -10.36 -17.86 -39.03
CA MET D 305 -10.92 -16.65 -38.46
C MET D 305 -11.53 -16.97 -37.11
N GLU D 306 -11.91 -15.93 -36.37
CA GLU D 306 -12.72 -16.12 -35.19
C GLU D 306 -14.17 -16.30 -35.58
N LEU D 307 -14.87 -17.18 -34.88
CA LEU D 307 -16.20 -17.59 -35.28
C LEU D 307 -17.26 -16.67 -34.67
N MET D 308 -18.01 -16.00 -35.53
CA MET D 308 -19.22 -15.29 -35.15
C MET D 308 -20.30 -15.62 -36.16
N ARG D 309 -21.54 -15.70 -35.68
CA ARG D 309 -22.63 -16.23 -36.48
C ARG D 309 -23.64 -15.17 -36.90
N LYS D 310 -24.21 -14.46 -35.94
CA LYS D 310 -25.28 -13.52 -36.21
C LYS D 310 -24.72 -12.20 -36.72
N THR D 311 -25.29 -11.69 -37.82
CA THR D 311 -24.88 -10.40 -38.33
C THR D 311 -25.84 -9.32 -37.86
N LEU D 312 -25.42 -8.07 -38.00
CA LEU D 312 -26.27 -6.94 -37.68
C LEU D 312 -27.52 -6.92 -38.54
N GLY D 313 -27.38 -7.28 -39.82
CA GLY D 313 -28.53 -7.26 -40.72
C GLY D 313 -29.63 -8.21 -40.28
N MET D 314 -29.28 -9.44 -39.94
CA MET D 314 -30.30 -10.37 -39.50
C MET D 314 -30.52 -10.34 -37.99
N HIS D 315 -29.84 -9.45 -37.28
CA HIS D 315 -30.17 -9.20 -35.89
C HIS D 315 -31.22 -8.11 -35.74
N ILE D 316 -31.10 -7.02 -36.50
CA ILE D 316 -32.12 -5.97 -36.42
C ILE D 316 -33.46 -6.52 -36.87
N LYS D 317 -33.50 -7.30 -37.95
CA LYS D 317 -34.77 -7.90 -38.33
C LYS D 317 -35.23 -8.95 -37.35
N GLU D 318 -34.35 -9.44 -36.48
CA GLU D 318 -34.78 -10.35 -35.42
C GLU D 318 -35.59 -9.61 -34.36
N VAL D 319 -35.07 -8.46 -33.90
CA VAL D 319 -35.74 -7.74 -32.80
C VAL D 319 -36.85 -6.83 -33.28
N CYS D 320 -37.20 -6.85 -34.55
CA CYS D 320 -38.28 -6.02 -35.06
C CYS D 320 -39.27 -6.85 -35.87
N THR D 327 -36.95 0.92 -32.42
CA THR D 327 -36.13 -0.28 -32.51
C THR D 327 -35.02 -0.24 -31.47
N LEU D 328 -33.77 -0.31 -31.93
CA LEU D 328 -32.65 -0.17 -31.02
C LEU D 328 -32.64 1.21 -30.39
N SER D 329 -32.26 1.27 -29.11
CA SER D 329 -32.19 2.54 -28.43
C SER D 329 -31.02 3.35 -28.94
N LEU D 330 -31.06 4.65 -28.64
CA LEU D 330 -29.97 5.54 -29.05
C LEU D 330 -28.62 5.14 -28.49
N PRO D 331 -28.46 4.83 -27.20
CA PRO D 331 -27.12 4.43 -26.75
C PRO D 331 -26.61 3.17 -27.42
N VAL D 332 -27.48 2.20 -27.69
CA VAL D 332 -27.05 0.99 -28.38
C VAL D 332 -26.59 1.31 -29.78
N ALA D 333 -27.37 2.12 -30.51
CA ALA D 333 -26.97 2.51 -31.85
C ALA D 333 -25.67 3.29 -31.85
N VAL D 334 -25.49 4.18 -30.88
CA VAL D 334 -24.26 4.98 -30.83
C VAL D 334 -23.06 4.10 -30.52
N ASP D 335 -23.21 3.13 -29.63
CA ASP D 335 -22.10 2.22 -29.38
C ASP D 335 -21.75 1.39 -30.60
N LEU D 336 -22.76 0.88 -31.33
CA LEU D 336 -22.45 0.19 -32.57
C LEU D 336 -21.72 1.09 -33.54
N MET D 337 -22.19 2.33 -33.70
CA MET D 337 -21.56 3.25 -34.62
C MET D 337 -20.13 3.52 -34.22
N LEU D 338 -19.87 3.71 -32.93
CA LEU D 338 -18.52 3.96 -32.45
C LEU D 338 -17.61 2.78 -32.72
N GLN D 339 -18.09 1.56 -32.47
CA GLN D 339 -17.25 0.40 -32.73
C GLN D 339 -16.96 0.24 -34.21
N ILE D 340 -17.96 0.44 -35.07
CA ILE D 340 -17.73 0.34 -36.50
C ILE D 340 -16.75 1.40 -36.97
N ALA D 341 -16.90 2.63 -36.48
CA ALA D 341 -15.99 3.70 -36.86
C ALA D 341 -14.58 3.43 -36.39
N LEU D 342 -14.42 2.86 -35.20
CA LEU D 342 -13.10 2.48 -34.72
C LEU D 342 -12.49 1.40 -35.58
N GLY D 343 -13.28 0.43 -36.03
CA GLY D 343 -12.76 -0.56 -36.94
C GLY D 343 -12.30 0.05 -38.26
N MET D 344 -13.14 0.90 -38.85
CA MET D 344 -12.78 1.48 -40.13
C MET D 344 -11.60 2.44 -40.04
N GLU D 345 -11.46 3.20 -38.96
CA GLU D 345 -10.28 4.05 -38.90
C GLU D 345 -9.01 3.23 -38.81
N TYR D 346 -9.07 2.06 -38.18
CA TYR D 346 -7.91 1.18 -38.18
C TYR D 346 -7.64 0.63 -39.57
N LEU D 347 -8.68 0.19 -40.27
CA LEU D 347 -8.47 -0.31 -41.62
C LEU D 347 -7.91 0.77 -42.54
N HIS D 348 -8.48 1.97 -42.48
CA HIS D 348 -7.99 3.06 -43.32
C HIS D 348 -6.58 3.46 -42.95
N SER D 349 -6.21 3.35 -41.68
CA SER D 349 -4.85 3.63 -41.28
C SER D 349 -3.87 2.66 -41.93
N LYS D 350 -4.34 1.47 -42.29
CA LYS D 350 -3.49 0.47 -42.93
C LYS D 350 -3.75 0.37 -44.43
N ARG D 351 -4.19 1.47 -45.04
CA ARG D 351 -4.23 1.65 -46.50
C ARG D 351 -5.10 0.61 -47.20
N ILE D 352 -6.00 -0.05 -46.48
CA ILE D 352 -6.93 -1.00 -47.09
C ILE D 352 -8.34 -0.59 -46.72
N TYR D 353 -9.23 -0.62 -47.70
CA TYR D 353 -10.57 -0.06 -47.56
C TYR D 353 -11.61 -1.13 -47.83
N HIS D 354 -12.66 -1.16 -47.01
CA HIS D 354 -13.69 -2.15 -47.27
C HIS D 354 -14.25 -1.77 -48.61
N GLY D 355 -14.41 -2.72 -49.52
CA GLY D 355 -14.94 -2.38 -50.83
C GLY D 355 -16.34 -1.86 -50.70
N GLU D 356 -17.17 -2.61 -50.00
CA GLU D 356 -18.54 -2.21 -49.75
C GLU D 356 -18.86 -2.50 -48.30
N LEU D 357 -19.44 -1.53 -47.60
CA LEU D 357 -19.78 -1.75 -46.20
C LEU D 357 -21.29 -1.81 -46.13
N ASN D 358 -21.80 -2.92 -45.62
CA ASN D 358 -23.23 -3.15 -45.53
C ASN D 358 -23.56 -3.62 -44.13
N PRO D 359 -24.86 -3.61 -43.79
CA PRO D 359 -25.31 -4.10 -42.48
C PRO D 359 -24.99 -5.59 -42.34
N SER D 360 -25.16 -6.34 -43.41
CA SER D 360 -24.88 -7.77 -43.41
C SER D 360 -23.41 -8.03 -43.11
N ASN D 361 -22.52 -7.19 -43.64
CA ASN D 361 -21.10 -7.39 -43.42
C ASN D 361 -20.63 -6.87 -42.06
N ILE D 362 -21.51 -6.90 -41.06
CA ILE D 362 -21.15 -6.49 -39.71
C ILE D 362 -21.64 -7.57 -38.76
N LEU D 363 -20.72 -8.42 -38.32
CA LEU D 363 -21.05 -9.46 -37.35
C LEU D 363 -21.17 -8.86 -35.97
N VAL D 364 -22.27 -9.18 -35.28
CA VAL D 364 -22.49 -8.67 -33.94
C VAL D 364 -22.66 -9.83 -32.98
N LYS D 365 -22.29 -9.57 -31.73
CA LYS D 365 -22.42 -10.53 -30.63
C LYS D 365 -22.77 -9.75 -29.38
N PRO D 366 -23.84 -10.12 -28.67
CA PRO D 366 -24.23 -9.36 -27.49
C PRO D 366 -23.16 -9.39 -26.41
N ARG D 367 -23.23 -8.41 -25.53
CA ARG D 367 -22.25 -8.26 -24.46
C ARG D 367 -22.48 -9.31 -23.38
N SER D 368 -21.83 -9.10 -22.24
CA SER D 368 -22.00 -10.02 -21.12
C SER D 368 -23.46 -10.14 -20.68
N ASN D 369 -24.28 -9.13 -20.97
CA ASN D 369 -25.68 -9.00 -20.58
C ASN D 369 -25.81 -8.69 -19.10
N GLN D 370 -24.73 -8.76 -18.33
CA GLN D 370 -24.73 -8.22 -16.98
C GLN D 370 -24.58 -6.71 -17.02
N SER D 371 -23.95 -6.19 -18.09
CA SER D 371 -23.74 -4.76 -18.20
C SER D 371 -25.03 -4.03 -18.56
N GLY D 372 -25.59 -4.31 -19.73
CA GLY D 372 -26.77 -3.58 -20.16
C GLY D 372 -27.70 -4.47 -20.94
N ASP D 373 -28.85 -3.89 -21.29
CA ASP D 373 -29.88 -4.58 -22.06
C ASP D 373 -29.87 -4.08 -23.49
N GLY D 374 -29.65 -4.99 -24.43
CA GLY D 374 -29.60 -4.65 -25.82
C GLY D 374 -28.27 -4.14 -26.32
N TYR D 375 -27.30 -3.94 -25.43
CA TYR D 375 -25.96 -3.55 -25.84
C TYR D 375 -25.27 -4.73 -26.51
N LEU D 376 -24.47 -4.43 -27.51
CA LEU D 376 -23.84 -5.49 -28.28
C LEU D 376 -22.63 -4.93 -29.01
N LEU D 377 -21.59 -5.73 -29.11
CA LEU D 377 -20.36 -5.33 -29.80
C LEU D 377 -20.28 -6.05 -31.14
N GLY D 378 -19.94 -5.29 -32.17
CA GLY D 378 -19.94 -5.80 -33.53
C GLY D 378 -18.60 -5.62 -34.20
N LYS D 379 -18.30 -6.51 -35.13
CA LYS D 379 -17.07 -6.44 -35.91
C LYS D 379 -17.42 -6.44 -37.39
N ILE D 380 -16.43 -6.13 -38.21
CA ILE D 380 -16.59 -6.01 -39.65
C ILE D 380 -15.66 -7.03 -40.32
N PHE D 381 -16.16 -7.68 -41.37
CA PHE D 381 -15.38 -8.70 -42.05
C PHE D 381 -15.62 -8.61 -43.55
N GLY D 382 -14.83 -9.38 -44.29
CA GLY D 382 -14.93 -9.42 -45.73
C GLY D 382 -14.16 -8.34 -46.46
N PHE D 383 -13.43 -7.50 -45.73
CA PHE D 383 -12.66 -6.44 -46.37
C PHE D 383 -11.56 -7.01 -47.26
N GLY D 384 -10.90 -8.07 -46.81
CA GLY D 384 -9.76 -8.57 -47.55
C GLY D 384 -10.17 -9.38 -48.77
N LEU D 385 -9.19 -9.60 -49.65
CA LEU D 385 -9.38 -10.37 -50.87
C LEU D 385 -10.61 -9.89 -51.65
N ASN D 386 -10.57 -8.61 -52.04
CA ASN D 386 -11.64 -8.07 -52.87
C ASN D 386 -11.77 -8.87 -54.17
N SER D 387 -10.64 -9.18 -54.81
CA SER D 387 -10.66 -10.07 -55.96
C SER D 387 -10.90 -11.51 -55.52
N VAL D 388 -11.67 -12.24 -56.32
CA VAL D 388 -12.03 -13.63 -56.04
C VAL D 388 -12.70 -13.77 -54.67
N PRO D 406 -29.21 -4.24 -52.76
CA PRO D 406 -28.46 -4.01 -54.00
C PRO D 406 -27.78 -2.64 -54.06
N PHE D 407 -28.18 -1.82 -55.03
CA PHE D 407 -27.52 -0.54 -55.29
C PHE D 407 -28.04 0.53 -54.33
N ILE D 408 -27.64 0.41 -53.08
CA ILE D 408 -28.00 1.37 -52.05
C ILE D 408 -26.76 1.86 -51.30
N TRP D 409 -26.00 0.93 -50.74
CA TRP D 409 -24.89 1.31 -49.87
C TRP D 409 -23.73 1.89 -50.67
N TYR D 410 -23.77 1.78 -51.99
CA TYR D 410 -22.73 2.35 -52.82
C TYR D 410 -22.78 3.87 -52.80
N SER D 411 -21.62 4.49 -52.82
CA SER D 411 -21.55 5.93 -52.91
C SER D 411 -22.01 6.38 -54.30
N PRO D 412 -22.50 7.62 -54.42
CA PRO D 412 -23.07 8.05 -55.71
C PRO D 412 -22.13 7.93 -56.88
N GLU D 413 -20.90 8.47 -56.76
CA GLU D 413 -19.97 8.41 -57.88
C GLU D 413 -19.63 6.96 -58.24
N VAL D 414 -19.47 6.10 -57.23
CA VAL D 414 -19.30 4.69 -57.51
C VAL D 414 -20.56 4.11 -58.11
N LEU D 415 -21.72 4.58 -57.65
CA LEU D 415 -22.98 4.07 -58.18
C LEU D 415 -23.15 4.42 -59.66
N GLU D 416 -22.58 5.54 -60.08
CA GLU D 416 -22.60 5.95 -61.47
C GLU D 416 -21.36 5.51 -62.23
N GLU D 417 -20.80 4.35 -61.88
CA GLU D 417 -19.64 3.82 -62.59
C GLU D 417 -20.09 2.92 -63.71
N GLN D 418 -19.95 3.38 -64.95
CA GLN D 418 -20.24 2.57 -66.13
C GLN D 418 -18.97 2.27 -66.92
N LYS D 428 -13.71 3.72 -56.59
CA LYS D 428 -13.10 2.39 -56.54
C LYS D 428 -12.44 2.12 -55.19
N TYR D 429 -13.22 1.66 -54.22
CA TYR D 429 -12.71 1.34 -52.89
C TYR D 429 -12.01 2.53 -52.25
N SER D 430 -12.46 3.74 -52.56
CA SER D 430 -11.81 4.93 -52.00
C SER D 430 -12.11 5.05 -50.52
N ASP D 431 -11.23 5.75 -49.80
CA ASP D 431 -11.44 5.95 -48.37
C ASP D 431 -12.73 6.71 -48.07
N LYS D 432 -13.21 7.53 -48.99
CA LYS D 432 -14.45 8.26 -48.80
C LYS D 432 -15.67 7.54 -49.34
N SER D 433 -15.47 6.53 -50.18
CA SER D 433 -16.60 5.81 -50.77
C SER D 433 -17.28 4.89 -49.78
N ASP D 434 -16.62 4.51 -48.69
CA ASP D 434 -17.24 3.71 -47.65
C ASP D 434 -17.63 4.53 -46.43
N VAL D 435 -17.11 5.75 -46.28
CA VAL D 435 -17.66 6.66 -45.29
C VAL D 435 -19.11 6.95 -45.61
N TYR D 436 -19.41 7.12 -46.91
CA TYR D 436 -20.80 7.19 -47.33
C TYR D 436 -21.56 5.95 -46.90
N SER D 437 -20.97 4.77 -47.09
CA SER D 437 -21.63 3.55 -46.66
C SER D 437 -21.83 3.52 -45.16
N PHE D 438 -20.84 3.97 -44.38
CA PHE D 438 -21.00 3.97 -42.94
C PHE D 438 -22.13 4.89 -42.51
N GLY D 439 -22.21 6.07 -43.11
CA GLY D 439 -23.35 6.94 -42.85
C GLY D 439 -24.66 6.34 -43.28
N MET D 440 -24.65 5.55 -44.34
CA MET D 440 -25.86 4.88 -44.82
C MET D 440 -26.34 3.85 -43.80
N VAL D 441 -25.41 3.04 -43.30
CA VAL D 441 -25.70 2.09 -42.23
C VAL D 441 -26.09 2.83 -40.96
N SER D 442 -25.48 3.98 -40.71
CA SER D 442 -25.85 4.79 -39.55
C SER D 442 -27.32 5.18 -39.59
N PHE D 443 -27.81 5.60 -40.77
CA PHE D 443 -29.24 5.84 -40.91
C PHE D 443 -30.04 4.59 -40.61
N GLU D 444 -29.57 3.45 -41.10
CA GLU D 444 -30.27 2.19 -40.86
C GLU D 444 -30.36 1.89 -39.37
N LEU D 445 -29.27 2.09 -38.63
CA LEU D 445 -29.30 1.82 -37.19
C LEU D 445 -30.29 2.73 -36.48
N LEU D 446 -30.29 4.02 -36.82
CA LEU D 446 -31.16 4.95 -36.12
C LEU D 446 -32.64 4.66 -36.39
N THR D 447 -33.05 4.75 -37.64
CA THR D 447 -34.47 4.57 -37.95
C THR D 447 -34.90 3.12 -37.81
N GLY D 448 -33.96 2.18 -37.81
CA GLY D 448 -34.29 0.79 -37.69
C GLY D 448 -34.90 0.17 -38.92
N LYS D 449 -35.10 0.95 -39.99
CA LYS D 449 -35.68 0.47 -41.22
C LYS D 449 -34.61 0.43 -42.30
N VAL D 450 -34.72 -0.54 -43.20
CA VAL D 450 -33.85 -0.52 -44.37
C VAL D 450 -34.18 0.72 -45.20
N PRO D 451 -33.19 1.45 -45.68
CA PRO D 451 -33.46 2.73 -46.33
C PRO D 451 -34.19 2.58 -47.65
N PHE D 452 -34.81 3.66 -48.09
CA PHE D 452 -35.59 3.69 -49.34
C PHE D 452 -36.70 2.66 -49.31
N GLU D 453 -37.33 2.49 -48.15
CA GLU D 453 -38.57 1.74 -48.07
C GLU D 453 -39.67 2.43 -48.86
N ASP D 454 -39.75 3.76 -48.75
CA ASP D 454 -40.80 4.51 -49.44
C ASP D 454 -40.62 4.48 -50.95
N SER D 455 -39.37 4.60 -51.43
CA SER D 455 -39.10 4.64 -52.87
C SER D 455 -39.23 3.27 -53.52
N HIS D 456 -39.77 2.28 -52.80
CA HIS D 456 -39.88 0.93 -53.35
C HIS D 456 -40.72 0.90 -54.61
N LEU D 457 -41.57 1.92 -54.82
CA LEU D 457 -42.35 1.98 -56.05
C LEU D 457 -41.46 2.08 -57.26
N GLN D 458 -40.42 2.91 -57.19
CA GLN D 458 -39.50 3.07 -58.31
C GLN D 458 -38.68 1.80 -58.51
N GLY D 459 -38.52 1.40 -59.76
CA GLY D 459 -37.69 0.25 -60.08
C GLY D 459 -36.44 0.66 -60.84
N ASP D 460 -35.30 0.60 -60.16
CA ASP D 460 -33.98 0.94 -60.70
C ASP D 460 -33.85 2.42 -61.04
N LYS D 461 -34.91 3.21 -60.88
CA LYS D 461 -34.81 4.65 -60.99
C LYS D 461 -34.08 5.26 -59.81
N MET D 462 -33.96 4.51 -58.70
CA MET D 462 -33.15 4.96 -57.57
C MET D 462 -31.73 5.27 -58.00
N SER D 463 -31.18 4.47 -58.92
CA SER D 463 -29.79 4.65 -59.34
C SER D 463 -29.55 6.05 -59.90
N ARG D 464 -30.45 6.54 -60.74
CA ARG D 464 -30.37 7.92 -61.20
C ARG D 464 -30.72 8.91 -60.11
N ASN D 465 -31.65 8.55 -59.22
CA ASN D 465 -32.05 9.46 -58.15
C ASN D 465 -30.90 9.76 -57.20
N ILE D 466 -30.07 8.76 -56.88
CA ILE D 466 -28.96 8.98 -55.96
C ILE D 466 -27.96 9.96 -56.55
N ARG D 467 -27.78 9.92 -57.88
CA ARG D 467 -26.94 10.92 -58.53
C ARG D 467 -27.45 12.32 -58.25
N ALA D 468 -28.76 12.52 -58.36
CA ALA D 468 -29.36 13.76 -57.90
C ALA D 468 -29.27 13.83 -56.39
N GLY D 469 -29.39 15.04 -55.85
CA GLY D 469 -29.24 15.20 -54.42
C GLY D 469 -30.42 14.69 -53.63
N GLU D 470 -30.69 13.39 -53.71
CA GLU D 470 -31.78 12.77 -52.97
C GLU D 470 -31.22 11.70 -52.04
N ARG D 471 -31.57 11.81 -50.76
CA ARG D 471 -31.15 10.90 -49.71
C ARG D 471 -32.35 10.53 -48.87
N PRO D 472 -32.33 9.38 -48.19
CA PRO D 472 -33.48 8.99 -47.37
C PRO D 472 -33.72 9.98 -46.26
N LEU D 473 -34.99 10.17 -45.91
CA LEU D 473 -35.36 11.16 -44.92
C LEU D 473 -35.61 10.52 -43.56
N PHE D 474 -35.16 11.19 -42.53
CA PHE D 474 -35.29 10.72 -41.16
C PHE D 474 -36.68 11.01 -40.63
N PRO D 475 -37.12 10.26 -39.62
CA PRO D 475 -38.26 10.71 -38.83
C PRO D 475 -37.88 11.93 -38.02
N PHE D 476 -38.87 12.79 -37.76
CA PHE D 476 -38.59 14.05 -37.07
C PHE D 476 -38.21 13.81 -35.62
N ASN D 477 -38.63 12.68 -35.05
CA ASN D 477 -38.31 12.39 -33.66
C ASN D 477 -36.82 12.23 -33.42
N SER D 478 -36.04 11.86 -34.44
CA SER D 478 -34.63 11.59 -34.24
C SER D 478 -33.90 12.86 -33.81
N PRO D 479 -32.99 12.76 -32.85
CA PRO D 479 -32.32 13.95 -32.32
C PRO D 479 -31.41 14.59 -33.37
N LYS D 480 -31.28 15.91 -33.26
CA LYS D 480 -30.55 16.66 -34.26
C LYS D 480 -29.08 16.29 -34.29
N PHE D 481 -28.46 16.14 -33.13
CA PHE D 481 -27.02 16.02 -33.04
C PHE D 481 -26.51 14.77 -33.75
N ILE D 482 -27.20 13.66 -33.53
CA ILE D 482 -26.80 12.39 -34.12
C ILE D 482 -26.94 12.42 -35.63
N THR D 483 -28.11 12.84 -36.12
CA THR D 483 -28.40 12.76 -37.54
C THR D 483 -27.59 13.73 -38.38
N ASN D 484 -26.88 14.66 -37.77
CA ASN D 484 -26.05 15.56 -38.56
C ASN D 484 -24.86 14.82 -39.16
N LEU D 485 -24.40 13.77 -38.49
CA LEU D 485 -23.37 12.93 -39.07
C LEU D 485 -23.87 12.26 -40.34
N THR D 486 -25.09 11.74 -40.31
CA THR D 486 -25.64 11.10 -41.50
C THR D 486 -25.79 12.11 -42.63
N LYS D 487 -26.26 13.32 -42.34
CA LYS D 487 -26.30 14.33 -43.39
C LYS D 487 -24.90 14.68 -43.91
N ARG D 488 -23.88 14.60 -43.06
CA ARG D 488 -22.57 15.02 -43.52
C ARG D 488 -21.84 13.90 -44.24
N CYS D 489 -22.15 12.65 -43.90
CA CYS D 489 -21.59 11.53 -44.65
C CYS D 489 -22.34 11.36 -45.98
N TRP D 490 -23.59 11.78 -46.03
CA TRP D 490 -24.36 11.71 -47.27
C TRP D 490 -23.92 12.73 -48.30
N HIS D 491 -23.06 13.67 -47.92
CA HIS D 491 -22.81 14.85 -48.76
C HIS D 491 -22.35 14.43 -50.14
N ALA D 492 -22.88 15.10 -51.17
CA ALA D 492 -22.57 14.73 -52.54
C ALA D 492 -21.09 14.90 -52.85
N ASP D 493 -20.49 15.98 -52.35
CA ASP D 493 -19.08 16.21 -52.62
C ASP D 493 -18.24 15.17 -51.86
N PRO D 494 -17.44 14.36 -52.57
CA PRO D 494 -16.63 13.35 -51.85
C PRO D 494 -15.68 13.95 -50.84
N ASN D 495 -15.15 15.13 -51.09
CA ASN D 495 -14.16 15.71 -50.19
C ASN D 495 -14.76 16.06 -48.84
N GLN D 496 -16.01 16.53 -48.82
CA GLN D 496 -16.54 17.10 -47.60
C GLN D 496 -16.94 16.04 -46.59
N ARG D 497 -17.01 14.78 -47.01
CA ARG D 497 -17.31 13.73 -46.05
C ARG D 497 -16.18 13.63 -45.03
N PRO D 498 -16.49 13.61 -43.74
CA PRO D 498 -15.44 13.53 -42.73
C PRO D 498 -14.76 12.19 -42.73
N THR D 499 -13.48 12.19 -42.35
CA THR D 499 -12.74 10.96 -42.22
C THR D 499 -13.25 10.16 -41.02
N PHE D 500 -12.82 8.90 -40.95
CA PHE D 500 -13.26 8.07 -39.84
C PHE D 500 -12.60 8.48 -38.53
N SER D 501 -11.37 8.96 -38.57
CA SER D 501 -10.74 9.45 -37.35
C SER D 501 -11.46 10.66 -36.79
N SER D 502 -12.25 11.36 -37.62
CA SER D 502 -13.08 12.46 -37.14
C SER D 502 -14.47 12.01 -36.75
N ILE D 503 -15.05 11.06 -37.49
CA ILE D 503 -16.35 10.53 -37.12
C ILE D 503 -16.30 9.84 -35.76
N SER D 504 -15.22 9.11 -35.48
CA SER D 504 -15.12 8.42 -34.20
C SER D 504 -15.12 9.41 -33.04
N ARG D 505 -14.30 10.46 -33.14
CA ARG D 505 -14.21 11.40 -32.03
C ARG D 505 -15.41 12.32 -31.95
N ILE D 506 -16.19 12.45 -33.02
CA ILE D 506 -17.52 13.05 -32.87
C ILE D 506 -18.43 12.11 -32.11
N LEU D 507 -18.43 10.84 -32.47
CA LEU D 507 -19.36 9.88 -31.88
C LEU D 507 -19.13 9.69 -30.39
N ARG D 508 -17.87 9.61 -29.96
CA ARG D 508 -17.67 9.41 -28.53
C ARG D 508 -18.06 10.63 -27.72
N TYR D 509 -17.99 11.82 -28.30
CA TYR D 509 -18.51 13.00 -27.61
C TYR D 509 -20.02 13.04 -27.58
N ILE D 510 -20.68 12.60 -28.65
CA ILE D 510 -22.13 12.45 -28.57
C ILE D 510 -22.52 11.40 -27.54
N LYS D 511 -21.72 10.34 -27.39
CA LYS D 511 -21.96 9.38 -26.33
C LYS D 511 -21.83 10.04 -24.96
N ARG D 512 -20.87 10.96 -24.80
CA ARG D 512 -20.76 11.69 -23.55
C ARG D 512 -22.01 12.48 -23.25
N PHE D 513 -22.48 13.26 -24.21
CA PHE D 513 -23.70 14.03 -24.00
C PHE D 513 -24.88 13.11 -23.72
N LEU D 514 -24.98 12.01 -24.45
CA LEU D 514 -26.08 11.08 -24.25
C LEU D 514 -25.99 10.40 -22.90
N ALA D 515 -24.82 10.45 -22.27
CA ALA D 515 -24.66 9.84 -20.95
C ALA D 515 -25.07 10.80 -19.85
N LEU D 516 -24.83 12.09 -20.04
CA LEU D 516 -25.14 13.06 -18.99
C LEU D 516 -26.63 13.13 -18.72
N ASN D 517 -27.44 13.26 -19.77
CA ASN D 517 -28.88 13.40 -19.62
C ASN D 517 -29.61 12.22 -20.25
N PRO D 518 -29.93 11.18 -19.48
CA PRO D 518 -30.63 10.02 -20.06
C PRO D 518 -31.95 10.36 -20.70
N GLU D 519 -32.64 11.40 -20.22
CA GLU D 519 -33.98 11.69 -20.70
C GLU D 519 -33.99 12.02 -22.19
N CYS D 520 -32.83 12.35 -22.75
CA CYS D 520 -32.76 12.67 -24.17
C CYS D 520 -33.17 11.48 -25.03
N TYR D 521 -32.73 10.27 -24.68
CA TYR D 521 -32.99 9.13 -25.55
C TYR D 521 -34.24 8.37 -25.11
N SER D 522 -34.58 8.43 -23.83
CA SER D 522 -35.75 7.70 -23.34
C SER D 522 -36.98 8.58 -23.30
N SER D 529 -37.10 19.79 -26.49
CA SER D 529 -35.76 19.76 -27.09
C SER D 529 -34.69 19.61 -26.03
N ILE D 530 -34.03 18.45 -26.03
CA ILE D 530 -33.03 18.13 -25.01
C ILE D 530 -31.65 18.21 -25.66
N ALA D 531 -31.62 18.39 -26.97
CA ALA D 531 -30.40 18.44 -27.76
C ALA D 531 -29.52 19.61 -27.36
N PRO D 532 -28.21 19.51 -27.55
CA PRO D 532 -27.32 20.63 -27.17
C PRO D 532 -27.47 21.81 -28.12
N THR D 533 -26.64 22.81 -27.87
CA THR D 533 -26.69 24.04 -28.65
C THR D 533 -25.84 23.94 -29.91
N VAL D 534 -24.55 23.65 -29.75
CA VAL D 534 -23.61 23.71 -30.86
C VAL D 534 -23.73 22.45 -31.70
N ASP D 535 -23.50 22.59 -33.00
CA ASP D 535 -23.37 21.43 -33.88
C ASP D 535 -21.97 20.84 -33.71
N TYR D 536 -21.92 19.53 -33.46
CA TYR D 536 -20.63 18.90 -33.17
C TYR D 536 -19.74 18.88 -34.39
N CYS D 537 -20.33 18.73 -35.59
CA CYS D 537 -19.51 18.71 -36.80
C CYS D 537 -18.77 20.03 -36.99
N GLU D 538 -19.42 21.12 -36.62
CA GLU D 538 -18.82 22.44 -36.71
C GLU D 538 -17.60 22.47 -35.80
N ILE D 539 -17.73 21.85 -34.64
CA ILE D 539 -16.62 21.79 -33.69
C ILE D 539 -15.46 21.03 -34.29
N GLU D 540 -15.76 19.92 -34.97
CA GLU D 540 -14.71 19.13 -35.59
C GLU D 540 -13.97 19.92 -36.65
N THR D 541 -14.72 20.67 -37.45
CA THR D 541 -14.10 21.49 -38.48
C THR D 541 -13.18 22.51 -37.85
N LYS D 542 -13.61 23.09 -36.73
CA LYS D 542 -12.78 24.08 -36.04
C LYS D 542 -11.50 23.45 -35.50
N LEU D 543 -11.63 22.29 -34.85
CA LEU D 543 -10.48 21.68 -34.18
C LEU D 543 -9.50 21.04 -35.15
N LEU D 544 -9.96 20.60 -36.32
CA LEU D 544 -9.03 20.03 -37.29
C LEU D 544 -7.99 21.05 -37.72
N GLN D 545 -8.40 22.27 -38.03
CA GLN D 545 -7.42 23.29 -38.42
C GLN D 545 -6.68 23.84 -37.20
N LYS D 546 -7.37 23.99 -36.07
CA LYS D 546 -6.73 24.60 -34.90
C LYS D 546 -5.67 23.68 -34.32
N LEU D 547 -5.94 22.38 -34.25
CA LEU D 547 -5.06 21.44 -33.56
C LEU D 547 -4.29 20.52 -34.50
N SER D 548 -4.59 20.56 -35.80
CA SER D 548 -3.91 19.72 -36.80
C SER D 548 -4.09 18.24 -36.45
N TRP D 549 -5.34 17.85 -36.23
CA TRP D 549 -5.65 16.45 -35.98
C TRP D 549 -5.62 15.60 -37.24
N GLU D 550 -5.66 16.21 -38.42
CA GLU D 550 -5.60 15.45 -39.66
C GLU D 550 -4.21 14.91 -39.96
N SER D 551 -3.21 15.30 -39.17
CA SER D 551 -1.86 14.80 -39.41
C SER D 551 -1.78 13.30 -39.17
N THR D 552 -2.55 12.79 -38.21
CA THR D 552 -2.53 11.38 -37.85
C THR D 552 -3.77 10.69 -38.40
N GLU D 553 -3.56 9.60 -39.14
CA GLU D 553 -4.69 8.82 -39.64
C GLU D 553 -5.41 8.10 -38.51
N LEU D 554 -4.64 7.53 -37.58
CA LEU D 554 -5.20 6.77 -36.46
C LEU D 554 -4.82 7.45 -35.15
N THR D 555 -5.75 7.43 -34.20
CA THR D 555 -5.56 8.08 -32.90
C THR D 555 -5.27 7.03 -31.85
N LYS D 556 -4.11 7.17 -31.20
CA LYS D 556 -3.75 6.28 -30.11
C LYS D 556 -4.61 6.58 -28.89
N VAL D 557 -4.75 5.57 -28.02
CA VAL D 557 -5.75 5.62 -26.96
C VAL D 557 -5.38 6.67 -25.92
N SER D 558 -4.09 6.94 -25.75
CA SER D 558 -3.68 7.93 -24.76
C SER D 558 -4.16 9.33 -25.11
N GLN D 559 -4.62 9.55 -26.33
CA GLN D 559 -5.11 10.85 -26.77
C GLN D 559 -6.60 11.03 -26.60
N VAL D 560 -7.33 9.99 -26.19
CA VAL D 560 -8.79 10.08 -26.14
C VAL D 560 -9.29 11.14 -25.17
N PRO D 561 -8.84 11.17 -23.90
CA PRO D 561 -9.39 12.18 -22.99
C PRO D 561 -9.08 13.60 -23.43
N PHE D 562 -7.92 13.84 -24.04
CA PHE D 562 -7.61 15.19 -24.50
C PHE D 562 -8.58 15.62 -25.58
N GLN D 563 -8.92 14.73 -26.50
CA GLN D 563 -9.87 15.09 -27.55
C GLN D 563 -11.24 15.39 -26.98
N MET D 564 -11.74 14.56 -26.05
CA MET D 564 -13.02 14.89 -25.43
C MET D 564 -12.95 16.15 -24.60
N PHE D 565 -11.75 16.50 -24.12
CA PHE D 565 -11.57 17.75 -23.40
C PHE D 565 -11.58 18.95 -24.34
N ALA D 566 -10.92 18.83 -25.48
CA ALA D 566 -10.90 19.91 -26.45
C ALA D 566 -12.28 20.22 -26.97
N TYR D 567 -13.10 19.19 -27.19
CA TYR D 567 -14.47 19.45 -27.62
C TYR D 567 -15.23 20.29 -26.59
N ARG D 568 -15.09 19.94 -25.31
CA ARG D 568 -15.78 20.68 -24.27
C ARG D 568 -15.30 22.12 -24.19
N VAL D 569 -14.01 22.35 -24.43
CA VAL D 569 -13.51 23.72 -24.44
C VAL D 569 -14.18 24.53 -25.53
N VAL D 570 -14.34 23.95 -26.72
CA VAL D 570 -14.95 24.69 -27.81
C VAL D 570 -16.42 24.97 -27.53
N GLU D 571 -17.15 24.04 -26.92
CA GLU D 571 -18.52 24.36 -26.52
C GLU D 571 -18.55 25.52 -25.53
N ARG D 572 -17.72 25.46 -24.49
CA ARG D 572 -17.75 26.50 -23.47
C ARG D 572 -17.42 27.86 -24.07
N ALA D 573 -16.46 27.93 -24.98
CA ALA D 573 -16.17 29.19 -25.65
C ALA D 573 -17.33 29.66 -26.52
N LYS D 574 -18.24 28.76 -26.89
CA LYS D 574 -19.35 29.10 -27.78
C LYS D 574 -20.68 29.17 -27.04
N THR D 575 -20.67 29.39 -25.72
CA THR D 575 -21.92 29.60 -25.01
C THR D 575 -22.54 30.93 -25.39
N CYS D 576 -21.72 31.96 -25.58
CA CYS D 576 -22.18 33.30 -25.95
C CYS D 576 -23.23 33.84 -24.99
#